data_2GQ3
#
_entry.id   2GQ3
#
_cell.length_a   120.380
_cell.length_b   120.380
_cell.length_c   238.889
_cell.angle_alpha   90.00
_cell.angle_beta   90.00
_cell.angle_gamma   90.00
#
_symmetry.space_group_name_H-M   'P 41 21 2'
#
loop_
_entity.id
_entity.type
_entity.pdbx_description
1 polymer 'Malate synthase G'
2 non-polymer 'MAGNESIUM ION'
3 non-polymer D-MALATE
4 non-polymer 'COENZYME A'
5 non-polymer '4-(2-HYDROXYETHYL)-1-PIPERAZINE ETHANESULFONIC ACID'
6 water water
#
_entity_poly.entity_id   1
_entity_poly.type   'polypeptide(L)'
_entity_poly.pdbx_seq_one_letter_code
;GSMTDRVSVGNLRIARVLYDFVNNEALPGTDIDPDSFWAGVDKVVADLTPQNQALLNARDELQAQIDKWHRRRVIEPIDM
DAYRQFLTEIGYLLPEPDDFTITTSGVDAEITTTAGPQLVVPVLNARFALNAANARWGSLYDALYGTDVIPETDGAEKGP
TYNKVRGDKVIAYARKFLDDSVPLSSGSFGDATGFTVQDGQLVVALPDKSTGLANPGQFAGYTGAAESPTSVLLINHGLH
IEILIDPESQVGTTDRAGVKDVILESAITTIMDFEDSVAAVDAADKVLGYRNWLGLNKGDLAAAVDKDGTAFLRVLNRDR
NYTAPGGGQFTLPGRSLMFVRNVGHLMTNDAIVDTDGSEVFEGIMDALFTGLIAIHGLKASDVNGPLINSRTGSIYIVKP
KMHGPAEVAFTCELFSRVEDVLGLPQNTMKIGIMDEERRTTVNLKACIKAAADRVVFINTGFLDRTGDEIHTSMEAGPMV
RKGTMKSQPWILAYEDHNVDAGLAAGFSGRAQVGKGMWTMTELMADMVETKIAQPRAGASTAWVPSPTAATLHALHYHQV
DVAAVQQGLAGKRRATIEQLLTIPLAKELAWAPDEIREEVDNNCQSILGYVVRWVDQGVGCSKVPDIHDVALMEDRATLR
ISSQLLANWLRHGVITSADVRASLERMAPLVDRQNAGDVAYRPMAPNFDDSIAFLAAQELILSGAQQPNGYTEPILHRRR
REFKARAAE
;
_entity_poly.pdbx_strand_id   A,B
#
# COMPACT_ATOMS: atom_id res chain seq x y z
N THR A 4 2.16 38.97 -2.36
CA THR A 4 1.37 39.23 -3.64
C THR A 4 1.90 38.51 -4.93
N ASP A 5 2.32 37.26 -4.70
CA ASP A 5 1.96 36.19 -5.59
C ASP A 5 0.54 35.93 -5.19
N ARG A 6 -0.34 36.74 -5.77
CA ARG A 6 -1.75 36.68 -5.49
C ARG A 6 -2.42 37.01 -6.81
N VAL A 7 -3.47 36.27 -7.12
CA VAL A 7 -4.16 36.40 -8.36
C VAL A 7 -5.38 37.22 -7.96
N SER A 8 -5.66 38.28 -8.73
CA SER A 8 -6.82 39.12 -8.46
C SER A 8 -8.03 38.52 -9.14
N VAL A 9 -9.16 38.54 -8.46
CA VAL A 9 -10.41 38.16 -9.06
C VAL A 9 -11.43 39.02 -8.37
N GLY A 10 -12.04 39.93 -9.10
CA GLY A 10 -12.92 40.93 -8.49
C GLY A 10 -12.12 41.66 -7.43
N ASN A 11 -12.68 41.73 -6.22
CA ASN A 11 -12.09 42.44 -5.12
C ASN A 11 -11.21 41.53 -4.20
N LEU A 12 -11.01 40.28 -4.61
CA LEU A 12 -10.18 39.31 -3.92
C LEU A 12 -8.84 39.20 -4.56
N ARG A 13 -7.86 38.86 -3.73
CA ARG A 13 -6.43 38.74 -3.98
C ARG A 13 -6.11 37.35 -3.41
N ILE A 14 -6.09 36.32 -4.25
CA ILE A 14 -6.15 34.93 -3.80
C ILE A 14 -4.71 34.39 -3.79
N ALA A 15 -4.25 33.79 -2.68
CA ALA A 15 -2.88 33.23 -2.66
C ALA A 15 -2.76 32.23 -3.78
N ARG A 16 -1.62 32.29 -4.47
CA ARG A 16 -1.32 31.41 -5.62
C ARG A 16 -1.47 29.91 -5.39
N VAL A 17 -0.86 29.44 -4.32
CA VAL A 17 -0.95 28.05 -3.91
C VAL A 17 -2.44 27.60 -3.80
N LEU A 18 -3.33 28.47 -3.34
CA LEU A 18 -4.74 28.16 -3.24
C LEU A 18 -5.43 28.19 -4.59
N TYR A 19 -5.18 29.27 -5.32
CA TYR A 19 -5.71 29.48 -6.63
C TYR A 19 -5.45 28.21 -7.49
N ASP A 20 -4.16 27.81 -7.60
CA ASP A 20 -3.70 26.67 -8.43
C ASP A 20 -4.32 25.34 -7.92
N PHE A 21 -4.29 25.12 -6.61
CA PHE A 21 -4.89 23.93 -6.04
C PHE A 21 -6.35 23.86 -6.48
N VAL A 22 -7.13 24.95 -6.24
CA VAL A 22 -8.55 25.00 -6.68
C VAL A 22 -8.72 24.73 -8.17
N ASN A 23 -8.00 25.46 -9.02
CA ASN A 23 -8.18 25.30 -10.50
C ASN A 23 -7.68 23.97 -11.09
N ASN A 24 -6.61 23.46 -10.53
CA ASN A 24 -5.86 22.32 -11.10
C ASN A 24 -6.33 21.04 -10.44
N GLU A 25 -6.89 21.10 -9.25
CA GLU A 25 -7.09 19.86 -8.50
C GLU A 25 -8.48 19.71 -8.06
N ALA A 26 -9.03 20.73 -7.45
CA ALA A 26 -10.39 20.65 -6.96
C ALA A 26 -11.48 20.81 -8.06
N LEU A 27 -11.36 21.83 -8.89
CA LEU A 27 -12.38 22.13 -9.86
C LEU A 27 -12.60 21.07 -10.95
N PRO A 28 -11.49 20.48 -11.50
CA PRO A 28 -11.81 19.59 -12.64
C PRO A 28 -12.62 18.36 -12.22
N GLY A 29 -13.58 17.98 -13.06
CA GLY A 29 -14.50 16.94 -12.73
C GLY A 29 -15.78 17.34 -12.00
N THR A 30 -15.87 18.59 -11.54
CA THR A 30 -17.07 19.09 -10.84
C THR A 30 -18.11 19.73 -11.79
N ASP A 31 -17.76 19.84 -13.08
CA ASP A 31 -18.57 20.50 -14.15
C ASP A 31 -18.90 21.96 -13.84
N ILE A 32 -18.18 22.58 -12.91
CA ILE A 32 -18.33 24.00 -12.64
C ILE A 32 -17.30 24.79 -13.42
N ASP A 33 -17.79 25.83 -14.07
CA ASP A 33 -16.94 26.71 -14.87
C ASP A 33 -16.10 27.52 -13.85
N PRO A 34 -14.77 27.52 -14.02
CA PRO A 34 -13.87 28.08 -13.02
C PRO A 34 -14.00 29.61 -12.82
N ASP A 35 -14.32 30.34 -13.89
CA ASP A 35 -14.50 31.77 -13.90
C ASP A 35 -15.70 32.07 -13.05
N SER A 36 -16.78 31.29 -13.23
CA SER A 36 -18.02 31.46 -12.48
C SER A 36 -17.80 31.07 -11.05
N PHE A 37 -17.08 29.98 -10.85
CA PHE A 37 -16.69 29.65 -9.46
C PHE A 37 -16.13 30.89 -8.80
N TRP A 38 -15.04 31.42 -9.33
CA TRP A 38 -14.29 32.48 -8.67
C TRP A 38 -15.12 33.77 -8.46
N ALA A 39 -15.95 34.12 -9.46
CA ALA A 39 -16.87 35.25 -9.33
C ALA A 39 -17.95 35.03 -8.26
N GLY A 40 -18.47 33.80 -8.08
CA GLY A 40 -19.33 33.46 -6.93
C GLY A 40 -18.55 33.54 -5.59
N VAL A 41 -17.31 33.09 -5.55
CA VAL A 41 -16.50 33.28 -4.31
C VAL A 41 -16.47 34.77 -3.99
N ASP A 42 -16.16 35.58 -5.01
CA ASP A 42 -16.16 37.00 -4.81
C ASP A 42 -17.49 37.63 -4.33
N LYS A 43 -18.60 37.22 -4.92
CA LYS A 43 -19.91 37.72 -4.58
C LYS A 43 -20.28 37.25 -3.15
N VAL A 44 -20.13 35.97 -2.90
CA VAL A 44 -20.44 35.43 -1.61
C VAL A 44 -19.62 36.13 -0.51
N VAL A 45 -18.34 36.37 -0.71
CA VAL A 45 -17.48 37.03 0.33
C VAL A 45 -17.96 38.48 0.57
N ALA A 46 -18.33 39.17 -0.51
CA ALA A 46 -18.69 40.57 -0.41
C ALA A 46 -20.06 40.70 0.24
N ASP A 47 -20.96 39.78 -0.10
CA ASP A 47 -22.31 39.87 0.44
C ASP A 47 -22.43 39.49 1.96
N LEU A 48 -21.70 38.47 2.39
CA LEU A 48 -21.86 37.88 3.76
C LEU A 48 -20.90 38.39 4.81
N THR A 49 -19.75 38.90 4.39
CA THR A 49 -18.76 39.46 5.34
C THR A 49 -19.35 40.47 6.31
N PRO A 50 -20.12 41.46 5.82
CA PRO A 50 -20.60 42.44 6.83
C PRO A 50 -21.51 41.80 7.91
N GLN A 51 -22.37 40.84 7.55
CA GLN A 51 -23.12 40.10 8.55
C GLN A 51 -22.29 39.16 9.48
N ASN A 52 -21.26 38.51 8.97
CA ASN A 52 -20.30 37.79 9.77
C ASN A 52 -19.68 38.71 10.81
N GLN A 53 -19.24 39.91 10.39
CA GLN A 53 -18.61 40.89 11.31
C GLN A 53 -19.65 41.38 12.35
N ALA A 54 -20.85 41.73 11.90
CA ALA A 54 -21.94 42.15 12.81
C ALA A 54 -22.23 41.09 13.88
N LEU A 55 -22.25 39.83 13.49
CA LEU A 55 -22.50 38.76 14.48
C LEU A 55 -21.32 38.67 15.49
N LEU A 56 -20.07 38.76 15.01
CA LEU A 56 -18.89 38.87 15.94
C LEU A 56 -18.96 40.08 16.86
N ASN A 57 -19.33 41.24 16.35
CA ASN A 57 -19.49 42.43 17.18
C ASN A 57 -20.57 42.21 18.27
N ALA A 58 -21.69 41.61 17.90
CA ALA A 58 -22.74 41.26 18.88
C ALA A 58 -22.20 40.35 20.02
N ARG A 59 -21.31 39.41 19.73
CA ARG A 59 -20.78 38.58 20.84
C ARG A 59 -20.06 39.48 21.80
N ASP A 60 -19.19 40.31 21.23
CA ASP A 60 -18.46 41.31 22.01
C ASP A 60 -19.36 42.24 22.83
N GLU A 61 -20.37 42.81 22.18
CA GLU A 61 -21.37 43.65 22.90
C GLU A 61 -22.06 42.92 24.06
N LEU A 62 -22.54 41.70 23.81
CA LEU A 62 -23.21 40.91 24.86
C LEU A 62 -22.26 40.67 26.05
N GLN A 63 -21.01 40.27 25.75
CA GLN A 63 -20.08 40.00 26.84
C GLN A 63 -19.75 41.23 27.66
N ALA A 64 -19.58 42.40 27.04
CA ALA A 64 -19.21 43.55 27.83
C ALA A 64 -20.41 43.86 28.77
N GLN A 65 -21.66 43.58 28.33
CA GLN A 65 -22.81 43.97 29.14
C GLN A 65 -22.82 43.02 30.31
N ILE A 66 -22.45 41.77 30.02
CA ILE A 66 -22.49 40.79 31.09
C ILE A 66 -21.39 41.12 32.10
N ASP A 67 -20.14 41.28 31.62
CA ASP A 67 -19.04 41.75 32.49
C ASP A 67 -19.57 42.86 33.43
N LYS A 68 -20.12 43.91 32.83
CA LYS A 68 -20.50 45.10 33.62
C LYS A 68 -21.58 44.73 34.69
N TRP A 69 -22.51 43.86 34.30
CA TRP A 69 -23.61 43.50 35.21
C TRP A 69 -23.06 42.84 36.47
N HIS A 70 -22.18 41.89 36.27
CA HIS A 70 -21.46 41.25 37.36
C HIS A 70 -20.61 42.21 38.18
N ARG A 71 -20.03 43.20 37.53
CA ARG A 71 -19.21 44.15 38.28
C ARG A 71 -19.96 45.13 39.16
N ARG A 72 -21.22 45.38 38.87
CA ARG A 72 -22.07 46.13 39.76
C ARG A 72 -22.52 45.18 40.89
N ARG A 73 -22.79 43.93 40.57
CA ARG A 73 -23.18 42.94 41.60
C ARG A 73 -21.97 42.36 42.41
N PRO A 77 -24.33 37.72 46.03
CA PRO A 77 -25.16 36.52 45.83
C PRO A 77 -26.25 36.69 44.73
N ILE A 78 -26.05 36.01 43.59
CA ILE A 78 -26.82 36.18 42.32
C ILE A 78 -28.31 35.97 42.46
N ASP A 79 -29.08 37.03 42.30
CA ASP A 79 -30.53 36.90 42.07
C ASP A 79 -30.78 36.35 40.61
N MET A 80 -31.15 35.08 40.55
CA MET A 80 -31.34 34.40 39.32
C MET A 80 -32.53 34.93 38.48
N ASP A 81 -33.65 35.25 39.09
CA ASP A 81 -34.72 36.01 38.41
C ASP A 81 -34.22 37.32 37.78
N ALA A 82 -33.53 38.17 38.55
CA ALA A 82 -33.00 39.43 38.02
C ALA A 82 -31.98 39.13 36.91
N TYR A 83 -31.13 38.15 37.11
CA TYR A 83 -30.17 37.75 36.05
C TYR A 83 -30.84 37.27 34.73
N ARG A 84 -31.74 36.28 34.76
CA ARG A 84 -32.59 35.91 33.60
C ARG A 84 -33.23 37.10 32.95
N GLN A 85 -33.75 37.99 33.77
CA GLN A 85 -34.41 39.11 33.19
C GLN A 85 -33.43 39.97 32.34
N PHE A 86 -32.29 40.28 32.92
CA PHE A 86 -31.25 41.05 32.27
C PHE A 86 -30.83 40.36 30.98
N LEU A 87 -30.70 39.03 31.00
CA LEU A 87 -30.33 38.32 29.80
C LEU A 87 -31.38 38.39 28.70
N THR A 88 -32.66 38.49 29.12
CA THR A 88 -33.75 38.65 28.22
C THR A 88 -33.69 40.04 27.63
N GLU A 89 -33.38 41.04 28.41
CA GLU A 89 -33.44 42.42 27.89
C GLU A 89 -32.35 42.80 26.85
N ILE A 90 -31.17 42.23 27.03
CA ILE A 90 -30.07 42.53 26.15
C ILE A 90 -30.10 41.58 24.91
N GLY A 91 -31.07 40.66 24.84
CA GLY A 91 -31.17 39.74 23.72
C GLY A 91 -30.33 38.49 23.78
N TYR A 92 -29.78 38.15 24.92
CA TYR A 92 -28.96 36.96 25.04
C TYR A 92 -29.86 35.69 25.09
N LEU A 93 -30.84 35.72 25.95
CA LEU A 93 -31.76 34.65 26.16
C LEU A 93 -33.00 35.07 25.40
N LEU A 94 -33.36 34.33 24.34
CA LEU A 94 -34.57 34.63 23.55
C LEU A 94 -35.69 33.65 23.86
N PRO A 95 -36.92 33.99 23.43
CA PRO A 95 -37.99 33.04 23.73
C PRO A 95 -37.87 31.71 22.96
N GLU A 96 -38.35 30.64 23.59
CA GLU A 96 -38.37 29.38 22.94
C GLU A 96 -39.56 29.36 21.94
N PRO A 97 -39.31 28.91 20.69
CA PRO A 97 -40.30 28.84 19.64
C PRO A 97 -41.32 27.80 19.93
N ASP A 98 -42.42 27.82 19.18
CA ASP A 98 -43.35 26.72 19.17
C ASP A 98 -42.71 25.44 18.68
N ASP A 99 -43.20 24.32 19.21
CA ASP A 99 -42.84 22.96 18.79
C ASP A 99 -42.83 22.76 17.29
N PHE A 100 -41.89 21.97 16.81
CA PHE A 100 -41.83 21.65 15.42
C PHE A 100 -41.09 20.34 15.31
N THR A 101 -41.02 19.79 14.10
CA THR A 101 -40.25 18.61 13.72
C THR A 101 -39.41 19.07 12.55
N ILE A 102 -38.16 18.66 12.54
CA ILE A 102 -37.19 18.95 11.49
C ILE A 102 -37.61 18.26 10.20
N THR A 103 -37.20 18.80 9.06
CA THR A 103 -37.70 18.24 7.81
C THR A 103 -36.54 17.67 6.96
N THR A 104 -35.35 17.62 7.53
CA THR A 104 -34.14 17.42 6.72
C THR A 104 -34.37 16.11 5.96
N SER A 105 -34.05 16.02 4.66
CA SER A 105 -34.25 14.75 3.93
C SER A 105 -33.00 14.49 3.10
N GLY A 106 -32.93 13.37 2.34
CA GLY A 106 -31.70 12.99 1.59
C GLY A 106 -30.50 12.65 2.49
N VAL A 107 -30.76 12.17 3.72
CA VAL A 107 -29.66 11.84 4.65
C VAL A 107 -29.43 10.33 4.69
N ASP A 108 -28.19 9.89 4.69
CA ASP A 108 -27.87 8.47 4.81
C ASP A 108 -28.23 7.85 6.16
N ALA A 109 -28.39 6.53 6.15
CA ALA A 109 -28.90 5.80 7.23
C ALA A 109 -27.85 5.82 8.38
N GLU A 110 -26.56 5.98 8.05
CA GLU A 110 -25.50 5.99 9.06
C GLU A 110 -25.81 7.14 10.00
N ILE A 111 -26.62 8.08 9.53
CA ILE A 111 -26.97 9.22 10.34
C ILE A 111 -28.38 9.16 10.87
N THR A 112 -29.35 8.83 10.01
CA THR A 112 -30.77 8.95 10.40
C THR A 112 -31.08 7.82 11.38
N THR A 113 -30.41 6.67 11.16
CA THR A 113 -30.89 5.40 11.70
C THR A 113 -29.86 4.64 12.63
N THR A 114 -28.61 4.53 12.20
CA THR A 114 -27.62 3.68 12.85
C THR A 114 -27.08 4.39 14.05
N ALA A 115 -27.17 3.76 15.23
CA ALA A 115 -26.57 4.35 16.44
C ALA A 115 -25.19 3.76 16.63
N GLY A 116 -24.17 4.61 16.85
CA GLY A 116 -22.85 4.12 16.94
C GLY A 116 -21.83 5.21 17.10
N PRO A 117 -20.59 4.81 17.33
CA PRO A 117 -19.47 5.74 17.60
C PRO A 117 -19.23 6.69 16.38
N GLN A 118 -18.73 7.89 16.68
CA GLN A 118 -18.33 8.88 15.67
C GLN A 118 -16.86 9.25 16.02
N LEU A 119 -15.95 9.00 15.10
CA LEU A 119 -14.55 9.33 15.21
C LEU A 119 -14.28 10.69 14.65
N VAL A 120 -13.37 11.42 15.27
CA VAL A 120 -12.87 12.71 14.82
C VAL A 120 -11.43 12.59 14.59
N VAL A 121 -10.94 13.28 13.57
CA VAL A 121 -9.56 13.17 13.18
C VAL A 121 -9.04 14.38 12.43
N PRO A 122 -7.78 14.75 12.71
CA PRO A 122 -7.21 15.88 12.01
C PRO A 122 -7.02 15.60 10.52
N VAL A 123 -7.73 16.37 9.68
CA VAL A 123 -7.62 16.18 8.24
C VAL A 123 -6.18 16.38 7.62
N LEU A 124 -5.29 17.09 8.34
CA LEU A 124 -3.89 17.34 7.87
C LEU A 124 -2.97 16.11 7.95
N ASN A 125 -3.44 15.12 8.69
CA ASN A 125 -2.71 13.89 8.96
C ASN A 125 -3.36 12.82 8.07
N ALA A 126 -2.79 12.58 6.90
CA ALA A 126 -3.41 11.63 5.95
C ALA A 126 -3.47 10.22 6.54
N ARG A 127 -2.40 9.84 7.17
CA ARG A 127 -2.26 8.54 7.80
C ARG A 127 -3.39 8.29 8.81
N PHE A 128 -3.55 9.19 9.79
CA PHE A 128 -4.66 9.07 10.68
C PHE A 128 -6.03 9.20 9.91
N ALA A 129 -6.15 10.14 8.98
CA ALA A 129 -7.45 10.40 8.29
C ALA A 129 -7.88 9.17 7.55
N LEU A 130 -6.96 8.52 6.82
CA LEU A 130 -7.25 7.18 6.20
C LEU A 130 -7.73 6.09 7.14
N ASN A 131 -6.93 5.92 8.21
CA ASN A 131 -7.26 5.03 9.30
C ASN A 131 -8.62 5.26 9.88
N ALA A 132 -8.99 6.51 10.04
CA ALA A 132 -10.30 6.85 10.57
C ALA A 132 -11.41 6.46 9.59
N ALA A 133 -11.22 6.75 8.30
CA ALA A 133 -12.22 6.36 7.35
C ALA A 133 -12.33 4.80 7.30
N ASN A 134 -11.21 4.12 7.51
CA ASN A 134 -11.12 2.68 7.47
C ASN A 134 -11.66 2.04 8.74
N ALA A 135 -11.98 2.88 9.71
CA ALA A 135 -12.34 2.41 11.07
C ALA A 135 -13.82 2.06 11.21
N ARG A 136 -14.59 2.21 10.17
CA ARG A 136 -15.92 1.65 10.20
C ARG A 136 -15.91 0.15 10.58
N TRP A 137 -14.78 -0.49 10.32
CA TRP A 137 -14.69 -1.95 10.50
C TRP A 137 -13.42 -2.18 11.29
N GLY A 138 -13.55 -2.68 12.50
CA GLY A 138 -12.30 -2.91 13.32
C GLY A 138 -12.33 -4.23 14.07
N SER A 139 -11.14 -4.79 14.22
CA SER A 139 -10.91 -6.01 14.98
C SER A 139 -11.10 -5.83 16.51
N LEU A 140 -12.05 -6.57 17.08
CA LEU A 140 -12.29 -6.55 18.49
C LEU A 140 -11.10 -7.22 19.27
N TYR A 141 -10.57 -8.31 18.71
CA TYR A 141 -9.38 -8.96 19.27
C TYR A 141 -8.19 -8.00 19.46
N ASP A 142 -7.82 -7.27 18.40
CA ASP A 142 -6.73 -6.29 18.48
C ASP A 142 -7.07 -5.25 19.52
N ALA A 143 -8.35 -4.84 19.58
CA ALA A 143 -8.75 -3.78 20.56
C ALA A 143 -8.62 -4.28 21.96
N LEU A 144 -8.99 -5.54 22.19
CA LEU A 144 -8.92 -6.10 23.54
C LEU A 144 -7.51 -6.49 23.93
N TYR A 145 -6.80 -7.11 23.00
CA TYR A 145 -5.43 -7.58 23.28
C TYR A 145 -4.47 -6.38 23.44
N GLY A 146 -4.64 -5.40 22.58
CA GLY A 146 -3.71 -4.28 22.61
C GLY A 146 -3.96 -3.26 23.70
N THR A 147 -5.04 -3.33 24.47
CA THR A 147 -5.33 -2.22 25.47
C THR A 147 -5.47 -2.78 26.91
N ASP A 148 -5.73 -1.92 27.90
CA ASP A 148 -5.90 -2.42 29.29
C ASP A 148 -7.31 -2.97 29.54
N VAL A 149 -8.18 -3.04 28.54
CA VAL A 149 -9.47 -3.73 28.77
C VAL A 149 -9.31 -5.13 29.43
N ILE A 150 -8.26 -5.85 28.99
CA ILE A 150 -7.91 -7.19 29.49
C ILE A 150 -6.69 -6.95 30.34
N PRO A 151 -6.85 -7.08 31.68
CA PRO A 151 -5.72 -6.78 32.55
C PRO A 151 -4.53 -7.69 32.22
N GLU A 152 -3.34 -7.20 32.54
CA GLU A 152 -2.10 -7.92 32.27
C GLU A 152 -1.74 -8.71 33.51
N THR A 153 -2.75 -9.38 34.04
CA THR A 153 -2.79 -9.93 35.37
C THR A 153 -2.84 -11.45 35.17
N ASP A 154 -2.29 -12.22 36.13
CA ASP A 154 -2.18 -13.70 36.00
C ASP A 154 -1.48 -14.12 34.68
N GLY A 155 -0.25 -13.67 34.46
CA GLY A 155 0.44 -14.00 33.21
C GLY A 155 -0.24 -13.57 31.88
N ALA A 156 -1.10 -12.56 31.91
CA ALA A 156 -1.69 -12.10 30.62
C ALA A 156 -0.99 -10.85 30.10
N GLU A 157 0.30 -10.75 30.34
CA GLU A 157 1.00 -9.56 29.98
C GLU A 157 1.37 -9.64 28.52
N LYS A 158 1.31 -8.51 27.80
CA LYS A 158 1.78 -8.44 26.40
C LYS A 158 3.30 -8.61 26.34
N GLY A 159 3.79 -9.17 25.24
CA GLY A 159 5.23 -9.35 25.12
C GLY A 159 5.70 -9.26 23.69
N PRO A 160 6.94 -9.73 23.43
CA PRO A 160 7.48 -9.86 22.08
C PRO A 160 6.64 -10.80 21.20
N THR A 161 6.10 -11.87 21.81
CA THR A 161 5.39 -12.91 21.07
C THR A 161 3.92 -12.91 21.52
N TYR A 162 3.04 -13.39 20.65
CA TYR A 162 1.66 -13.69 21.01
C TYR A 162 1.67 -14.44 22.31
N ASN A 163 0.93 -13.94 23.30
CA ASN A 163 0.79 -14.64 24.56
C ASN A 163 -0.57 -15.29 24.65
N LYS A 164 -0.60 -16.61 24.55
CA LYS A 164 -1.83 -17.41 24.56
C LYS A 164 -2.72 -17.29 25.82
N VAL A 165 -2.11 -17.07 26.96
CA VAL A 165 -2.85 -16.75 28.17
C VAL A 165 -3.61 -15.44 27.96
N ARG A 166 -2.99 -14.44 27.34
CA ARG A 166 -3.70 -13.22 27.16
C ARG A 166 -4.72 -13.42 26.03
N GLY A 167 -4.32 -14.09 24.95
CA GLY A 167 -5.21 -14.24 23.79
C GLY A 167 -6.41 -15.10 24.12
N ASP A 168 -6.24 -16.08 25.01
CA ASP A 168 -7.38 -16.84 25.49
C ASP A 168 -8.38 -16.01 26.27
N LYS A 169 -7.88 -15.06 27.07
CA LYS A 169 -8.78 -14.10 27.72
C LYS A 169 -9.58 -13.21 26.75
N VAL A 170 -8.91 -12.81 25.66
CA VAL A 170 -9.55 -12.01 24.63
C VAL A 170 -10.72 -12.80 23.98
N ILE A 171 -10.39 -14.05 23.62
CA ILE A 171 -11.35 -14.95 22.98
C ILE A 171 -12.58 -15.11 23.86
N ALA A 172 -12.35 -15.37 25.13
CA ALA A 172 -13.47 -15.55 26.08
C ALA A 172 -14.30 -14.29 26.15
N TYR A 173 -13.62 -13.13 26.18
CA TYR A 173 -14.31 -11.87 26.34
C TYR A 173 -15.24 -11.67 25.08
N ALA A 174 -14.72 -11.99 23.89
CA ALA A 174 -15.44 -11.93 22.68
C ALA A 174 -16.59 -12.98 22.60
N ARG A 175 -16.34 -14.21 23.05
CA ARG A 175 -17.42 -15.22 23.15
C ARG A 175 -18.58 -14.75 23.99
N LYS A 176 -18.32 -14.11 25.12
CA LYS A 176 -19.41 -13.63 25.97
C LYS A 176 -20.17 -12.47 25.27
N PHE A 177 -19.40 -11.64 24.58
CA PHE A 177 -19.99 -10.52 23.87
C PHE A 177 -21.00 -11.06 22.81
N LEU A 178 -20.59 -12.10 22.07
CA LEU A 178 -21.46 -12.76 21.08
C LEU A 178 -22.74 -13.35 21.72
N ASP A 179 -22.57 -13.97 22.89
CA ASP A 179 -23.72 -14.48 23.63
C ASP A 179 -24.72 -13.38 24.00
N ASP A 180 -24.22 -12.18 24.30
CA ASP A 180 -25.04 -11.11 24.84
C ASP A 180 -25.72 -10.37 23.72
N SER A 181 -25.05 -10.30 22.57
CA SER A 181 -25.54 -9.53 21.47
C SER A 181 -26.44 -10.39 20.49
N VAL A 182 -26.04 -11.64 20.21
CA VAL A 182 -26.73 -12.49 19.25
C VAL A 182 -26.90 -13.92 19.82
N PRO A 183 -27.73 -14.05 20.86
CA PRO A 183 -27.81 -15.35 21.57
C PRO A 183 -28.24 -16.48 20.64
N LEU A 184 -27.63 -17.65 20.83
CA LEU A 184 -28.12 -18.88 20.20
C LEU A 184 -29.44 -19.27 20.88
N SER A 185 -30.28 -20.03 20.17
CA SER A 185 -31.51 -20.59 20.77
C SER A 185 -31.18 -21.39 22.01
N SER A 186 -30.11 -22.19 21.94
CA SER A 186 -29.68 -23.02 23.08
C SER A 186 -28.16 -23.00 23.22
N GLY A 187 -27.65 -22.92 24.44
CA GLY A 187 -26.19 -22.96 24.64
C GLY A 187 -25.44 -21.64 24.31
N SER A 188 -24.10 -21.74 24.40
CA SER A 188 -23.18 -20.64 24.35
C SER A 188 -22.18 -20.80 23.19
N PHE A 189 -21.80 -19.64 22.66
CA PHE A 189 -20.80 -19.50 21.59
C PHE A 189 -19.46 -20.00 22.11
N GLY A 190 -19.28 -19.96 23.44
CA GLY A 190 -18.06 -20.45 24.06
C GLY A 190 -17.78 -21.92 23.72
N ASP A 191 -18.85 -22.69 23.48
CA ASP A 191 -18.76 -24.14 23.14
C ASP A 191 -18.97 -24.45 21.64
N ALA A 192 -18.99 -23.45 20.79
CA ALA A 192 -19.17 -23.71 19.37
C ALA A 192 -17.99 -24.47 18.84
N THR A 193 -18.26 -25.40 17.92
CA THR A 193 -17.19 -26.14 17.26
C THR A 193 -17.05 -25.84 15.75
N GLY A 194 -17.99 -25.08 15.22
CA GLY A 194 -18.08 -24.84 13.77
C GLY A 194 -19.40 -24.18 13.38
N PHE A 195 -19.51 -23.69 12.15
CA PHE A 195 -20.72 -22.97 11.72
C PHE A 195 -21.07 -23.41 10.34
N THR A 196 -22.36 -23.56 10.06
CA THR A 196 -22.74 -23.79 8.68
C THR A 196 -23.96 -22.96 8.32
N VAL A 197 -24.22 -22.87 7.02
CA VAL A 197 -25.44 -22.25 6.57
C VAL A 197 -26.35 -23.35 5.98
N GLN A 198 -27.53 -23.54 6.57
CA GLN A 198 -28.44 -24.56 6.08
C GLN A 198 -29.85 -24.03 5.95
N ASP A 199 -30.44 -24.35 4.80
CA ASP A 199 -31.73 -23.80 4.38
C ASP A 199 -31.77 -22.26 4.59
N GLY A 200 -30.65 -21.57 4.36
CA GLY A 200 -30.58 -20.11 4.61
C GLY A 200 -30.57 -19.61 6.07
N GLN A 201 -30.34 -20.55 6.99
CA GLN A 201 -30.15 -20.25 8.42
C GLN A 201 -28.70 -20.51 8.77
N LEU A 202 -28.22 -19.72 9.74
CA LEU A 202 -27.02 -20.06 10.48
C LEU A 202 -27.25 -21.21 11.47
N VAL A 203 -26.45 -22.26 11.35
CA VAL A 203 -26.47 -23.41 12.22
C VAL A 203 -25.14 -23.44 12.99
N VAL A 204 -25.20 -23.37 14.33
CA VAL A 204 -23.95 -23.38 15.11
C VAL A 204 -23.77 -24.75 15.77
N ALA A 205 -22.67 -25.44 15.43
CA ALA A 205 -22.38 -26.74 15.99
C ALA A 205 -21.86 -26.71 17.44
N LEU A 206 -22.57 -27.43 18.31
CA LEU A 206 -22.16 -27.66 19.71
C LEU A 206 -21.72 -29.11 19.96
N PRO A 207 -21.21 -29.39 21.19
CA PRO A 207 -21.01 -30.80 21.56
C PRO A 207 -22.29 -31.68 21.55
N ASP A 208 -23.50 -31.08 21.55
CA ASP A 208 -24.77 -31.94 21.69
C ASP A 208 -25.57 -32.38 20.49
N LYS A 209 -25.92 -31.56 19.50
CA LYS A 209 -26.54 -30.23 19.48
C LYS A 209 -25.93 -29.43 18.38
N SER A 210 -26.82 -28.97 17.51
CA SER A 210 -26.60 -27.87 16.62
C SER A 210 -27.67 -26.91 17.06
N THR A 211 -27.42 -25.62 16.89
CA THR A 211 -28.36 -24.60 17.30
C THR A 211 -28.44 -23.53 16.22
N GLY A 212 -29.64 -22.97 16.06
CA GLY A 212 -29.77 -21.70 15.37
C GLY A 212 -29.62 -20.56 16.37
N LEU A 213 -29.91 -19.34 15.89
CA LEU A 213 -29.88 -18.10 16.70
C LEU A 213 -31.26 -17.87 17.35
N ALA A 214 -31.32 -17.35 18.57
CA ALA A 214 -32.67 -17.13 19.18
C ALA A 214 -33.52 -16.24 18.25
N ASN A 215 -32.91 -15.16 17.72
CA ASN A 215 -33.53 -14.40 16.64
C ASN A 215 -32.86 -14.58 15.27
N PRO A 216 -33.35 -15.50 14.41
CA PRO A 216 -32.70 -15.72 13.10
C PRO A 216 -32.49 -14.49 12.16
N GLY A 217 -33.26 -13.40 12.34
CA GLY A 217 -33.06 -12.09 11.64
C GLY A 217 -31.72 -11.44 11.98
N GLN A 218 -31.00 -11.99 12.96
CA GLN A 218 -29.68 -11.43 13.28
C GLN A 218 -28.59 -12.06 12.40
N PHE A 219 -28.98 -13.03 11.57
CA PHE A 219 -28.03 -13.58 10.59
C PHE A 219 -28.08 -12.72 9.30
N ALA A 220 -26.99 -12.03 8.98
CA ALA A 220 -26.97 -11.12 7.89
C ALA A 220 -26.33 -11.68 6.63
N GLY A 221 -25.44 -12.65 6.74
CA GLY A 221 -24.82 -13.20 5.53
C GLY A 221 -23.57 -13.94 5.90
N TYR A 222 -22.78 -14.31 4.87
CA TYR A 222 -21.54 -15.08 5.13
C TYR A 222 -20.59 -14.92 3.99
N THR A 223 -19.39 -15.45 4.11
CA THR A 223 -18.47 -15.55 2.98
C THR A 223 -18.03 -17.00 2.86
N GLY A 224 -17.54 -17.41 1.68
CA GLY A 224 -17.05 -18.76 1.46
C GLY A 224 -18.24 -19.64 1.19
N ALA A 225 -18.01 -20.97 1.14
CA ALA A 225 -19.06 -21.99 0.95
C ALA A 225 -20.00 -22.19 2.16
N ALA A 226 -21.30 -22.30 1.90
CA ALA A 226 -22.35 -22.57 2.92
C ALA A 226 -21.97 -23.66 3.93
N GLU A 227 -21.37 -24.72 3.43
CA GLU A 227 -21.11 -25.85 4.27
C GLU A 227 -19.80 -25.68 5.04
N SER A 228 -19.03 -24.66 4.67
CA SER A 228 -17.70 -24.44 5.23
C SER A 228 -17.27 -22.96 5.14
N PRO A 229 -18.08 -22.06 5.72
CA PRO A 229 -17.87 -20.61 5.58
C PRO A 229 -16.56 -20.06 6.12
N THR A 230 -15.96 -19.14 5.35
CA THR A 230 -14.80 -18.38 5.81
C THR A 230 -15.18 -17.28 6.78
N SER A 231 -16.46 -16.89 6.85
CA SER A 231 -16.93 -15.89 7.86
C SER A 231 -18.43 -15.83 7.99
N VAL A 232 -18.90 -15.35 9.12
CA VAL A 232 -20.32 -15.27 9.39
C VAL A 232 -20.68 -13.81 9.82
N LEU A 233 -21.55 -13.16 9.07
CA LEU A 233 -21.92 -11.81 9.37
C LEU A 233 -23.21 -11.74 10.15
N LEU A 234 -23.14 -11.05 11.26
CA LEU A 234 -24.31 -10.95 12.11
C LEU A 234 -24.69 -9.48 12.30
N ILE A 235 -25.89 -9.24 12.81
CA ILE A 235 -26.27 -7.84 13.03
C ILE A 235 -26.98 -7.70 14.36
N ASN A 236 -26.73 -6.60 15.08
CA ASN A 236 -27.54 -6.38 16.27
C ASN A 236 -27.65 -4.88 16.46
N HIS A 237 -28.85 -4.34 16.73
CA HIS A 237 -29.06 -2.94 16.93
C HIS A 237 -28.49 -2.13 15.74
N GLY A 238 -28.69 -2.68 14.54
CA GLY A 238 -28.25 -2.14 13.28
C GLY A 238 -26.77 -2.07 13.01
N LEU A 239 -25.95 -2.68 13.88
CA LEU A 239 -24.48 -2.80 13.68
C LEU A 239 -24.04 -4.24 13.45
N HIS A 240 -23.09 -4.38 12.53
CA HIS A 240 -22.70 -5.70 12.06
C HIS A 240 -21.57 -6.21 12.89
N ILE A 241 -21.51 -7.55 12.97
CA ILE A 241 -20.48 -8.31 13.72
C ILE A 241 -20.02 -9.42 12.79
N GLU A 242 -18.72 -9.51 12.48
CA GLU A 242 -18.25 -10.55 11.57
C GLU A 242 -17.27 -11.49 12.30
N ILE A 243 -17.63 -12.77 12.34
CA ILE A 243 -16.78 -13.78 12.88
C ILE A 243 -15.98 -14.29 11.69
N LEU A 244 -14.68 -14.04 11.69
CA LEU A 244 -13.76 -14.68 10.76
C LEU A 244 -13.29 -16.07 11.25
N ILE A 245 -13.47 -17.05 10.37
CA ILE A 245 -13.21 -18.47 10.68
C ILE A 245 -11.99 -18.86 9.89
N ASP A 246 -10.95 -19.29 10.59
CA ASP A 246 -9.80 -19.83 9.90
C ASP A 246 -9.01 -20.71 10.87
N PRO A 247 -9.25 -22.05 10.81
CA PRO A 247 -8.64 -23.14 11.65
C PRO A 247 -7.14 -23.15 11.55
N GLU A 248 -6.63 -22.49 10.51
CA GLU A 248 -5.21 -22.55 10.14
C GLU A 248 -4.45 -21.28 10.51
N SER A 249 -5.20 -20.24 10.92
CA SER A 249 -4.59 -19.02 11.41
C SER A 249 -3.98 -19.25 12.79
N GLN A 250 -2.99 -18.45 13.18
CA GLN A 250 -2.33 -18.52 14.48
C GLN A 250 -3.29 -18.54 15.66
N VAL A 251 -4.33 -17.69 15.61
CA VAL A 251 -5.35 -17.73 16.68
C VAL A 251 -6.39 -18.86 16.49
N GLY A 252 -6.83 -19.01 15.24
CA GLY A 252 -7.72 -20.01 14.80
C GLY A 252 -7.37 -21.42 15.28
N THR A 253 -6.12 -21.90 15.06
CA THR A 253 -5.73 -23.26 15.52
C THR A 253 -5.90 -23.47 17.01
N THR A 254 -5.95 -22.39 17.78
CA THR A 254 -6.01 -22.49 19.25
C THR A 254 -7.49 -22.37 19.62
N ASP A 255 -8.34 -22.07 18.65
CA ASP A 255 -9.75 -21.81 18.96
C ASP A 255 -10.60 -23.06 18.73
N ARG A 256 -11.56 -23.33 19.60
CA ARG A 256 -12.46 -24.51 19.42
C ARG A 256 -13.28 -24.51 18.11
N ALA A 257 -13.58 -23.35 17.55
CA ALA A 257 -14.32 -23.32 16.31
C ALA A 257 -13.45 -22.83 15.15
N GLY A 258 -12.12 -22.90 15.31
CA GLY A 258 -11.20 -22.19 14.41
C GLY A 258 -11.51 -20.71 14.09
N VAL A 259 -12.12 -19.97 15.03
CA VAL A 259 -12.33 -18.51 14.93
C VAL A 259 -11.03 -17.68 15.03
N LYS A 260 -10.77 -16.85 14.00
CA LYS A 260 -9.52 -16.10 13.91
C LYS A 260 -9.65 -14.67 14.51
N ASP A 261 -10.84 -14.08 14.41
CA ASP A 261 -11.12 -12.72 14.89
C ASP A 261 -12.63 -12.50 14.86
N VAL A 262 -13.04 -11.45 15.60
CA VAL A 262 -14.36 -10.86 15.57
C VAL A 262 -14.21 -9.37 15.14
N ILE A 263 -14.82 -9.01 14.03
CA ILE A 263 -14.70 -7.65 13.47
C ILE A 263 -15.99 -6.92 13.85
N LEU A 264 -15.87 -5.73 14.47
CA LEU A 264 -17.08 -4.91 14.74
C LEU A 264 -17.16 -3.78 13.77
N GLU A 265 -18.35 -3.59 13.24
CA GLU A 265 -18.68 -2.33 12.62
C GLU A 265 -18.71 -1.26 13.74
N SER A 266 -17.87 -0.21 13.64
CA SER A 266 -17.53 0.74 14.75
C SER A 266 -17.89 2.17 14.36
N ALA A 267 -16.97 2.82 13.67
CA ALA A 267 -17.14 4.24 13.34
C ALA A 267 -17.95 4.31 12.09
N ILE A 268 -19.26 4.28 12.26
CA ILE A 268 -20.20 4.39 11.13
C ILE A 268 -20.00 5.74 10.46
N THR A 269 -19.72 6.78 11.27
CA THR A 269 -19.35 8.05 10.70
C THR A 269 -18.09 8.57 11.33
N THR A 270 -17.47 9.48 10.58
CA THR A 270 -16.15 10.01 10.90
C THR A 270 -16.17 11.50 10.60
N ILE A 271 -15.51 12.29 11.42
CA ILE A 271 -15.45 13.73 11.11
C ILE A 271 -14.06 14.14 10.83
N MET A 272 -13.87 14.60 9.58
CA MET A 272 -12.55 15.00 9.03
C MET A 272 -12.40 16.45 9.42
N ASP A 273 -11.47 16.75 10.34
CA ASP A 273 -11.51 17.98 11.06
C ASP A 273 -10.58 19.08 10.53
N PHE A 274 -11.14 20.23 10.15
CA PHE A 274 -10.38 21.47 9.85
C PHE A 274 -10.19 22.36 11.06
N GLU A 275 -10.88 22.04 12.17
CA GLU A 275 -10.99 22.94 13.26
C GLU A 275 -10.01 22.64 14.44
N ASP A 276 -10.54 22.39 15.65
CA ASP A 276 -9.72 22.22 16.90
C ASP A 276 -8.59 21.14 16.92
N SER A 277 -8.57 20.17 16.02
CA SER A 277 -7.47 19.18 16.06
C SER A 277 -6.34 19.55 15.07
N VAL A 278 -6.45 20.69 14.36
CA VAL A 278 -5.37 20.99 13.42
C VAL A 278 -4.88 22.43 13.63
N ALA A 279 -3.67 22.68 13.17
CA ALA A 279 -3.07 23.98 13.22
C ALA A 279 -2.95 24.40 11.74
N ALA A 280 -3.66 25.43 11.33
CA ALA A 280 -3.62 25.85 9.93
C ALA A 280 -3.83 27.34 9.90
N VAL A 281 -2.72 28.05 9.72
CA VAL A 281 -2.65 29.48 9.96
C VAL A 281 -2.46 30.36 8.71
N ASP A 282 -2.37 29.72 7.54
CA ASP A 282 -2.05 30.44 6.30
C ASP A 282 -2.52 29.58 5.12
N ALA A 283 -2.42 30.11 3.91
CA ALA A 283 -2.88 29.43 2.67
C ALA A 283 -2.18 28.05 2.48
N ALA A 284 -0.88 27.98 2.81
CA ALA A 284 -0.14 26.75 2.63
C ALA A 284 -0.80 25.62 3.50
N ASP A 285 -1.06 25.92 4.77
CA ASP A 285 -1.68 24.97 5.71
C ASP A 285 -3.11 24.53 5.29
N LYS A 286 -3.87 25.48 4.74
CA LYS A 286 -5.27 25.26 4.38
C LYS A 286 -5.26 24.40 3.11
N VAL A 287 -4.34 24.70 2.17
CA VAL A 287 -4.15 23.82 0.98
C VAL A 287 -3.84 22.37 1.32
N LEU A 288 -2.95 22.15 2.30
CA LEU A 288 -2.66 20.78 2.83
C LEU A 288 -3.90 20.06 3.27
N GLY A 289 -4.75 20.72 4.09
CA GLY A 289 -5.97 20.04 4.55
C GLY A 289 -7.00 19.91 3.43
N TYR A 290 -7.13 20.90 2.57
CA TYR A 290 -8.10 20.74 1.47
C TYR A 290 -7.68 19.63 0.50
N ARG A 291 -6.40 19.56 0.20
CA ARG A 291 -5.92 18.42 -0.55
C ARG A 291 -6.25 17.03 0.05
N ASN A 292 -6.09 16.87 1.38
CA ASN A 292 -6.36 15.58 2.03
C ASN A 292 -7.89 15.30 1.94
N TRP A 293 -8.73 16.32 2.21
CA TRP A 293 -10.17 16.27 2.03
C TRP A 293 -10.52 15.80 0.56
N LEU A 294 -9.73 16.30 -0.39
CA LEU A 294 -9.86 15.97 -1.83
C LEU A 294 -9.56 14.47 -2.12
N GLY A 295 -8.46 13.98 -1.55
CA GLY A 295 -8.03 12.57 -1.77
C GLY A 295 -9.03 11.65 -1.12
N LEU A 296 -9.62 12.07 0.01
CA LEU A 296 -10.65 11.28 0.68
C LEU A 296 -11.89 11.13 -0.21
N ASN A 297 -12.36 12.25 -0.75
CA ASN A 297 -13.58 12.23 -1.55
C ASN A 297 -13.39 11.60 -2.90
N LYS A 298 -12.18 11.74 -3.44
CA LYS A 298 -11.86 11.03 -4.69
C LYS A 298 -11.57 9.57 -4.41
N GLY A 299 -11.05 9.23 -3.23
CA GLY A 299 -10.86 7.81 -2.94
C GLY A 299 -9.44 7.40 -3.20
N ASP A 300 -8.59 8.35 -3.60
CA ASP A 300 -7.21 8.01 -3.93
C ASP A 300 -6.18 8.45 -2.89
N LEU A 301 -6.58 9.03 -1.77
CA LEU A 301 -5.62 9.39 -0.78
C LEU A 301 -4.83 8.16 -0.32
N ALA A 302 -3.53 8.32 -0.07
CA ALA A 302 -2.63 7.24 0.39
C ALA A 302 -1.53 7.83 1.30
N ALA A 303 -0.81 6.97 2.03
CA ALA A 303 0.17 7.39 3.04
C ALA A 303 1.09 6.19 3.27
N ALA A 304 2.41 6.42 3.19
CA ALA A 304 3.39 5.36 3.33
C ALA A 304 3.49 5.00 4.79
N VAL A 305 3.47 3.72 5.06
CA VAL A 305 3.41 3.24 6.41
C VAL A 305 4.44 2.13 6.60
N ASP A 306 5.10 2.20 7.73
CA ASP A 306 6.24 1.32 8.03
C ASP A 306 5.85 0.40 9.19
N LYS A 307 5.88 -0.91 8.92
CA LYS A 307 5.75 -1.92 9.98
C LYS A 307 6.92 -2.87 9.80
N ASP A 308 7.82 -2.84 10.79
CA ASP A 308 9.02 -3.70 10.87
C ASP A 308 10.02 -3.50 9.72
N GLY A 309 10.17 -2.24 9.31
CA GLY A 309 11.14 -1.87 8.28
C GLY A 309 10.78 -2.38 6.89
N THR A 310 9.49 -2.77 6.70
CA THR A 310 8.93 -3.05 5.34
C THR A 310 8.01 -1.91 4.91
N ALA A 311 8.10 -1.58 3.62
CA ALA A 311 7.38 -0.46 3.00
C ALA A 311 5.92 -0.79 2.52
N PHE A 312 4.92 -0.33 3.31
CA PHE A 312 3.50 -0.53 3.01
C PHE A 312 2.81 0.78 2.57
N LEU A 313 1.66 0.67 1.92
CA LEU A 313 0.88 1.85 1.63
C LEU A 313 -0.54 1.73 2.24
N ARG A 314 -0.86 2.59 3.16
CA ARG A 314 -2.21 2.70 3.61
C ARG A 314 -3.10 3.39 2.54
N VAL A 315 -4.19 2.71 2.16
CA VAL A 315 -5.23 3.28 1.27
C VAL A 315 -6.64 3.18 1.87
N LEU A 316 -7.64 3.79 1.25
CA LEU A 316 -9.01 3.58 1.73
C LEU A 316 -9.49 2.13 1.53
N ASN A 317 -10.25 1.60 2.48
CA ASN A 317 -10.77 0.22 2.39
C ASN A 317 -11.76 0.16 1.22
N ARG A 318 -11.80 -0.97 0.53
CA ARG A 318 -12.84 -1.20 -0.43
C ARG A 318 -14.09 -1.76 0.30
N ASP A 319 -15.20 -1.86 -0.42
CA ASP A 319 -16.42 -2.31 0.18
C ASP A 319 -16.32 -3.78 0.45
N ARG A 320 -17.23 -4.30 1.25
CA ARG A 320 -17.14 -5.68 1.64
C ARG A 320 -18.24 -6.56 1.02
N ASN A 321 -17.82 -7.61 0.29
CA ASN A 321 -18.72 -8.55 -0.40
C ASN A 321 -19.17 -9.75 0.42
N TYR A 322 -20.49 -9.95 0.46
CA TYR A 322 -21.09 -11.06 1.23
C TYR A 322 -22.11 -11.88 0.44
N THR A 323 -22.37 -13.11 0.92
CA THR A 323 -23.51 -13.87 0.44
C THR A 323 -24.68 -13.67 1.39
N ALA A 324 -25.82 -13.31 0.84
CA ALA A 324 -27.04 -13.27 1.63
C ALA A 324 -27.38 -14.64 2.21
N PRO A 325 -27.99 -14.63 3.41
CA PRO A 325 -28.49 -15.91 3.93
C PRO A 325 -29.18 -16.81 2.85
N GLY A 326 -30.08 -16.23 2.06
CA GLY A 326 -30.77 -16.97 1.00
C GLY A 326 -30.00 -17.15 -0.30
N GLY A 327 -28.70 -16.80 -0.27
CA GLY A 327 -27.79 -17.06 -1.41
C GLY A 327 -27.39 -15.95 -2.39
N GLY A 328 -28.07 -14.81 -2.41
CA GLY A 328 -27.66 -13.72 -3.31
C GLY A 328 -26.39 -12.99 -2.83
N GLN A 329 -25.65 -12.35 -3.73
CA GLN A 329 -24.49 -11.52 -3.32
C GLN A 329 -24.95 -10.12 -2.98
N PHE A 330 -24.33 -9.52 -1.96
CA PHE A 330 -24.49 -8.06 -1.66
C PHE A 330 -23.19 -7.46 -1.09
N THR A 331 -23.27 -6.19 -0.70
CA THR A 331 -22.11 -5.38 -0.44
C THR A 331 -22.49 -4.42 0.69
N LEU A 332 -21.62 -4.39 1.73
CA LEU A 332 -21.60 -3.35 2.79
C LEU A 332 -20.42 -2.38 2.64
N PRO A 333 -20.64 -1.07 2.89
CA PRO A 333 -19.56 0.00 2.79
C PRO A 333 -18.27 -0.30 3.59
N GLY A 334 -17.12 -0.05 3.02
CA GLY A 334 -15.87 -0.41 3.65
C GLY A 334 -15.40 0.74 4.54
N ARG A 335 -16.01 1.90 4.34
CA ARG A 335 -15.53 3.19 4.90
C ARG A 335 -16.61 3.86 5.68
N SER A 336 -16.24 4.56 6.74
CA SER A 336 -17.24 5.23 7.50
C SER A 336 -17.75 6.42 6.66
N LEU A 337 -19.00 6.88 6.88
CA LEU A 337 -19.48 8.07 6.22
C LEU A 337 -18.76 9.28 6.77
N MET A 338 -18.27 10.13 5.89
CA MET A 338 -17.45 11.27 6.27
C MET A 338 -18.19 12.58 6.35
N PHE A 339 -18.17 13.20 7.54
CA PHE A 339 -18.40 14.62 7.72
C PHE A 339 -17.08 15.32 7.55
N VAL A 340 -17.17 16.63 7.31
CA VAL A 340 -15.99 17.52 7.42
C VAL A 340 -16.34 18.62 8.40
N ARG A 341 -15.44 18.90 9.38
CA ARG A 341 -15.73 20.00 10.30
C ARG A 341 -15.02 21.29 9.82
N ASN A 342 -15.80 22.28 9.35
CA ASN A 342 -15.27 23.58 8.99
C ASN A 342 -14.94 24.39 10.30
N VAL A 343 -14.12 25.42 10.23
CA VAL A 343 -14.01 26.36 11.32
C VAL A 343 -15.30 27.17 11.45
N GLY A 344 -15.47 27.80 12.63
CA GLY A 344 -16.58 28.64 12.87
C GLY A 344 -16.40 30.03 12.32
N HIS A 345 -17.24 30.95 12.84
CA HIS A 345 -17.40 32.29 12.39
C HIS A 345 -16.30 33.27 12.75
N LEU A 346 -15.39 32.92 13.64
CA LEU A 346 -14.47 33.89 14.23
C LEU A 346 -13.32 34.34 13.32
N MET A 347 -12.52 33.38 12.86
CA MET A 347 -11.19 33.72 12.33
C MET A 347 -11.24 34.11 10.89
N THR A 348 -10.28 34.96 10.52
CA THR A 348 -9.90 35.21 9.16
C THR A 348 -8.57 34.46 8.82
N ASN A 349 -8.31 34.35 7.53
CA ASN A 349 -7.12 33.67 7.07
C ASN A 349 -6.57 34.42 5.85
N ASP A 350 -5.26 34.38 5.65
CA ASP A 350 -4.64 35.29 4.66
C ASP A 350 -4.59 34.62 3.27
N ALA A 351 -5.22 33.46 3.17
CA ALA A 351 -5.32 32.69 1.95
C ALA A 351 -5.96 33.54 0.86
N ILE A 352 -6.91 34.38 1.26
CA ILE A 352 -7.46 35.45 0.47
C ILE A 352 -7.51 36.70 1.31
N VAL A 353 -7.09 37.81 0.68
CA VAL A 353 -7.32 39.14 1.20
C VAL A 353 -8.05 39.97 0.13
N ASP A 354 -8.71 41.04 0.57
CA ASP A 354 -9.25 41.94 -0.41
C ASP A 354 -8.23 43.03 -0.89
N THR A 355 -8.67 43.97 -1.72
CA THR A 355 -7.85 45.14 -2.13
C THR A 355 -7.11 45.89 -0.99
N ASP A 356 -7.77 46.05 0.18
CA ASP A 356 -7.09 46.72 1.26
C ASP A 356 -6.20 45.78 2.04
N GLY A 357 -5.97 44.58 1.52
CA GLY A 357 -5.26 43.58 2.28
C GLY A 357 -5.99 43.05 3.53
N SER A 358 -7.29 43.28 3.69
CA SER A 358 -8.03 42.62 4.80
C SER A 358 -8.21 41.13 4.54
N GLU A 359 -7.92 40.30 5.52
CA GLU A 359 -8.06 38.86 5.36
C GLU A 359 -9.53 38.45 5.33
N VAL A 360 -9.81 37.37 4.61
CA VAL A 360 -11.19 36.87 4.37
C VAL A 360 -11.57 35.87 5.48
N PHE A 361 -12.83 35.90 5.89
CA PHE A 361 -13.30 34.98 6.93
C PHE A 361 -13.11 33.55 6.47
N GLU A 362 -12.47 32.81 7.32
CA GLU A 362 -12.08 31.47 7.07
C GLU A 362 -13.28 30.54 7.00
N GLY A 363 -14.30 30.77 7.85
CA GLY A 363 -15.50 29.91 7.84
C GLY A 363 -16.22 30.05 6.50
N ILE A 364 -16.10 31.21 5.86
CA ILE A 364 -16.76 31.45 4.54
C ILE A 364 -16.06 30.64 3.44
N MET A 365 -14.72 30.73 3.42
CA MET A 365 -13.83 29.92 2.60
C MET A 365 -14.03 28.44 2.82
N ASP A 366 -14.04 27.97 4.08
CA ASP A 366 -14.19 26.54 4.32
C ASP A 366 -15.50 26.06 3.61
N ALA A 367 -16.60 26.81 3.68
CA ALA A 367 -17.83 26.31 3.05
C ALA A 367 -17.68 26.13 1.55
N LEU A 368 -17.17 27.18 0.94
CA LEU A 368 -16.88 27.19 -0.44
C LEU A 368 -15.98 26.05 -0.92
N PHE A 369 -14.82 25.94 -0.30
CA PHE A 369 -13.80 24.96 -0.69
C PHE A 369 -14.07 23.49 -0.26
N THR A 370 -14.54 23.28 0.95
CA THR A 370 -14.89 21.94 1.36
C THR A 370 -16.22 21.48 0.68
N GLY A 371 -17.23 22.36 0.55
CA GLY A 371 -18.38 22.13 -0.39
C GLY A 371 -17.86 21.74 -1.76
N LEU A 372 -17.01 22.57 -2.38
CA LEU A 372 -16.55 22.28 -3.76
C LEU A 372 -15.98 20.85 -3.86
N ILE A 373 -15.07 20.54 -2.94
CA ILE A 373 -14.29 19.28 -3.05
C ILE A 373 -15.23 18.03 -2.77
N ALA A 374 -16.20 18.25 -1.87
CA ALA A 374 -17.14 17.20 -1.53
C ALA A 374 -17.95 16.66 -2.73
N ILE A 375 -18.02 17.43 -3.83
CA ILE A 375 -18.70 16.99 -5.05
C ILE A 375 -18.13 15.69 -5.60
N HIS A 376 -16.81 15.54 -5.49
CA HIS A 376 -16.20 14.30 -5.95
C HIS A 376 -16.72 13.07 -5.21
N GLY A 377 -17.19 13.18 -3.98
CA GLY A 377 -17.58 11.95 -3.29
C GLY A 377 -19.08 11.72 -3.49
N LEU A 378 -19.69 12.48 -4.40
CA LEU A 378 -21.10 12.29 -4.64
C LEU A 378 -21.25 11.43 -5.88
N LYS A 379 -20.16 11.12 -6.57
CA LYS A 379 -20.24 10.21 -7.70
C LYS A 379 -18.94 9.46 -7.95
N ALA A 380 -19.02 8.43 -8.78
CA ALA A 380 -17.83 7.62 -9.17
C ALA A 380 -17.52 7.82 -10.64
N SER A 381 -16.28 8.16 -10.95
CA SER A 381 -15.84 8.28 -12.32
C SER A 381 -14.34 8.39 -12.25
N ASP A 382 -13.70 8.44 -13.42
CA ASP A 382 -12.26 8.48 -13.51
C ASP A 382 -11.80 9.73 -12.91
N VAL A 383 -12.46 10.79 -13.32
CA VAL A 383 -12.12 12.14 -12.89
C VAL A 383 -12.60 12.48 -11.53
N ASN A 384 -13.70 11.87 -11.07
CA ASN A 384 -14.10 12.01 -9.67
C ASN A 384 -13.49 11.01 -8.70
N GLY A 385 -12.81 9.98 -9.23
CA GLY A 385 -12.38 8.87 -8.38
C GLY A 385 -13.54 7.91 -8.10
N PRO A 386 -13.20 6.66 -7.68
CA PRO A 386 -14.21 5.57 -7.44
C PRO A 386 -15.14 5.79 -6.17
N LEU A 387 -14.75 6.61 -5.21
CA LEU A 387 -15.50 6.71 -3.96
C LEU A 387 -16.79 7.47 -4.05
N ILE A 388 -17.81 6.94 -3.38
CA ILE A 388 -19.07 7.65 -3.16
C ILE A 388 -19.27 7.75 -1.65
N ASN A 389 -19.40 8.98 -1.17
CA ASN A 389 -19.48 9.19 0.24
C ASN A 389 -20.95 9.16 0.79
N SER A 390 -21.91 9.46 -0.07
CA SER A 390 -23.28 9.54 0.36
C SER A 390 -24.14 8.89 -0.71
N ARG A 391 -25.05 8.00 -0.35
CA ARG A 391 -25.88 7.38 -1.40
C ARG A 391 -26.93 8.36 -1.81
N THR A 392 -27.19 9.35 -0.95
CA THR A 392 -28.33 10.27 -1.17
C THR A 392 -27.91 11.62 -1.76
N GLY A 393 -26.62 11.83 -2.01
CA GLY A 393 -26.17 13.12 -2.57
C GLY A 393 -25.99 14.27 -1.55
N SER A 394 -25.89 13.97 -0.23
CA SER A 394 -25.72 15.04 0.74
C SER A 394 -24.25 15.27 1.04
N ILE A 395 -23.90 16.50 1.40
CA ILE A 395 -22.57 16.80 1.84
C ILE A 395 -22.78 17.12 3.35
N TYR A 396 -21.89 16.65 4.22
CA TYR A 396 -22.14 16.80 5.68
C TYR A 396 -21.07 17.68 6.39
N ILE A 397 -21.50 18.83 6.91
CA ILE A 397 -20.58 19.76 7.48
C ILE A 397 -20.93 20.04 8.91
N VAL A 398 -19.93 19.79 9.78
CA VAL A 398 -20.08 20.14 11.18
C VAL A 398 -19.73 21.61 11.28
N LYS A 399 -20.64 22.40 11.86
CA LYS A 399 -20.33 23.82 12.12
C LYS A 399 -20.09 24.13 13.62
N PRO A 400 -18.81 24.33 13.99
CA PRO A 400 -18.60 24.49 15.45
C PRO A 400 -18.80 25.91 15.99
N LYS A 401 -18.79 26.03 17.34
CA LYS A 401 -18.68 27.36 18.05
C LYS A 401 -19.67 28.41 17.61
N MET A 402 -20.90 28.03 17.28
CA MET A 402 -21.92 29.06 17.01
C MET A 402 -22.57 29.56 18.33
N HIS A 403 -22.90 30.85 18.38
CA HIS A 403 -23.55 31.50 19.57
C HIS A 403 -24.94 31.92 19.18
N GLY A 404 -25.96 31.08 19.34
CA GLY A 404 -27.33 31.53 19.20
C GLY A 404 -27.86 31.32 17.78
N PRO A 405 -29.23 31.48 17.60
CA PRO A 405 -29.94 31.16 16.37
C PRO A 405 -29.60 32.01 15.16
N ALA A 406 -29.30 33.31 15.36
CA ALA A 406 -28.93 34.16 14.28
C ALA A 406 -27.64 33.62 13.62
N GLU A 407 -26.73 33.11 14.44
CA GLU A 407 -25.50 32.59 13.89
C GLU A 407 -25.74 31.30 13.13
N VAL A 408 -26.77 30.51 13.55
CA VAL A 408 -27.16 29.28 12.81
C VAL A 408 -27.81 29.69 11.48
N ALA A 409 -28.65 30.70 11.52
CA ALA A 409 -29.34 31.11 10.30
C ALA A 409 -28.29 31.60 9.34
N PHE A 410 -27.27 32.32 9.83
CA PHE A 410 -26.20 32.81 8.96
C PHE A 410 -25.42 31.63 8.32
N THR A 411 -25.10 30.58 9.06
CA THR A 411 -24.49 29.40 8.44
C THR A 411 -25.39 28.87 7.31
N CYS A 412 -26.70 28.93 7.51
CA CYS A 412 -27.58 28.18 6.65
C CYS A 412 -27.64 28.99 5.38
N GLU A 413 -27.66 30.33 5.51
CA GLU A 413 -27.58 31.26 4.41
C GLU A 413 -26.25 31.16 3.64
N LEU A 414 -25.14 31.08 4.35
CA LEU A 414 -23.85 30.75 3.74
C LEU A 414 -23.91 29.46 2.83
N PHE A 415 -24.37 28.34 3.37
CA PHE A 415 -24.57 27.05 2.64
C PHE A 415 -25.48 27.25 1.44
N SER A 416 -26.60 27.91 1.63
CA SER A 416 -27.50 28.21 0.53
C SER A 416 -26.79 28.97 -0.60
N ARG A 417 -26.02 29.99 -0.25
CA ARG A 417 -25.26 30.83 -1.23
C ARG A 417 -24.22 30.00 -1.94
N VAL A 418 -23.57 29.13 -1.16
CA VAL A 418 -22.56 28.22 -1.69
C VAL A 418 -23.15 27.19 -2.62
N GLU A 419 -24.26 26.58 -2.22
CA GLU A 419 -24.99 25.66 -3.13
C GLU A 419 -25.26 26.27 -4.53
N ASP A 420 -25.59 27.60 -4.59
CA ASP A 420 -25.88 28.27 -5.88
C ASP A 420 -24.61 28.43 -6.69
N VAL A 421 -23.49 28.75 -6.02
CA VAL A 421 -22.19 28.80 -6.66
C VAL A 421 -21.73 27.43 -7.22
N LEU A 422 -22.10 26.34 -6.54
CA LEU A 422 -21.56 25.03 -6.87
C LEU A 422 -22.57 24.37 -7.82
N GLY A 423 -23.70 25.02 -8.08
CA GLY A 423 -24.69 24.40 -8.98
C GLY A 423 -25.28 23.12 -8.35
N LEU A 424 -25.48 23.14 -7.01
CA LEU A 424 -26.04 22.04 -6.27
C LEU A 424 -27.48 22.35 -5.90
N PRO A 425 -28.33 21.28 -5.73
CA PRO A 425 -29.68 21.65 -5.27
C PRO A 425 -29.60 22.28 -3.85
N GLN A 426 -30.53 23.16 -3.53
CA GLN A 426 -30.71 23.71 -2.15
C GLN A 426 -30.85 22.60 -1.12
N ASN A 427 -30.25 22.80 0.06
CA ASN A 427 -30.20 21.83 1.14
C ASN A 427 -29.36 20.60 0.85
N THR A 428 -28.45 20.67 -0.15
CA THR A 428 -27.48 19.58 -0.31
C THR A 428 -26.54 19.53 0.90
N MET A 429 -26.06 20.71 1.31
CA MET A 429 -25.15 20.90 2.41
C MET A 429 -25.85 20.86 3.77
N LYS A 430 -25.61 19.73 4.46
CA LYS A 430 -26.22 19.40 5.74
C LYS A 430 -25.42 20.01 6.87
N ILE A 431 -26.06 20.31 7.99
CA ILE A 431 -25.35 20.88 9.10
C ILE A 431 -25.34 19.98 10.38
N GLY A 432 -24.15 19.69 10.91
CA GLY A 432 -24.06 19.11 12.24
C GLY A 432 -23.73 20.26 13.16
N ILE A 433 -24.69 20.56 14.05
CA ILE A 433 -24.60 21.72 14.91
C ILE A 433 -23.86 21.33 16.20
N MET A 434 -22.69 21.92 16.47
CA MET A 434 -22.09 21.73 17.85
C MET A 434 -22.90 22.62 18.83
N ASP A 435 -23.31 22.03 19.92
CA ASP A 435 -23.90 22.74 21.05
C ASP A 435 -22.75 22.86 22.04
N GLU A 436 -22.04 23.99 21.95
CA GLU A 436 -20.82 24.10 22.68
C GLU A 436 -20.54 25.54 23.10
N GLU A 437 -21.57 26.38 23.08
CA GLU A 437 -21.37 27.74 23.46
C GLU A 437 -22.63 28.04 24.26
N ARG A 438 -22.56 28.89 25.29
CA ARG A 438 -23.69 29.01 26.20
C ARG A 438 -24.90 29.58 25.56
N ARG A 439 -24.70 30.56 24.67
CA ARG A 439 -25.82 31.22 23.96
C ARG A 439 -26.59 30.32 22.95
N THR A 440 -25.95 29.24 22.55
CA THR A 440 -26.57 28.18 21.87
C THR A 440 -27.34 27.23 22.77
N THR A 441 -26.70 26.77 23.85
CA THR A 441 -27.43 25.90 24.79
C THR A 441 -28.80 26.52 25.24
N VAL A 442 -28.77 27.78 25.67
CA VAL A 442 -29.93 28.32 26.37
C VAL A 442 -30.95 28.77 25.34
N ASN A 443 -30.59 28.64 24.05
CA ASN A 443 -31.53 28.91 22.95
C ASN A 443 -31.51 27.74 21.99
N LEU A 444 -31.38 26.53 22.50
CA LEU A 444 -31.03 25.45 21.59
C LEU A 444 -32.14 25.12 20.57
N LYS A 445 -33.39 25.19 20.99
CA LYS A 445 -34.57 24.83 20.16
C LYS A 445 -34.71 25.79 19.02
N ALA A 446 -34.48 27.08 19.26
CA ALA A 446 -34.42 28.09 18.18
C ALA A 446 -33.21 27.82 17.26
N CYS A 447 -32.06 27.35 17.78
CA CYS A 447 -30.94 27.03 16.88
C CYS A 447 -31.30 25.88 15.92
N ILE A 448 -31.89 24.80 16.45
CA ILE A 448 -32.36 23.67 15.67
C ILE A 448 -33.36 24.17 14.63
N LYS A 449 -34.33 24.93 15.09
CA LYS A 449 -35.30 25.54 14.22
C LYS A 449 -34.73 26.34 13.02
N ALA A 450 -33.72 27.20 13.27
CA ALA A 450 -33.05 28.01 12.24
C ALA A 450 -32.43 27.07 11.14
N ALA A 451 -32.16 25.84 11.52
CA ALA A 451 -31.60 24.88 10.58
C ALA A 451 -32.58 23.70 10.34
N ALA A 452 -33.88 23.91 10.43
CA ALA A 452 -34.78 22.72 10.51
C ALA A 452 -34.78 21.86 9.24
N ASP A 453 -34.26 22.41 8.14
CA ASP A 453 -34.26 21.69 6.87
C ASP A 453 -32.86 21.25 6.50
N ARG A 454 -31.89 21.49 7.38
CA ARG A 454 -30.51 21.08 7.07
C ARG A 454 -29.86 20.26 8.16
N VAL A 455 -30.43 20.26 9.38
CA VAL A 455 -29.69 19.73 10.52
C VAL A 455 -29.69 18.22 10.47
N VAL A 456 -28.49 17.64 10.63
CA VAL A 456 -28.32 16.18 10.70
C VAL A 456 -27.77 15.71 12.06
N PHE A 457 -27.44 16.67 12.91
CA PHE A 457 -26.99 16.36 14.28
C PHE A 457 -26.90 17.56 15.17
N ILE A 458 -27.08 17.29 16.48
CA ILE A 458 -26.65 18.23 17.48
C ILE A 458 -25.64 17.47 18.38
N ASN A 459 -24.69 18.14 18.98
CA ASN A 459 -23.71 17.39 19.75
C ASN A 459 -23.22 18.28 20.83
N THR A 460 -23.20 17.74 22.04
CA THR A 460 -22.67 18.48 23.20
C THR A 460 -21.14 18.49 23.17
N GLY A 461 -20.55 19.61 22.69
CA GLY A 461 -19.14 19.78 22.67
C GLY A 461 -18.81 20.33 24.07
N PHE A 462 -18.77 19.43 25.04
CA PHE A 462 -18.65 19.87 26.46
C PHE A 462 -17.38 20.67 26.84
N LEU A 463 -16.31 20.49 26.07
CA LEU A 463 -15.05 21.13 26.42
C LEU A 463 -15.11 22.59 26.03
N ASP A 464 -15.37 22.87 24.76
CA ASP A 464 -15.64 24.22 24.36
C ASP A 464 -16.71 24.83 25.30
N ARG A 465 -17.77 24.06 25.56
CA ARG A 465 -18.90 24.56 26.36
C ARG A 465 -18.44 25.02 27.77
N THR A 466 -17.51 24.28 28.39
CA THR A 466 -16.95 24.72 29.66
C THR A 466 -16.09 25.95 29.50
N GLY A 467 -15.27 26.00 28.44
CA GLY A 467 -14.52 27.23 28.16
C GLY A 467 -15.44 28.45 28.12
N ASP A 468 -16.67 28.34 27.50
CA ASP A 468 -17.54 29.50 27.32
C ASP A 468 -18.20 29.85 28.63
N GLU A 469 -18.45 28.78 29.39
CA GLU A 469 -19.04 28.93 30.71
C GLU A 469 -18.13 29.82 31.57
N ILE A 470 -16.82 29.47 31.56
CA ILE A 470 -15.86 30.25 32.39
C ILE A 470 -15.76 31.70 31.88
N HIS A 471 -15.56 31.87 30.59
CA HIS A 471 -15.45 33.22 30.03
C HIS A 471 -16.74 34.06 30.20
N THR A 472 -17.90 33.44 30.07
CA THR A 472 -19.10 34.21 30.09
C THR A 472 -19.28 34.87 31.44
N SER A 473 -19.02 34.12 32.53
CA SER A 473 -19.17 34.60 33.85
C SER A 473 -17.85 35.02 34.49
N MET A 474 -16.87 35.35 33.64
CA MET A 474 -15.52 35.65 34.13
C MET A 474 -15.56 36.57 35.35
N GLU A 475 -16.43 37.57 35.32
CA GLU A 475 -16.43 38.63 36.33
C GLU A 475 -17.28 38.32 37.52
N ALA A 476 -18.00 37.21 37.50
CA ALA A 476 -18.89 36.88 38.61
C ALA A 476 -18.10 36.45 39.85
N GLY A 477 -16.93 35.81 39.69
CA GLY A 477 -16.10 35.44 40.87
C GLY A 477 -15.26 34.27 40.39
N PRO A 478 -14.46 33.67 41.30
CA PRO A 478 -13.65 32.54 41.00
C PRO A 478 -14.49 31.26 40.75
N MET A 479 -14.14 30.49 39.71
CA MET A 479 -14.84 29.29 39.39
C MET A 479 -14.32 28.09 40.16
N VAL A 480 -15.06 27.00 40.18
CA VAL A 480 -14.52 25.76 40.74
C VAL A 480 -13.34 25.26 39.87
N ARG A 481 -12.52 24.41 40.46
CA ARG A 481 -11.45 23.71 39.70
C ARG A 481 -11.98 22.96 38.50
N LYS A 482 -11.19 22.88 37.42
CA LYS A 482 -11.78 22.27 36.21
C LYS A 482 -12.20 20.84 36.38
N GLY A 483 -11.61 20.06 37.32
CA GLY A 483 -12.03 18.65 37.38
C GLY A 483 -13.32 18.56 38.23
N THR A 484 -13.83 19.70 38.63
CA THR A 484 -14.96 19.75 39.54
C THR A 484 -16.21 20.24 38.75
N MET A 485 -15.96 20.80 37.56
CA MET A 485 -16.96 21.12 36.57
C MET A 485 -18.00 20.03 36.24
N LYS A 486 -17.58 18.77 36.11
CA LYS A 486 -18.41 17.66 35.68
C LYS A 486 -19.62 17.45 36.63
N SER A 487 -19.53 18.01 37.80
CA SER A 487 -20.53 17.75 38.81
C SER A 487 -21.41 18.96 39.02
N GLN A 488 -21.21 20.00 38.22
CA GLN A 488 -21.95 21.23 38.39
C GLN A 488 -23.31 21.20 37.67
N PRO A 489 -24.32 21.81 38.30
CA PRO A 489 -25.69 21.73 37.71
C PRO A 489 -25.75 22.18 36.22
N TRP A 490 -25.10 23.29 35.87
CA TRP A 490 -25.05 23.74 34.48
C TRP A 490 -24.73 22.64 33.46
N ILE A 491 -23.79 21.76 33.78
CA ILE A 491 -23.34 20.78 32.77
C ILE A 491 -24.24 19.57 32.72
N LEU A 492 -24.76 19.20 33.89
CA LEU A 492 -25.70 18.11 33.96
C LEU A 492 -27.06 18.50 33.27
N ALA A 493 -27.62 19.67 33.55
CA ALA A 493 -28.74 20.21 32.81
C ALA A 493 -28.44 20.37 31.29
N TYR A 494 -27.32 21.01 30.93
CA TYR A 494 -26.86 21.10 29.53
C TYR A 494 -26.95 19.81 28.73
N GLU A 495 -26.41 18.74 29.26
CA GLU A 495 -26.50 17.42 28.63
C GLU A 495 -27.91 16.87 28.46
N ASP A 496 -28.73 16.91 29.53
CA ASP A 496 -30.10 16.43 29.42
C ASP A 496 -30.88 17.34 28.48
N HIS A 497 -30.73 18.66 28.63
CA HIS A 497 -31.41 19.63 27.76
C HIS A 497 -31.21 19.41 26.25
N ASN A 498 -30.00 19.06 25.85
CA ASN A 498 -29.60 18.79 24.45
C ASN A 498 -30.36 17.62 23.90
N VAL A 499 -30.35 16.53 24.67
CA VAL A 499 -31.17 15.38 24.30
C VAL A 499 -32.65 15.69 24.23
N ASP A 500 -33.22 16.31 25.28
CA ASP A 500 -34.60 16.77 25.28
C ASP A 500 -34.98 17.53 23.96
N ALA A 501 -34.18 18.54 23.56
CA ALA A 501 -34.47 19.38 22.45
C ALA A 501 -34.38 18.61 21.15
N GLY A 502 -33.34 17.82 20.95
CA GLY A 502 -33.31 16.96 19.77
C GLY A 502 -34.49 15.99 19.70
N LEU A 503 -34.80 15.30 20.78
CA LEU A 503 -35.88 14.36 20.67
C LEU A 503 -37.24 15.02 20.45
N ALA A 504 -37.43 16.21 21.04
CA ALA A 504 -38.70 16.95 20.88
C ALA A 504 -38.83 17.46 19.39
N ALA A 505 -37.72 17.75 18.76
CA ALA A 505 -37.68 18.15 17.34
C ALA A 505 -37.76 16.93 16.41
N GLY A 506 -37.97 15.70 16.91
CA GLY A 506 -38.17 14.56 15.98
C GLY A 506 -36.84 13.98 15.42
N PHE A 507 -35.75 14.06 16.19
CA PHE A 507 -34.45 13.59 15.74
C PHE A 507 -34.40 12.10 15.67
N SER A 508 -35.15 11.44 16.53
CA SER A 508 -35.15 9.99 16.52
C SER A 508 -35.66 9.49 15.14
N GLY A 509 -34.83 8.70 14.46
CA GLY A 509 -35.11 8.27 13.08
C GLY A 509 -34.72 9.27 11.99
N ARG A 510 -34.14 10.44 12.36
CA ARG A 510 -33.86 11.50 11.36
C ARG A 510 -32.48 12.16 11.45
N ALA A 511 -31.92 12.30 12.65
CA ALA A 511 -30.71 13.07 12.88
C ALA A 511 -30.01 12.50 14.11
N GLN A 512 -28.70 12.62 14.23
CA GLN A 512 -28.00 12.16 15.48
C GLN A 512 -28.21 13.11 16.68
N VAL A 513 -28.38 12.54 17.87
CA VAL A 513 -28.16 13.26 19.12
C VAL A 513 -26.85 12.75 19.64
N GLY A 514 -25.81 13.60 19.71
CA GLY A 514 -24.45 13.15 19.93
C GLY A 514 -23.89 13.73 21.20
N LYS A 515 -22.97 13.01 21.82
CA LYS A 515 -22.32 13.49 23.01
C LYS A 515 -20.82 13.45 22.79
N GLY A 516 -20.07 13.86 23.83
CA GLY A 516 -18.74 14.28 23.64
C GLY A 516 -17.64 13.23 23.68
N MET A 517 -16.43 13.77 23.68
CA MET A 517 -15.21 13.02 23.48
C MET A 517 -14.64 12.41 24.75
N TRP A 518 -14.20 11.16 24.62
CA TRP A 518 -13.41 10.47 25.64
C TRP A 518 -11.94 10.88 25.42
N THR A 519 -11.35 11.65 26.35
CA THR A 519 -9.96 12.17 26.12
C THR A 519 -8.80 11.37 26.72
N MET A 520 -9.09 10.29 27.43
CA MET A 520 -8.06 9.52 28.08
C MET A 520 -7.69 8.35 27.25
N THR A 521 -6.77 8.61 26.35
CA THR A 521 -6.53 7.70 25.20
C THR A 521 -6.11 6.33 25.57
N GLU A 522 -5.50 6.14 26.76
CA GLU A 522 -4.89 4.87 27.11
C GLU A 522 -5.79 4.13 28.05
N LEU A 523 -6.83 4.80 28.55
CA LEU A 523 -7.56 4.23 29.72
C LEU A 523 -8.87 3.63 29.16
N MET A 524 -8.77 2.46 28.57
CA MET A 524 -9.85 1.94 27.73
C MET A 524 -10.76 1.07 28.57
N ALA A 525 -10.18 0.52 29.64
CA ALA A 525 -10.96 -0.30 30.53
C ALA A 525 -11.92 0.66 31.11
N ASP A 526 -11.47 1.89 31.37
CA ASP A 526 -12.32 2.93 31.98
C ASP A 526 -13.39 3.40 30.99
N MET A 527 -12.99 3.54 29.73
CA MET A 527 -13.89 3.97 28.70
C MET A 527 -15.03 2.97 28.62
N VAL A 528 -14.70 1.70 28.54
CA VAL A 528 -15.67 0.64 28.37
C VAL A 528 -16.59 0.60 29.62
N GLU A 529 -16.05 0.83 30.81
CA GLU A 529 -16.89 0.85 32.02
C GLU A 529 -17.83 2.08 32.12
N THR A 530 -17.36 3.28 31.75
CA THR A 530 -18.00 4.59 31.99
C THR A 530 -18.81 5.14 30.79
N LYS A 531 -18.26 5.04 29.59
CA LYS A 531 -18.80 5.76 28.39
C LYS A 531 -20.16 5.15 27.94
N ILE A 532 -20.53 4.03 28.53
CA ILE A 532 -21.86 3.44 28.30
C ILE A 532 -23.00 4.38 28.72
N ALA A 533 -22.75 5.27 29.72
CA ALA A 533 -23.73 6.28 30.18
C ALA A 533 -24.28 7.09 29.00
N GLN A 534 -23.48 7.34 27.93
CA GLN A 534 -23.96 8.24 26.86
C GLN A 534 -25.06 7.62 25.99
N PRO A 535 -24.85 6.42 25.40
CA PRO A 535 -26.09 5.83 24.83
C PRO A 535 -27.26 5.61 25.80
N ARG A 536 -26.99 5.32 27.06
CA ARG A 536 -28.08 5.16 28.06
C ARG A 536 -28.83 6.44 28.28
N ALA A 537 -28.21 7.55 27.95
CA ALA A 537 -28.85 8.84 28.14
C ALA A 537 -29.61 9.23 26.85
N GLY A 538 -29.59 8.38 25.82
CA GLY A 538 -30.32 8.66 24.58
C GLY A 538 -29.50 9.12 23.38
N ALA A 539 -28.16 9.12 23.51
CA ALA A 539 -27.32 9.72 22.51
C ALA A 539 -27.16 8.63 21.46
N SER A 540 -27.51 8.95 20.22
CA SER A 540 -27.30 7.94 19.20
C SER A 540 -25.85 7.86 18.76
N THR A 541 -25.01 8.82 19.15
CA THR A 541 -23.59 8.74 18.81
C THR A 541 -22.78 9.47 19.86
N ALA A 542 -21.49 9.14 19.97
CA ALA A 542 -20.66 9.95 20.86
C ALA A 542 -19.29 9.88 20.29
N TRP A 543 -18.43 10.79 20.71
CA TRP A 543 -17.10 10.94 20.12
C TRP A 543 -16.06 10.06 20.77
N VAL A 544 -15.19 9.50 19.91
CA VAL A 544 -14.05 8.67 20.33
C VAL A 544 -12.76 9.18 19.62
N PRO A 545 -11.63 9.06 20.31
CA PRO A 545 -10.38 9.55 19.86
C PRO A 545 -9.54 8.67 18.89
N SER A 546 -9.92 7.39 18.62
CA SER A 546 -9.13 6.52 17.82
C SER A 546 -10.01 5.39 17.37
N PRO A 547 -9.58 4.70 16.28
CA PRO A 547 -10.19 3.46 15.81
C PRO A 547 -10.39 2.46 16.91
N THR A 548 -9.32 2.19 17.67
CA THR A 548 -9.35 1.27 18.82
C THR A 548 -10.49 1.66 19.78
N ALA A 549 -10.56 2.94 20.14
CA ALA A 549 -11.67 3.41 20.99
C ALA A 549 -13.07 3.30 20.33
N ALA A 550 -13.16 3.37 18.98
CA ALA A 550 -14.41 3.15 18.26
C ALA A 550 -14.93 1.74 18.39
N THR A 551 -14.02 0.79 18.21
CA THR A 551 -14.38 -0.59 18.24
C THR A 551 -14.84 -0.95 19.63
N LEU A 552 -14.14 -0.38 20.62
CA LEU A 552 -14.52 -0.62 22.03
C LEU A 552 -15.85 0.07 22.43
N HIS A 553 -16.00 1.32 22.07
CA HIS A 553 -17.25 2.03 22.28
C HIS A 553 -18.43 1.32 21.56
N ALA A 554 -18.19 0.64 20.43
CA ALA A 554 -19.29 -0.02 19.69
C ALA A 554 -19.93 -1.05 20.63
N LEU A 555 -19.17 -1.52 21.62
CA LEU A 555 -19.69 -2.59 22.49
C LEU A 555 -20.96 -2.08 23.17
N HIS A 556 -20.94 -0.81 23.51
CA HIS A 556 -21.98 -0.17 24.28
C HIS A 556 -23.28 -0.04 23.50
N TYR A 557 -23.18 0.05 22.17
CA TYR A 557 -24.35 0.15 21.32
C TYR A 557 -24.99 -1.22 21.10
N HIS A 558 -24.21 -2.28 21.30
CA HIS A 558 -24.78 -3.61 21.40
C HIS A 558 -25.51 -3.88 22.73
N GLN A 559 -25.02 -3.28 23.82
CA GLN A 559 -25.71 -3.50 25.09
C GLN A 559 -26.87 -2.60 25.25
N VAL A 560 -26.78 -1.35 24.79
CA VAL A 560 -27.89 -0.42 25.01
C VAL A 560 -28.69 -0.30 23.73
N ASP A 561 -30.00 -0.46 23.81
CA ASP A 561 -30.85 -0.25 22.65
C ASP A 561 -31.25 1.24 22.54
N VAL A 562 -30.42 2.05 21.90
CA VAL A 562 -30.60 3.49 21.96
C VAL A 562 -31.95 3.90 21.36
N ALA A 563 -32.40 3.23 20.29
CA ALA A 563 -33.72 3.56 19.77
C ALA A 563 -34.81 3.42 20.85
N ALA A 564 -34.81 2.30 21.59
CA ALA A 564 -35.72 2.14 22.73
C ALA A 564 -35.50 3.20 23.81
N VAL A 565 -34.25 3.48 24.21
CA VAL A 565 -34.01 4.64 25.13
C VAL A 565 -34.68 5.94 24.65
N GLN A 566 -34.47 6.30 23.40
CA GLN A 566 -34.96 7.54 22.83
C GLN A 566 -36.48 7.66 22.85
N GLN A 567 -37.18 6.57 22.55
CA GLN A 567 -38.69 6.54 22.63
C GLN A 567 -39.16 6.74 24.06
N GLY A 568 -38.35 6.34 25.03
CA GLY A 568 -38.75 6.43 26.39
C GLY A 568 -38.43 7.76 27.01
N LEU A 569 -37.66 8.60 26.33
CA LEU A 569 -37.33 9.94 26.80
C LEU A 569 -38.10 10.98 26.00
N ALA A 570 -38.45 10.65 24.76
CA ALA A 570 -39.03 11.69 23.89
C ALA A 570 -40.27 12.44 24.45
N GLY A 571 -40.19 13.79 24.33
CA GLY A 571 -41.26 14.71 24.77
C GLY A 571 -41.23 14.97 26.29
N LYS A 572 -40.17 14.58 26.95
CA LYS A 572 -40.06 14.77 28.41
C LYS A 572 -39.05 15.87 28.70
N ARG A 573 -39.43 16.92 29.39
CA ARG A 573 -38.51 18.00 29.73
C ARG A 573 -37.77 17.62 31.00
N ARG A 574 -36.46 17.56 31.01
CA ARG A 574 -35.73 17.24 32.27
C ARG A 574 -34.86 18.41 32.85
N ALA A 575 -34.52 19.40 32.02
CA ALA A 575 -33.60 20.46 32.45
C ALA A 575 -34.39 21.78 32.39
N THR A 576 -34.14 22.70 33.34
CA THR A 576 -34.77 23.99 33.33
C THR A 576 -33.77 25.08 32.97
N ILE A 577 -34.27 26.20 32.46
CA ILE A 577 -33.41 27.35 32.21
C ILE A 577 -32.52 27.72 33.39
N GLU A 578 -33.12 27.81 34.56
CA GLU A 578 -32.40 28.18 35.75
C GLU A 578 -31.26 27.23 36.03
N GLN A 579 -31.48 25.94 35.85
CA GLN A 579 -30.35 25.03 35.94
C GLN A 579 -29.26 25.36 34.94
N LEU A 580 -29.65 25.68 33.71
CA LEU A 580 -28.73 25.84 32.58
C LEU A 580 -27.84 27.07 32.88
N LEU A 581 -28.42 28.05 33.61
CA LEU A 581 -27.78 29.34 33.86
C LEU A 581 -27.08 29.42 35.22
N THR A 582 -27.01 28.33 35.96
CA THR A 582 -26.35 28.32 37.27
C THR A 582 -24.81 28.28 37.05
N ILE A 583 -24.19 29.37 37.40
CA ILE A 583 -22.80 29.57 37.13
C ILE A 583 -21.98 28.80 38.20
N PRO A 584 -20.95 28.08 37.77
CA PRO A 584 -20.12 27.23 38.62
C PRO A 584 -19.10 28.04 39.49
N LEU A 585 -19.60 29.01 40.24
CA LEU A 585 -18.86 29.74 41.22
C LEU A 585 -18.41 28.87 42.39
N ALA A 586 -17.16 28.99 42.83
CA ALA A 586 -16.72 28.29 44.05
C ALA A 586 -17.29 28.93 45.38
N LYS A 587 -17.51 28.14 46.44
CA LYS A 587 -17.72 28.63 47.86
C LYS A 587 -16.82 29.84 48.22
N TRP A 591 -10.22 26.60 48.94
CA TRP A 591 -8.91 25.92 48.63
C TRP A 591 -7.72 26.19 49.56
N ALA A 592 -7.18 25.10 50.06
CA ALA A 592 -5.79 25.05 50.58
C ALA A 592 -4.74 25.39 49.50
N PRO A 593 -3.57 25.94 49.90
CA PRO A 593 -2.57 26.24 48.92
C PRO A 593 -2.07 24.97 48.13
N ASP A 594 -1.96 23.77 48.73
CA ASP A 594 -1.59 22.60 47.89
C ASP A 594 -2.62 22.35 46.74
N GLU A 595 -3.87 22.78 46.93
CA GLU A 595 -4.94 22.53 46.00
C GLU A 595 -4.85 23.57 44.90
N ILE A 596 -4.60 24.80 45.25
CA ILE A 596 -4.32 25.84 44.24
C ILE A 596 -3.08 25.49 43.41
N ARG A 597 -1.96 25.10 44.08
CA ARG A 597 -0.70 24.72 43.40
C ARG A 597 -0.92 23.62 42.37
N GLU A 598 -1.60 22.55 42.77
CA GLU A 598 -1.94 21.43 41.93
C GLU A 598 -2.82 21.85 40.73
N GLU A 599 -3.86 22.61 40.98
CA GLU A 599 -4.66 23.11 39.89
C GLU A 599 -3.77 23.95 38.94
N VAL A 600 -3.03 24.92 39.48
CA VAL A 600 -2.30 25.81 38.55
C VAL A 600 -1.23 25.01 37.70
N ASP A 601 -0.37 24.25 38.38
CA ASP A 601 0.61 23.38 37.76
C ASP A 601 0.05 22.39 36.76
N ASN A 602 -1.08 21.79 37.08
CA ASN A 602 -1.73 20.92 36.12
C ASN A 602 -2.16 21.70 34.91
N ASN A 603 -2.81 22.87 35.11
CA ASN A 603 -3.28 23.65 33.97
C ASN A 603 -2.07 24.12 33.16
N CYS A 604 -1.05 24.65 33.86
CA CYS A 604 0.16 25.10 33.17
C CYS A 604 0.80 23.94 32.35
N GLN A 605 0.96 22.73 32.95
CA GLN A 605 1.63 21.59 32.26
C GLN A 605 0.88 21.26 30.98
N SER A 606 -0.44 21.23 31.07
CA SER A 606 -1.23 20.82 29.93
C SER A 606 -1.26 21.89 28.86
N ILE A 607 -1.34 23.16 29.25
CA ILE A 607 -1.16 24.23 28.32
C ILE A 607 0.21 24.12 27.58
N LEU A 608 1.29 23.99 28.31
CA LEU A 608 2.63 24.10 27.73
C LEU A 608 2.80 22.93 26.78
N GLY A 609 2.34 21.72 27.20
CA GLY A 609 2.64 20.53 26.46
C GLY A 609 1.89 20.49 25.16
N TYR A 610 0.75 21.12 25.15
CA TYR A 610 -0.03 21.26 23.95
C TYR A 610 0.49 22.40 23.04
N VAL A 611 0.69 23.57 23.63
CA VAL A 611 1.09 24.79 22.83
C VAL A 611 2.44 24.62 22.16
N VAL A 612 3.38 23.95 22.85
CA VAL A 612 4.73 23.86 22.32
C VAL A 612 4.80 23.07 20.99
N ARG A 613 3.92 22.08 20.85
CA ARG A 613 3.86 21.31 19.61
C ARG A 613 2.96 22.03 18.60
N TRP A 614 1.96 22.78 19.04
CA TRP A 614 1.16 23.65 18.16
C TRP A 614 2.08 24.69 17.54
N VAL A 615 2.75 25.48 18.39
CA VAL A 615 3.57 26.59 17.88
C VAL A 615 4.80 26.10 17.18
N ASP A 616 5.57 25.18 17.78
CA ASP A 616 6.84 24.80 17.17
C ASP A 616 6.67 23.85 16.00
N GLN A 617 5.61 23.05 16.05
CA GLN A 617 5.45 22.04 15.02
C GLN A 617 4.16 22.07 14.19
N GLY A 618 3.21 22.96 14.49
CA GLY A 618 1.97 22.99 13.72
C GLY A 618 1.17 21.70 13.90
N VAL A 619 1.26 21.11 15.09
CA VAL A 619 0.42 19.95 15.48
C VAL A 619 -0.70 20.46 16.35
N GLY A 620 -1.94 20.28 15.90
CA GLY A 620 -3.07 20.76 16.64
C GLY A 620 -3.83 19.83 17.55
N CYS A 621 -3.43 18.59 17.59
CA CYS A 621 -3.94 17.65 18.55
C CYS A 621 -2.76 16.82 19.12
N SER A 622 -2.56 16.83 20.43
CA SER A 622 -1.48 16.02 21.07
C SER A 622 -1.93 15.31 22.30
N LYS A 623 -1.27 14.20 22.50
CA LYS A 623 -1.32 13.45 23.74
C LYS A 623 -0.26 14.01 24.71
N VAL A 624 -0.79 14.49 25.85
CA VAL A 624 -0.05 15.21 26.85
C VAL A 624 -0.40 14.67 28.26
N PRO A 625 0.56 14.07 28.97
CA PRO A 625 0.32 13.59 30.34
C PRO A 625 -0.06 14.72 31.26
N ASP A 626 -1.10 14.53 32.05
CA ASP A 626 -1.33 15.56 33.07
C ASP A 626 -0.47 15.40 34.33
N ILE A 627 -0.79 16.16 35.36
CA ILE A 627 0.05 16.14 36.59
C ILE A 627 0.10 14.76 37.22
N HIS A 628 -0.94 13.95 36.94
CA HIS A 628 -1.07 12.59 37.53
C HIS A 628 -0.57 11.53 36.53
N ASP A 629 0.11 11.97 35.47
CA ASP A 629 0.48 11.07 34.39
C ASP A 629 -0.62 10.41 33.59
N VAL A 630 -1.81 10.99 33.56
CA VAL A 630 -2.89 10.45 32.72
C VAL A 630 -2.69 11.07 31.35
N ALA A 631 -2.52 10.23 30.34
CA ALA A 631 -2.36 10.71 28.98
C ALA A 631 -3.67 11.27 28.47
N LEU A 632 -3.71 12.60 28.28
CA LEU A 632 -4.91 13.27 27.78
C LEU A 632 -4.79 13.76 26.32
N MET A 633 -5.80 13.52 25.52
CA MET A 633 -5.90 14.22 24.21
C MET A 633 -6.14 15.69 24.40
N GLU A 634 -5.21 16.53 23.92
CA GLU A 634 -5.37 18.01 24.03
C GLU A 634 -5.71 18.62 22.72
N ASP A 635 -6.71 19.48 22.66
CA ASP A 635 -6.92 20.25 21.43
C ASP A 635 -7.25 21.72 21.83
N ARG A 636 -7.68 22.59 20.90
CA ARG A 636 -7.93 23.96 21.38
C ARG A 636 -8.95 24.13 22.49
N ALA A 637 -9.94 23.26 22.53
CA ALA A 637 -10.97 23.32 23.50
C ALA A 637 -10.49 22.96 24.91
N THR A 638 -9.67 21.93 25.07
CA THR A 638 -9.11 21.64 26.43
C THR A 638 -8.16 22.82 26.82
N LEU A 639 -7.46 23.37 25.83
CA LEU A 639 -6.70 24.61 26.04
C LEU A 639 -7.56 25.80 26.51
N ARG A 640 -8.70 26.00 25.81
CA ARG A 640 -9.66 27.06 26.17
C ARG A 640 -10.05 26.97 27.66
N ILE A 641 -10.26 25.76 28.15
CA ILE A 641 -10.67 25.60 29.52
C ILE A 641 -9.53 25.99 30.50
N SER A 642 -8.36 25.36 30.37
CA SER A 642 -7.17 25.62 31.26
C SER A 642 -6.78 27.04 31.30
N SER A 643 -6.75 27.70 30.13
CA SER A 643 -6.25 29.09 30.07
C SER A 643 -7.32 30.05 30.64
N GLN A 644 -8.60 29.76 30.38
CA GLN A 644 -9.75 30.55 30.96
C GLN A 644 -9.88 30.35 32.48
N LEU A 645 -9.69 29.12 32.97
CA LEU A 645 -9.78 28.88 34.45
C LEU A 645 -8.68 29.70 35.12
N LEU A 646 -7.44 29.57 34.60
CA LEU A 646 -6.37 30.38 35.21
C LEU A 646 -6.60 31.89 35.07
N ALA A 647 -7.15 32.34 33.96
CA ALA A 647 -7.37 33.79 33.78
C ALA A 647 -8.44 34.26 34.79
N ASN A 648 -9.41 33.39 35.03
CA ASN A 648 -10.40 33.62 36.01
C ASN A 648 -9.84 33.61 37.46
N TRP A 649 -9.02 32.63 37.84
CA TRP A 649 -8.33 32.68 39.16
C TRP A 649 -7.52 33.92 39.30
N LEU A 650 -6.85 34.31 38.21
CA LEU A 650 -5.98 35.50 38.24
C LEU A 650 -6.79 36.75 38.40
N ARG A 651 -7.92 36.82 37.67
CA ARG A 651 -8.82 37.96 37.67
C ARG A 651 -9.32 38.24 39.10
N HIS A 652 -9.57 37.20 39.86
CA HIS A 652 -10.17 37.31 41.17
C HIS A 652 -9.17 37.17 42.34
N GLY A 653 -7.86 37.14 42.03
CA GLY A 653 -6.84 37.29 43.05
C GLY A 653 -6.61 36.00 43.83
N VAL A 654 -7.06 34.87 43.28
CA VAL A 654 -6.73 33.57 43.88
C VAL A 654 -5.23 33.31 43.58
N ILE A 655 -4.76 33.70 42.39
CA ILE A 655 -3.35 33.57 42.05
C ILE A 655 -2.91 34.91 41.48
N THR A 656 -1.60 35.20 41.51
CA THR A 656 -1.04 36.44 40.89
C THR A 656 -0.34 36.08 39.57
N SER A 657 0.02 37.12 38.84
CA SER A 657 0.83 36.99 37.62
C SER A 657 2.16 36.24 37.87
N ALA A 658 2.87 36.70 38.87
CA ALA A 658 4.08 36.05 39.34
C ALA A 658 3.80 34.54 39.60
N ASP A 659 2.63 34.21 40.15
CA ASP A 659 2.28 32.82 40.41
C ASP A 659 2.25 32.01 39.14
N VAL A 660 1.55 32.56 38.15
CA VAL A 660 1.44 31.95 36.87
C VAL A 660 2.83 31.76 36.22
N ARG A 661 3.64 32.81 36.24
CA ARG A 661 4.94 32.75 35.61
C ARG A 661 5.77 31.65 36.28
N ALA A 662 5.71 31.59 37.61
CA ALA A 662 6.55 30.66 38.36
C ALA A 662 6.13 29.26 38.03
N SER A 663 4.80 29.05 37.86
CA SER A 663 4.29 27.71 37.59
C SER A 663 4.72 27.27 36.17
N LEU A 664 4.73 28.23 35.31
CA LEU A 664 4.96 27.98 33.92
C LEU A 664 6.48 27.58 33.86
N GLU A 665 7.32 28.24 34.67
CA GLU A 665 8.71 27.89 34.71
C GLU A 665 8.97 26.53 35.38
N ARG A 666 8.20 26.19 36.41
CA ARG A 666 8.20 24.85 37.03
C ARG A 666 7.95 23.74 35.99
N MET A 667 7.01 23.94 35.06
CA MET A 667 6.47 22.83 34.26
C MET A 667 7.09 22.75 32.88
N ALA A 668 7.62 23.88 32.39
CA ALA A 668 8.28 23.87 31.11
C ALA A 668 9.36 22.78 31.10
N PRO A 669 10.31 22.75 32.11
CA PRO A 669 11.31 21.66 32.03
C PRO A 669 10.69 20.23 32.01
N LEU A 670 9.51 20.06 32.60
CA LEU A 670 8.90 18.74 32.63
C LEU A 670 8.40 18.41 31.21
N VAL A 671 7.77 19.39 30.53
CA VAL A 671 7.30 19.20 29.16
C VAL A 671 8.49 18.90 28.22
N ASP A 672 9.62 19.58 28.45
CA ASP A 672 10.80 19.36 27.70
C ASP A 672 11.27 17.93 27.85
N ARG A 673 11.26 17.43 29.10
CA ARG A 673 11.58 16.02 29.34
C ARG A 673 10.61 15.04 28.67
N GLN A 674 9.30 15.30 28.77
CA GLN A 674 8.31 14.46 28.11
C GLN A 674 8.62 14.38 26.60
N ASN A 675 9.18 15.43 26.01
CA ASN A 675 9.40 15.51 24.60
C ASN A 675 10.83 15.19 24.10
N ALA A 676 11.75 14.87 25.00
CA ALA A 676 13.11 14.51 24.57
C ALA A 676 13.10 13.17 23.71
N GLY A 677 14.06 12.93 22.86
CA GLY A 677 13.81 11.71 22.01
C GLY A 677 12.82 11.91 20.83
N ASP A 678 12.13 13.05 20.85
CA ASP A 678 11.66 13.66 19.64
C ASP A 678 12.76 14.54 19.06
N VAL A 679 13.39 14.05 18.00
CA VAL A 679 14.49 14.76 17.34
C VAL A 679 14.09 16.17 16.84
N ALA A 680 12.79 16.39 16.56
CA ALA A 680 12.34 17.69 16.07
C ALA A 680 11.99 18.69 17.20
N TYR A 681 12.01 18.23 18.43
CA TYR A 681 11.67 19.08 19.55
C TYR A 681 12.83 19.99 19.93
N ARG A 682 12.49 21.23 20.25
CA ARG A 682 13.42 22.19 20.79
C ARG A 682 12.90 22.62 22.17
N PRO A 683 13.72 22.46 23.20
CA PRO A 683 13.28 22.82 24.56
C PRO A 683 12.94 24.29 24.82
N MET A 684 11.95 24.51 25.73
CA MET A 684 11.62 25.81 26.23
C MET A 684 12.60 26.28 27.31
N ALA A 685 13.15 25.37 28.11
CA ALA A 685 13.98 25.78 29.24
C ALA A 685 15.42 25.72 28.81
N PRO A 686 16.28 26.56 29.39
CA PRO A 686 15.99 27.47 30.46
C PRO A 686 15.70 28.90 30.02
N ASN A 687 15.75 29.14 28.70
CA ASN A 687 15.56 30.48 28.07
C ASN A 687 14.13 30.71 27.64
N PHE A 688 13.28 30.89 28.65
CA PHE A 688 11.84 30.92 28.48
C PHE A 688 11.45 32.01 27.58
N ASP A 689 12.05 33.19 27.75
CA ASP A 689 11.72 34.33 26.89
C ASP A 689 12.19 34.29 25.44
N ASP A 690 13.06 33.35 25.09
CA ASP A 690 13.37 33.18 23.68
C ASP A 690 12.49 32.10 23.04
N SER A 691 11.46 31.67 23.77
CA SER A 691 10.62 30.61 23.28
C SER A 691 9.24 31.20 22.95
N ILE A 692 8.90 31.17 21.65
CA ILE A 692 7.71 31.76 21.12
C ILE A 692 6.61 30.89 21.68
N ALA A 693 6.85 29.57 21.70
CA ALA A 693 5.84 28.65 22.29
C ALA A 693 5.60 28.93 23.80
N PHE A 694 6.66 29.17 24.57
CA PHE A 694 6.48 29.55 26.00
C PHE A 694 5.71 30.88 26.21
N LEU A 695 6.11 31.87 25.41
CA LEU A 695 5.43 33.16 25.35
C LEU A 695 3.98 33.02 24.93
N ALA A 696 3.67 32.11 23.98
CA ALA A 696 2.25 31.83 23.62
C ALA A 696 1.50 31.36 24.81
N ALA A 697 2.09 30.47 25.57
CA ALA A 697 1.39 29.82 26.71
C ALA A 697 1.17 30.89 27.82
N GLN A 698 2.16 31.74 28.03
CA GLN A 698 2.06 32.86 28.94
C GLN A 698 0.96 33.85 28.51
N GLU A 699 0.96 34.22 27.23
CA GLU A 699 0.00 35.13 26.70
C GLU A 699 -1.43 34.59 26.80
N LEU A 700 -1.61 33.30 26.50
CA LEU A 700 -2.96 32.66 26.59
C LEU A 700 -3.53 32.78 27.99
N ILE A 701 -2.66 32.76 28.99
CA ILE A 701 -3.11 32.89 30.38
C ILE A 701 -3.23 34.35 30.75
N LEU A 702 -2.12 35.14 30.67
CA LEU A 702 -2.22 36.53 31.11
C LEU A 702 -3.10 37.44 30.28
N SER A 703 -3.29 37.14 29.02
CA SER A 703 -4.28 37.90 28.21
C SER A 703 -5.63 37.22 28.08
N GLY A 704 -5.78 36.09 28.76
CA GLY A 704 -6.91 35.25 28.57
C GLY A 704 -8.26 35.96 28.69
N ALA A 705 -8.36 36.91 29.62
CA ALA A 705 -9.68 37.53 29.91
C ALA A 705 -10.12 38.42 28.83
N GLN A 706 -9.17 38.81 27.99
CA GLN A 706 -9.32 39.75 26.88
C GLN A 706 -9.62 39.06 25.59
N GLN A 707 -9.57 37.71 25.56
CA GLN A 707 -9.83 37.01 24.31
C GLN A 707 -11.33 36.88 24.10
N PRO A 708 -11.79 37.11 22.88
CA PRO A 708 -13.23 37.05 22.58
C PRO A 708 -13.76 35.64 22.87
N ASN A 709 -14.68 35.55 23.81
CA ASN A 709 -15.30 34.30 24.24
C ASN A 709 -14.26 33.33 24.75
N GLY A 710 -13.08 33.87 25.04
CA GLY A 710 -12.00 33.06 25.57
C GLY A 710 -11.31 32.21 24.51
N TYR A 711 -11.46 32.54 23.24
CA TYR A 711 -10.93 31.73 22.14
C TYR A 711 -9.38 31.78 22.05
N THR A 712 -8.82 30.62 21.72
CA THR A 712 -7.36 30.48 21.70
C THR A 712 -6.75 30.76 20.34
N GLU A 713 -7.59 30.79 19.28
CA GLU A 713 -7.03 30.93 17.92
C GLU A 713 -6.30 32.26 17.68
N PRO A 714 -6.89 33.40 18.17
CA PRO A 714 -6.04 34.61 17.86
C PRO A 714 -4.60 34.55 18.35
N ILE A 715 -4.36 34.07 19.56
CA ILE A 715 -2.99 34.10 20.07
C ILE A 715 -2.19 33.01 19.38
N LEU A 716 -2.78 31.82 19.17
CA LEU A 716 -2.11 30.67 18.59
C LEU A 716 -1.78 30.92 17.15
N HIS A 717 -2.75 31.45 16.37
CA HIS A 717 -2.44 31.69 14.95
C HIS A 717 -1.29 32.72 14.82
N ARG A 718 -1.32 33.76 15.64
CA ARG A 718 -0.33 34.84 15.55
C ARG A 718 1.07 34.32 15.92
N ARG A 719 1.12 33.55 17.02
CA ARG A 719 2.35 32.94 17.50
C ARG A 719 2.89 31.84 16.53
N ARG A 720 2.03 30.98 15.99
CA ARG A 720 2.53 30.00 15.01
C ARG A 720 3.12 30.70 13.76
N ARG A 721 2.43 31.76 13.27
CA ARG A 721 2.95 32.57 12.15
C ARG A 721 4.27 33.20 12.50
N GLU A 722 4.33 33.73 13.71
CA GLU A 722 5.65 34.28 14.20
C GLU A 722 6.70 33.24 14.09
N PHE A 723 6.31 32.02 14.42
CA PHE A 723 7.32 31.01 14.54
C PHE A 723 7.79 30.63 13.12
N LYS A 724 6.85 30.42 12.21
CA LYS A 724 7.18 30.18 10.83
C LYS A 724 8.06 31.28 10.28
N ALA A 725 7.67 32.55 10.55
CA ALA A 725 8.44 33.70 10.00
C ALA A 725 9.87 33.61 10.54
N ARG A 726 10.02 33.29 11.81
CA ARG A 726 11.35 33.25 12.38
C ARG A 726 12.10 32.03 11.85
N ALA A 727 11.40 30.93 11.59
CA ALA A 727 12.06 29.74 11.01
C ALA A 727 12.54 29.99 9.58
N ALA A 728 11.97 31.01 8.93
CA ALA A 728 12.20 31.32 7.49
C ALA A 728 13.51 32.09 7.22
N GLU A 729 13.79 33.11 8.03
CA GLU A 729 15.01 33.90 7.84
C GLU A 729 16.30 33.12 8.14
N THR B 4 -14.93 -0.09 -36.04
CA THR B 4 -14.44 -0.11 -34.62
C THR B 4 -14.11 1.29 -34.00
N ASP B 5 -12.93 1.43 -33.40
CA ASP B 5 -12.62 2.49 -32.41
C ASP B 5 -11.13 2.93 -32.49
N ARG B 6 -10.32 2.15 -33.20
CA ARG B 6 -8.90 2.42 -33.38
C ARG B 6 -8.61 3.82 -33.94
N VAL B 7 -7.66 4.52 -33.30
CA VAL B 7 -7.21 5.84 -33.73
C VAL B 7 -6.21 5.73 -34.88
N SER B 8 -6.36 6.59 -35.89
CA SER B 8 -5.64 6.42 -37.17
C SER B 8 -4.47 7.41 -37.36
N VAL B 9 -3.23 6.90 -37.27
CA VAL B 9 -2.03 7.72 -37.54
C VAL B 9 -1.20 7.23 -38.74
N GLY B 10 -1.13 8.05 -39.79
CA GLY B 10 -0.26 7.80 -40.93
C GLY B 10 -0.66 6.61 -41.77
N ASN B 11 -0.29 5.42 -41.31
CA ASN B 11 -0.66 4.17 -41.94
C ASN B 11 -1.00 3.12 -40.89
N LEU B 12 -1.22 3.56 -39.65
CA LEU B 12 -1.50 2.63 -38.55
C LEU B 12 -2.85 2.90 -37.88
N ARG B 13 -3.45 1.84 -37.33
CA ARG B 13 -4.68 1.92 -36.55
C ARG B 13 -4.39 1.43 -35.16
N ILE B 14 -4.37 2.35 -34.19
CA ILE B 14 -3.98 2.01 -32.83
C ILE B 14 -5.19 1.65 -31.95
N ALA B 15 -5.13 0.49 -31.30
CA ALA B 15 -6.18 0.13 -30.34
C ALA B 15 -6.29 1.21 -29.24
N ARG B 16 -7.51 1.65 -28.97
CA ARG B 16 -7.79 2.70 -27.97
C ARG B 16 -7.16 2.43 -26.60
N VAL B 17 -7.43 1.24 -26.08
CA VAL B 17 -6.75 0.66 -24.93
C VAL B 17 -5.25 1.14 -24.90
N LEU B 18 -4.53 0.92 -26.00
CA LEU B 18 -3.11 1.33 -26.13
C LEU B 18 -2.91 2.84 -26.27
N TYR B 19 -3.69 3.46 -27.16
CA TYR B 19 -3.60 4.89 -27.42
C TYR B 19 -3.80 5.68 -26.12
N ASP B 20 -4.79 5.24 -25.34
CA ASP B 20 -5.17 5.93 -24.11
C ASP B 20 -4.21 5.76 -22.96
N PHE B 21 -3.54 4.63 -22.92
CA PHE B 21 -2.54 4.42 -21.91
C PHE B 21 -1.23 5.16 -22.24
N VAL B 22 -0.88 5.24 -23.53
CA VAL B 22 0.39 5.87 -23.93
C VAL B 22 0.30 7.37 -23.74
N ASN B 23 -0.75 7.95 -24.31
CA ASN B 23 -1.02 9.37 -24.19
C ASN B 23 -1.28 9.93 -22.77
N ASN B 24 -2.11 9.23 -21.98
CA ASN B 24 -2.50 9.73 -20.63
C ASN B 24 -1.57 9.26 -19.50
N GLU B 25 -0.88 8.17 -19.74
CA GLU B 25 -0.15 7.54 -18.66
C GLU B 25 1.34 7.52 -18.95
N ALA B 26 1.71 7.09 -20.15
CA ALA B 26 3.11 6.88 -20.48
C ALA B 26 3.84 8.14 -20.96
N LEU B 27 3.29 8.82 -21.98
CA LEU B 27 3.95 9.97 -22.59
C LEU B 27 4.16 11.20 -21.70
N PRO B 28 3.23 11.50 -20.77
CA PRO B 28 3.42 12.80 -20.06
C PRO B 28 4.62 12.73 -19.12
N GLY B 29 5.35 13.83 -18.95
CA GLY B 29 6.63 13.84 -18.17
C GLY B 29 7.91 13.28 -18.81
N THR B 30 7.78 12.70 -20.00
CA THR B 30 8.92 12.25 -20.79
C THR B 30 9.49 13.45 -21.57
N ASP B 31 8.58 14.31 -22.02
CA ASP B 31 8.85 15.53 -22.79
C ASP B 31 8.62 15.38 -24.29
N ILE B 32 8.45 14.16 -24.76
CA ILE B 32 8.06 13.95 -26.16
C ILE B 32 6.69 14.59 -26.39
N ASP B 33 6.57 15.32 -27.50
CA ASP B 33 5.25 15.71 -28.01
C ASP B 33 4.55 14.44 -28.55
N PRO B 34 3.31 14.16 -28.06
CA PRO B 34 2.46 13.03 -28.48
C PRO B 34 2.43 12.83 -29.98
N ASP B 35 2.02 13.86 -30.70
CA ASP B 35 1.98 13.81 -32.16
C ASP B 35 3.33 13.46 -32.82
N SER B 36 4.44 13.80 -32.17
CA SER B 36 5.76 13.49 -32.70
C SER B 36 6.07 12.03 -32.44
N PHE B 37 5.73 11.57 -31.24
CA PHE B 37 5.82 10.14 -30.89
C PHE B 37 5.09 9.17 -31.88
N TRP B 38 3.80 9.34 -32.08
CA TRP B 38 3.11 8.52 -33.08
C TRP B 38 3.60 8.70 -34.51
N ALA B 39 4.04 9.91 -34.85
CA ALA B 39 4.68 10.20 -36.14
C ALA B 39 5.90 9.28 -36.31
N GLY B 40 6.70 9.21 -35.24
CA GLY B 40 7.86 8.34 -35.15
C GLY B 40 7.51 6.85 -35.08
N VAL B 41 6.57 6.49 -34.21
CA VAL B 41 6.06 5.12 -34.16
C VAL B 41 5.59 4.62 -35.54
N ASP B 42 4.85 5.46 -36.28
CA ASP B 42 4.41 5.16 -37.62
C ASP B 42 5.57 4.86 -38.56
N LYS B 43 6.52 5.79 -38.61
CA LYS B 43 7.69 5.71 -39.48
C LYS B 43 8.63 4.53 -39.17
N VAL B 44 8.89 4.27 -37.90
CA VAL B 44 9.82 3.21 -37.50
C VAL B 44 9.24 1.81 -37.86
N VAL B 45 7.97 1.58 -37.54
CA VAL B 45 7.19 0.46 -38.08
C VAL B 45 7.27 0.39 -39.64
N ALA B 46 6.98 1.51 -40.31
CA ALA B 46 7.09 1.57 -41.78
C ALA B 46 8.43 1.05 -42.25
N ASP B 47 9.50 1.56 -41.64
CA ASP B 47 10.88 1.41 -42.16
C ASP B 47 11.45 0.06 -41.96
N LEU B 48 11.27 -0.45 -40.73
CA LEU B 48 12.00 -1.61 -40.21
C LEU B 48 11.26 -2.94 -40.27
N THR B 49 9.93 -2.83 -40.39
CA THR B 49 9.04 -3.95 -40.59
C THR B 49 9.48 -4.87 -41.73
N PRO B 50 9.87 -4.31 -42.90
CA PRO B 50 10.24 -5.24 -43.97
C PRO B 50 11.48 -6.09 -43.65
N GLN B 51 12.49 -5.47 -43.04
CA GLN B 51 13.70 -6.17 -42.62
C GLN B 51 13.34 -7.23 -41.54
N ASN B 52 12.40 -6.89 -40.67
CA ASN B 52 11.89 -7.83 -39.69
C ASN B 52 11.32 -9.06 -40.42
N GLN B 53 10.55 -8.87 -41.50
CA GLN B 53 10.04 -9.98 -42.38
C GLN B 53 11.16 -10.76 -43.05
N ALA B 54 12.01 -10.01 -43.77
CA ALA B 54 13.21 -10.52 -44.40
C ALA B 54 13.98 -11.53 -43.48
N LEU B 55 14.26 -11.10 -42.25
CA LEU B 55 14.98 -11.96 -41.32
C LEU B 55 14.16 -13.22 -41.03
N LEU B 56 12.87 -13.05 -40.69
CA LEU B 56 12.00 -14.21 -40.43
C LEU B 56 11.99 -15.23 -41.58
N ASN B 57 11.88 -14.79 -42.86
CA ASN B 57 11.94 -15.68 -44.04
C ASN B 57 13.31 -16.35 -44.22
N ALA B 58 14.37 -15.61 -43.89
CA ALA B 58 15.71 -16.18 -43.79
C ALA B 58 15.77 -17.43 -42.86
N ARG B 59 15.18 -17.35 -41.65
CA ARG B 59 15.09 -18.53 -40.79
C ARG B 59 14.39 -19.70 -41.51
N ASP B 60 13.21 -19.44 -42.05
CA ASP B 60 12.45 -20.51 -42.80
C ASP B 60 13.20 -21.20 -43.95
N GLU B 61 13.81 -20.41 -44.84
CA GLU B 61 14.63 -20.95 -45.90
C GLU B 61 15.71 -21.87 -45.33
N LEU B 62 16.53 -21.34 -44.43
CA LEU B 62 17.62 -22.11 -43.89
C LEU B 62 17.09 -23.43 -43.33
N GLN B 63 16.10 -23.37 -42.42
CA GLN B 63 15.56 -24.62 -41.86
C GLN B 63 15.13 -25.67 -42.90
N ALA B 64 14.62 -25.20 -44.05
CA ALA B 64 14.12 -26.11 -45.08
C ALA B 64 15.30 -26.78 -45.85
N GLN B 65 16.31 -25.96 -46.21
CA GLN B 65 17.64 -26.48 -46.68
C GLN B 65 18.16 -27.52 -45.72
N ILE B 66 18.16 -27.25 -44.45
CA ILE B 66 18.66 -28.24 -43.50
C ILE B 66 17.87 -29.59 -43.41
N ASP B 67 16.54 -29.48 -43.33
CA ASP B 67 15.64 -30.64 -43.46
C ASP B 67 15.89 -31.48 -44.69
N LYS B 68 16.07 -30.78 -45.81
CA LYS B 68 16.23 -31.36 -47.08
C LYS B 68 17.58 -32.07 -47.10
N TRP B 69 18.64 -31.33 -46.75
CA TRP B 69 19.92 -31.93 -46.59
C TRP B 69 19.89 -33.24 -45.77
N HIS B 70 19.23 -33.25 -44.62
CA HIS B 70 19.16 -34.46 -43.79
C HIS B 70 18.34 -35.63 -44.40
N ARG B 71 17.13 -35.36 -44.95
CA ARG B 71 16.29 -36.44 -45.60
C ARG B 71 17.05 -37.19 -46.68
N ARG B 72 17.88 -36.42 -47.42
CA ARG B 72 18.82 -36.97 -48.40
C ARG B 72 19.75 -38.01 -47.76
N ARG B 73 19.85 -37.96 -46.43
CA ARG B 73 21.00 -38.48 -45.71
C ARG B 73 20.67 -39.26 -44.42
N VAL B 74 19.53 -39.96 -44.39
CA VAL B 74 19.08 -40.52 -43.12
C VAL B 74 19.67 -41.91 -42.77
N ILE B 75 19.83 -42.14 -41.47
CA ILE B 75 20.38 -43.38 -40.86
C ILE B 75 21.85 -43.62 -41.32
N GLU B 76 22.47 -42.51 -41.70
CA GLU B 76 23.84 -42.47 -42.20
C GLU B 76 24.66 -41.71 -41.18
N PRO B 77 25.91 -42.17 -40.93
CA PRO B 77 26.82 -41.41 -40.04
C PRO B 77 27.05 -40.08 -40.69
N ILE B 78 26.82 -39.00 -39.98
CA ILE B 78 27.02 -37.69 -40.57
C ILE B 78 28.52 -37.29 -40.78
N ASP B 79 28.81 -36.80 -41.99
CA ASP B 79 30.09 -36.27 -42.34
C ASP B 79 30.18 -34.86 -41.82
N MET B 80 30.86 -34.68 -40.70
CA MET B 80 30.82 -33.36 -40.05
C MET B 80 31.45 -32.23 -40.87
N ASP B 81 32.48 -32.57 -41.63
CA ASP B 81 33.16 -31.64 -42.54
C ASP B 81 32.30 -31.20 -43.71
N ALA B 82 31.56 -32.15 -44.30
CA ALA B 82 30.57 -31.89 -45.36
C ALA B 82 29.40 -31.04 -44.83
N TYR B 83 28.88 -31.44 -43.66
CA TYR B 83 27.83 -30.73 -42.98
C TYR B 83 28.23 -29.26 -42.63
N ARG B 84 29.47 -29.08 -42.25
CA ARG B 84 30.03 -27.75 -41.91
C ARG B 84 30.21 -26.94 -43.19
N GLN B 85 30.70 -27.57 -44.24
CA GLN B 85 30.79 -26.88 -45.54
C GLN B 85 29.38 -26.42 -46.01
N PHE B 86 28.39 -27.24 -45.72
CA PHE B 86 27.04 -26.97 -46.19
C PHE B 86 26.46 -25.79 -45.41
N LEU B 87 26.60 -25.78 -44.08
CA LEU B 87 26.12 -24.65 -43.28
C LEU B 87 26.84 -23.34 -43.61
N THR B 88 28.05 -23.45 -44.11
CA THR B 88 28.78 -22.29 -44.59
C THR B 88 28.28 -21.89 -45.95
N GLU B 89 28.12 -22.86 -46.86
CA GLU B 89 27.60 -22.51 -48.17
C GLU B 89 26.17 -21.91 -48.12
N ILE B 90 25.37 -22.26 -47.11
CA ILE B 90 24.02 -21.68 -47.03
C ILE B 90 23.99 -20.42 -46.19
N GLY B 91 25.13 -20.02 -45.60
CA GLY B 91 25.18 -18.77 -44.79
C GLY B 91 24.67 -18.89 -43.35
N TYR B 92 24.43 -20.12 -42.87
CA TYR B 92 24.09 -20.37 -41.47
C TYR B 92 25.35 -20.22 -40.58
N LEU B 93 26.49 -20.72 -41.06
CA LEU B 93 27.75 -20.62 -40.34
C LEU B 93 28.57 -19.52 -40.99
N LEU B 94 28.82 -18.45 -40.26
CA LEU B 94 29.55 -17.30 -40.77
C LEU B 94 30.95 -17.25 -40.20
N PRO B 95 31.91 -16.62 -40.95
CA PRO B 95 33.26 -16.40 -40.41
C PRO B 95 33.21 -15.69 -39.06
N GLU B 96 34.08 -16.16 -38.20
CA GLU B 96 34.25 -15.62 -36.87
C GLU B 96 35.11 -14.31 -37.06
N PRO B 97 34.66 -13.12 -36.51
CA PRO B 97 35.49 -11.91 -36.71
C PRO B 97 36.74 -11.94 -35.87
N ASP B 98 37.59 -10.94 -36.19
CA ASP B 98 38.77 -10.60 -35.41
C ASP B 98 38.42 -10.24 -34.00
N ASP B 99 39.37 -10.47 -33.09
CA ASP B 99 39.27 -10.14 -31.67
C ASP B 99 38.95 -8.68 -31.45
N PHE B 100 38.14 -8.40 -30.44
CA PHE B 100 37.77 -7.04 -30.18
C PHE B 100 37.38 -7.04 -28.70
N THR B 101 37.22 -5.86 -28.10
CA THR B 101 36.73 -5.68 -26.75
C THR B 101 35.49 -4.80 -26.88
N ILE B 102 34.44 -5.16 -26.16
CA ILE B 102 33.24 -4.29 -26.13
C ILE B 102 33.53 -2.86 -25.57
N THR B 103 32.75 -1.88 -25.98
CA THR B 103 32.97 -0.47 -25.61
C THR B 103 31.71 0.10 -24.89
N THR B 104 30.75 -0.76 -24.53
CA THR B 104 29.48 -0.30 -23.96
C THR B 104 29.83 0.52 -22.72
N SER B 105 29.33 1.75 -22.61
CA SER B 105 29.56 2.51 -21.38
C SER B 105 28.23 3.02 -20.75
N GLY B 106 28.33 3.60 -19.57
CA GLY B 106 27.15 4.14 -18.93
C GLY B 106 26.42 3.03 -18.21
N VAL B 107 27.13 1.95 -17.89
CA VAL B 107 26.56 0.73 -17.22
C VAL B 107 26.74 0.71 -15.69
N ASP B 108 25.59 0.52 -15.01
CA ASP B 108 25.51 0.46 -13.57
C ASP B 108 26.34 -0.69 -13.01
N ALA B 109 26.92 -0.47 -11.83
CA ALA B 109 27.76 -1.39 -11.11
C ALA B 109 27.11 -2.81 -10.91
N GLU B 110 25.78 -2.89 -10.73
CA GLU B 110 25.06 -4.19 -10.57
C GLU B 110 25.37 -5.14 -11.71
N ILE B 111 25.70 -4.58 -12.86
CA ILE B 111 25.92 -5.35 -14.06
C ILE B 111 27.43 -5.59 -14.32
N THR B 112 28.21 -4.51 -14.37
CA THR B 112 29.61 -4.58 -14.66
C THR B 112 30.40 -5.24 -13.54
N THR B 113 29.98 -5.03 -12.29
CA THR B 113 30.89 -5.35 -11.21
C THR B 113 30.46 -6.46 -10.26
N THR B 114 29.19 -6.43 -9.86
CA THR B 114 28.69 -7.36 -8.86
C THR B 114 28.27 -8.68 -9.48
N ALA B 115 28.86 -9.75 -8.95
CA ALA B 115 28.49 -11.06 -9.36
C ALA B 115 27.36 -11.46 -8.40
N GLY B 116 26.17 -11.69 -8.92
CA GLY B 116 25.12 -12.29 -8.13
C GLY B 116 23.90 -12.80 -8.88
N PRO B 117 22.89 -13.32 -8.15
CA PRO B 117 21.70 -13.82 -8.87
C PRO B 117 20.96 -12.71 -9.65
N GLN B 118 20.28 -13.15 -10.69
CA GLN B 118 19.40 -12.36 -11.50
C GLN B 118 18.04 -13.09 -11.44
N LEU B 119 16.98 -12.37 -11.08
CA LEU B 119 15.67 -12.94 -10.95
C LEU B 119 14.83 -12.54 -12.15
N VAL B 120 13.97 -13.42 -12.61
CA VAL B 120 13.13 -13.12 -13.76
C VAL B 120 11.67 -13.37 -13.33
N VAL B 121 10.74 -12.62 -13.92
CA VAL B 121 9.42 -12.50 -13.31
C VAL B 121 8.41 -12.01 -14.32
N PRO B 122 7.20 -12.61 -14.34
CA PRO B 122 6.19 -12.15 -15.28
C PRO B 122 5.72 -10.74 -14.89
N VAL B 123 5.82 -9.80 -15.84
CA VAL B 123 5.54 -8.39 -15.62
C VAL B 123 4.02 -8.16 -15.46
N LEU B 124 3.23 -9.17 -15.80
CA LEU B 124 1.78 -9.04 -15.81
C LEU B 124 1.28 -9.28 -14.40
N ASN B 125 2.15 -9.88 -13.60
CA ASN B 125 1.88 -10.13 -12.20
C ASN B 125 2.46 -9.02 -11.34
N ALA B 126 1.58 -8.12 -10.90
CA ALA B 126 2.02 -6.99 -10.09
C ALA B 126 2.67 -7.42 -8.75
N ARG B 127 2.11 -8.42 -8.08
CA ARG B 127 2.63 -8.81 -6.77
C ARG B 127 4.01 -9.40 -6.90
N PHE B 128 4.18 -10.17 -7.97
CA PHE B 128 5.37 -10.94 -8.21
C PHE B 128 6.42 -9.94 -8.72
N ALA B 129 6.06 -9.07 -9.67
CA ALA B 129 7.00 -8.07 -10.20
C ALA B 129 7.58 -7.15 -9.08
N LEU B 130 6.73 -6.80 -8.13
CA LEU B 130 7.06 -5.97 -7.00
C LEU B 130 7.92 -6.70 -5.97
N ASN B 131 7.66 -7.98 -5.83
CA ASN B 131 8.36 -8.75 -4.86
C ASN B 131 9.81 -8.95 -5.30
N ALA B 132 9.98 -8.97 -6.64
CA ALA B 132 11.22 -9.26 -7.30
C ALA B 132 12.14 -8.05 -7.18
N ALA B 133 11.68 -6.90 -7.75
CA ALA B 133 12.28 -5.54 -7.51
C ALA B 133 12.68 -5.38 -6.04
N ASN B 134 11.89 -5.94 -5.10
CA ASN B 134 12.26 -5.86 -3.68
C ASN B 134 13.22 -6.97 -3.23
N ALA B 135 13.55 -7.88 -4.12
CA ALA B 135 14.33 -9.08 -3.69
C ALA B 135 15.86 -8.86 -3.55
N ARG B 136 16.35 -7.65 -3.87
CA ARG B 136 17.76 -7.27 -3.65
C ARG B 136 18.14 -7.65 -2.21
N TRP B 137 17.16 -7.54 -1.32
CA TRP B 137 17.34 -7.88 0.10
C TRP B 137 16.32 -8.92 0.50
N GLY B 138 16.82 -9.99 1.12
CA GLY B 138 16.03 -11.16 1.37
C GLY B 138 16.55 -11.76 2.65
N SER B 139 15.60 -12.26 3.46
CA SER B 139 15.93 -12.90 4.70
C SER B 139 16.48 -14.32 4.51
N LEU B 140 17.68 -14.56 5.02
CA LEU B 140 18.16 -15.93 5.07
C LEU B 140 17.28 -16.78 5.99
N TYR B 141 16.83 -16.20 7.14
CA TYR B 141 15.91 -16.93 8.05
C TYR B 141 14.66 -17.45 7.30
N ASP B 142 13.91 -16.56 6.62
CA ASP B 142 12.64 -16.89 5.92
C ASP B 142 12.82 -17.91 4.79
N ALA B 143 13.80 -17.67 3.91
CA ALA B 143 14.16 -18.58 2.81
C ALA B 143 14.49 -20.00 3.34
N LEU B 144 15.15 -20.07 4.52
CA LEU B 144 15.52 -21.34 5.12
C LEU B 144 14.38 -22.07 5.85
N TYR B 145 13.56 -21.31 6.57
CA TYR B 145 12.40 -21.88 7.28
C TYR B 145 11.42 -22.40 6.27
N GLY B 146 11.15 -21.60 5.25
CA GLY B 146 10.20 -22.01 4.22
C GLY B 146 10.69 -23.10 3.28
N THR B 147 11.85 -23.71 3.59
CA THR B 147 12.59 -24.50 2.59
C THR B 147 13.26 -25.76 3.09
N ASP B 148 13.52 -26.69 2.19
CA ASP B 148 14.10 -27.99 2.56
C ASP B 148 15.63 -28.05 2.63
N VAL B 149 16.30 -26.89 2.54
CA VAL B 149 17.71 -26.85 2.90
C VAL B 149 17.89 -27.39 4.34
N ILE B 150 16.94 -27.00 5.22
CA ILE B 150 16.80 -27.59 6.55
C ILE B 150 15.70 -28.64 6.49
N PRO B 151 16.08 -29.94 6.45
CA PRO B 151 15.13 -31.06 6.34
C PRO B 151 14.34 -31.28 7.64
N GLU B 152 13.52 -32.34 7.71
CA GLU B 152 12.68 -32.64 8.90
C GLU B 152 12.76 -34.09 9.40
N ALA B 156 11.23 -30.92 13.05
CA ALA B 156 11.46 -29.65 12.34
C ALA B 156 10.37 -29.34 11.32
N GLU B 157 9.18 -29.87 11.53
CA GLU B 157 8.05 -29.60 10.65
C GLU B 157 7.54 -28.17 10.80
N LYS B 158 7.38 -27.46 9.69
CA LYS B 158 6.59 -26.23 9.71
C LYS B 158 5.14 -26.56 10.04
N GLY B 159 4.54 -25.75 10.92
CA GLY B 159 3.12 -25.87 11.24
C GLY B 159 2.48 -24.50 11.18
N PRO B 160 1.30 -24.34 11.82
CA PRO B 160 0.70 -23.01 12.03
C PRO B 160 1.47 -22.10 13.02
N THR B 161 2.47 -22.66 13.71
CA THR B 161 3.15 -22.00 14.82
C THR B 161 4.64 -22.27 14.76
N TYR B 162 5.43 -21.23 15.06
CA TYR B 162 6.88 -21.34 15.12
C TYR B 162 7.34 -22.60 15.88
N ASN B 163 8.33 -23.27 15.32
CA ASN B 163 8.89 -24.49 15.89
C ASN B 163 10.36 -24.26 16.15
N LYS B 164 10.77 -24.40 17.41
CA LYS B 164 12.16 -24.07 17.79
C LYS B 164 13.15 -25.17 17.43
N VAL B 165 12.65 -26.36 17.13
CA VAL B 165 13.47 -27.37 16.48
C VAL B 165 13.96 -26.72 15.17
N ARG B 166 13.01 -26.23 14.38
CA ARG B 166 13.24 -25.69 13.05
C ARG B 166 13.90 -24.31 13.09
N GLY B 167 13.35 -23.41 13.91
CA GLY B 167 13.99 -22.14 14.22
C GLY B 167 15.49 -22.28 14.45
N ASP B 168 15.84 -23.14 15.41
CA ASP B 168 17.24 -23.35 15.81
C ASP B 168 18.16 -23.98 14.74
N LYS B 169 17.62 -24.80 13.83
CA LYS B 169 18.40 -25.40 12.72
C LYS B 169 18.81 -24.35 11.68
N VAL B 170 17.85 -23.49 11.35
CA VAL B 170 18.01 -22.33 10.48
C VAL B 170 19.08 -21.35 10.99
N ILE B 171 19.11 -21.13 12.30
CA ILE B 171 20.13 -20.31 12.96
C ILE B 171 21.56 -20.86 12.85
N ALA B 172 21.79 -22.12 13.22
CA ALA B 172 23.15 -22.65 13.21
C ALA B 172 23.69 -22.78 11.79
N TYR B 173 22.79 -22.68 10.81
CA TYR B 173 23.17 -22.81 9.42
C TYR B 173 23.78 -21.47 9.00
N ALA B 174 22.98 -20.44 9.21
CA ALA B 174 23.38 -19.06 9.07
C ALA B 174 24.77 -18.81 9.69
N ARG B 175 25.04 -19.46 10.82
CA ARG B 175 26.24 -19.20 11.60
C ARG B 175 27.49 -19.85 11.05
N LYS B 176 27.36 -21.00 10.42
CA LYS B 176 28.52 -21.50 9.68
C LYS B 176 28.71 -20.64 8.40
N PHE B 177 27.64 -20.29 7.70
CA PHE B 177 27.78 -19.35 6.58
C PHE B 177 28.61 -18.08 6.96
N LEU B 178 28.26 -17.40 8.08
CA LEU B 178 28.97 -16.19 8.51
C LEU B 178 30.45 -16.46 8.73
N ASP B 179 30.75 -17.54 9.43
CA ASP B 179 32.12 -18.02 9.60
C ASP B 179 32.83 -18.35 8.31
N ASP B 180 32.06 -18.77 7.32
CA ASP B 180 32.67 -19.20 6.09
C ASP B 180 32.95 -17.94 5.28
N SER B 181 32.03 -16.98 5.35
CA SER B 181 32.04 -15.81 4.49
C SER B 181 32.69 -14.52 5.10
N VAL B 182 32.82 -14.51 6.43
CA VAL B 182 33.26 -13.32 7.15
C VAL B 182 34.00 -13.81 8.41
N PRO B 183 35.16 -14.50 8.21
CA PRO B 183 35.66 -15.26 9.33
C PRO B 183 36.34 -14.35 10.36
N LEU B 184 36.53 -14.89 11.57
CA LEU B 184 37.09 -14.15 12.69
C LEU B 184 38.55 -14.54 12.95
N SER B 185 39.30 -13.62 13.56
CA SER B 185 40.73 -13.79 13.80
C SER B 185 41.04 -15.16 14.43
N SER B 186 40.25 -15.53 15.44
CA SER B 186 39.90 -16.94 15.74
C SER B 186 38.72 -17.00 16.72
N GLY B 187 38.03 -18.15 16.75
CA GLY B 187 36.73 -18.29 17.40
C GLY B 187 35.56 -18.05 16.43
N SER B 188 34.45 -18.76 16.64
CA SER B 188 33.33 -18.81 15.70
C SER B 188 32.08 -18.01 16.10
N PHE B 189 31.30 -17.63 15.07
CA PHE B 189 30.06 -16.85 15.17
C PHE B 189 28.94 -17.58 15.94
N GLY B 190 28.93 -18.90 15.95
CA GLY B 190 27.91 -19.63 16.72
C GLY B 190 27.97 -19.30 18.21
N ASP B 191 29.16 -18.92 18.67
CA ASP B 191 29.43 -18.64 20.07
C ASP B 191 29.34 -17.14 20.43
N ALA B 192 28.54 -16.39 19.67
CA ALA B 192 28.41 -14.95 19.88
C ALA B 192 27.46 -14.62 21.02
N THR B 193 27.91 -13.72 21.92
CA THR B 193 27.10 -13.19 23.00
C THR B 193 27.03 -11.65 22.97
N GLY B 194 26.80 -11.10 21.78
CA GLY B 194 26.70 -9.64 21.58
C GLY B 194 27.68 -9.03 20.59
N PHE B 195 27.28 -7.90 20.02
CA PHE B 195 28.15 -7.14 19.11
C PHE B 195 28.26 -5.68 19.52
N THR B 196 29.43 -5.11 19.33
CA THR B 196 29.61 -3.67 19.49
C THR B 196 30.40 -3.08 18.32
N VAL B 197 30.67 -1.77 18.41
CA VAL B 197 31.49 -1.07 17.42
C VAL B 197 32.37 -0.11 18.21
N GLN B 198 33.64 -0.46 18.33
CA GLN B 198 34.60 0.33 19.08
C GLN B 198 35.72 0.77 18.18
N ASP B 199 35.78 2.08 17.95
CA ASP B 199 36.89 2.72 17.23
C ASP B 199 36.85 2.44 15.71
N GLY B 200 35.63 2.51 15.15
CA GLY B 200 35.41 2.20 13.74
C GLY B 200 35.52 0.71 13.45
N GLN B 201 35.78 -0.11 14.46
CA GLN B 201 35.93 -1.55 14.27
C GLN B 201 34.66 -2.33 14.62
N LEU B 202 34.53 -3.55 14.07
CA LEU B 202 33.60 -4.52 14.67
C LEU B 202 34.21 -5.28 15.87
N VAL B 203 33.40 -5.46 16.90
CA VAL B 203 33.81 -6.16 18.11
C VAL B 203 32.82 -7.32 18.43
N VAL B 204 33.34 -8.55 18.30
CA VAL B 204 32.54 -9.76 18.52
C VAL B 204 32.81 -10.25 19.94
N ALA B 205 31.76 -10.26 20.76
CA ALA B 205 31.87 -10.82 22.12
C ALA B 205 31.55 -12.33 22.11
N LEU B 206 32.49 -13.12 22.61
CA LEU B 206 32.31 -14.55 22.71
C LEU B 206 32.03 -14.89 24.20
N PRO B 207 32.12 -16.17 24.62
CA PRO B 207 32.12 -16.44 26.08
C PRO B 207 33.44 -16.06 26.78
N ASP B 208 34.49 -15.88 25.99
CA ASP B 208 35.77 -15.37 26.46
C ASP B 208 36.28 -14.29 25.47
N LYS B 209 37.55 -14.41 25.03
CA LYS B 209 38.19 -13.45 24.12
C LYS B 209 37.19 -12.86 23.13
N SER B 210 37.41 -11.59 22.77
CA SER B 210 36.36 -10.70 22.28
C SER B 210 36.64 -10.21 20.86
N THR B 211 36.70 -11.14 19.91
CA THR B 211 37.48 -10.92 18.65
C THR B 211 36.91 -9.95 17.59
N GLY B 212 37.75 -9.64 16.60
CA GLY B 212 37.35 -8.88 15.42
C GLY B 212 37.51 -9.73 14.18
N LEU B 213 36.95 -9.27 13.06
CA LEU B 213 37.08 -10.00 11.80
C LEU B 213 38.55 -10.12 11.42
N ALA B 214 38.89 -11.19 10.68
CA ALA B 214 40.25 -11.41 10.20
C ALA B 214 40.46 -10.59 8.93
N ASN B 215 39.36 -10.15 8.33
CA ASN B 215 39.41 -9.01 7.44
C ASN B 215 38.47 -7.89 7.87
N PRO B 216 39.01 -6.88 8.60
CA PRO B 216 38.17 -5.79 9.08
C PRO B 216 37.60 -5.01 7.91
N GLY B 217 38.26 -5.10 6.76
CA GLY B 217 37.72 -4.64 5.48
C GLY B 217 36.26 -5.03 5.28
N GLN B 218 35.89 -6.23 5.75
CA GLN B 218 34.54 -6.77 5.49
C GLN B 218 33.48 -6.13 6.38
N PHE B 219 33.90 -5.22 7.25
CA PHE B 219 32.97 -4.48 8.09
C PHE B 219 32.49 -3.21 7.35
N ALA B 220 31.23 -3.22 6.93
CA ALA B 220 30.75 -2.21 6.03
C ALA B 220 29.90 -1.13 6.70
N GLY B 221 29.45 -1.40 7.93
CA GLY B 221 28.56 -0.50 8.65
C GLY B 221 27.67 -1.17 9.68
N TYR B 222 26.62 -0.47 10.10
CA TYR B 222 25.80 -0.83 11.24
C TYR B 222 24.66 0.18 11.35
N THR B 223 23.54 -0.19 12.00
CA THR B 223 22.47 0.79 12.32
C THR B 223 22.34 0.90 13.81
N GLY B 224 21.71 1.98 14.29
CA GLY B 224 21.64 2.24 15.74
C GLY B 224 22.99 2.64 16.37
N ALA B 225 23.13 2.48 17.68
CA ALA B 225 24.32 2.93 18.43
C ALA B 225 25.50 1.93 18.43
N ALA B 226 26.72 2.46 18.49
CA ALA B 226 27.94 1.68 18.45
C ALA B 226 28.03 0.74 19.62
N GLU B 227 27.52 1.17 20.78
CA GLU B 227 27.49 0.38 22.03
C GLU B 227 26.52 -0.82 22.03
N SER B 228 25.42 -0.74 21.27
CA SER B 228 24.63 -1.92 20.90
C SER B 228 23.81 -1.67 19.65
N PRO B 229 24.37 -1.99 18.46
CA PRO B 229 23.72 -1.81 17.15
C PRO B 229 22.43 -2.59 16.96
N THR B 230 21.49 -1.98 16.24
CA THR B 230 20.21 -2.59 15.84
C THR B 230 20.45 -3.53 14.62
N SER B 231 21.64 -3.41 14.03
CA SER B 231 22.08 -4.33 12.99
C SER B 231 23.50 -4.07 12.58
N VAL B 232 24.08 -5.06 11.93
CA VAL B 232 25.47 -5.00 11.52
C VAL B 232 25.58 -5.44 10.06
N LEU B 233 26.17 -4.56 9.26
CA LEU B 233 26.31 -4.74 7.80
C LEU B 233 27.71 -5.21 7.44
N LEU B 234 27.77 -6.29 6.65
CA LEU B 234 29.05 -6.90 6.25
C LEU B 234 29.07 -7.06 4.72
N ILE B 235 30.21 -7.49 4.16
CA ILE B 235 30.34 -7.60 2.72
C ILE B 235 31.45 -8.57 2.41
N ASN B 236 31.25 -9.28 1.29
CA ASN B 236 32.15 -10.32 0.87
C ASN B 236 31.82 -10.53 -0.61
N HIS B 237 32.87 -10.59 -1.45
CA HIS B 237 32.71 -10.77 -2.87
C HIS B 237 31.71 -9.76 -3.48
N GLY B 238 31.68 -8.56 -2.90
CA GLY B 238 30.90 -7.47 -3.43
C GLY B 238 29.46 -7.50 -2.97
N LEU B 239 29.12 -8.47 -2.13
CA LEU B 239 27.69 -8.63 -1.75
C LEU B 239 27.44 -8.45 -0.25
N HIS B 240 26.32 -7.78 0.08
CA HIS B 240 26.02 -7.37 1.49
C HIS B 240 25.32 -8.43 2.38
N ILE B 241 25.72 -8.47 3.66
CA ILE B 241 25.20 -9.36 4.72
C ILE B 241 24.88 -8.49 5.93
N GLU B 242 23.61 -8.40 6.32
CA GLU B 242 23.21 -7.63 7.49
C GLU B 242 22.64 -8.55 8.59
N ILE B 243 23.29 -8.51 9.74
CA ILE B 243 22.86 -9.27 10.91
C ILE B 243 21.97 -8.34 11.70
N LEU B 244 20.71 -8.74 11.81
CA LEU B 244 19.74 -7.99 12.59
C LEU B 244 19.83 -8.40 14.06
N ILE B 245 20.15 -7.46 14.95
CA ILE B 245 20.22 -7.78 16.37
C ILE B 245 18.99 -7.21 17.07
N ASP B 246 18.23 -8.09 17.73
CA ASP B 246 17.01 -7.71 18.44
C ASP B 246 16.74 -8.74 19.53
N PRO B 247 17.30 -8.53 20.74
CA PRO B 247 17.24 -9.54 21.80
C PRO B 247 15.84 -9.71 22.44
N GLU B 248 15.01 -8.68 22.32
CA GLU B 248 13.59 -8.71 22.72
C GLU B 248 12.72 -8.77 21.45
N SER B 249 12.84 -9.88 20.72
CA SER B 249 12.21 -10.09 19.42
C SER B 249 11.81 -11.56 19.38
N GLN B 250 10.78 -11.89 18.59
CA GLN B 250 10.23 -13.27 18.58
C GLN B 250 11.33 -14.31 18.33
N VAL B 251 12.14 -14.08 17.30
CA VAL B 251 13.30 -14.92 17.04
C VAL B 251 14.48 -14.53 17.93
N GLY B 252 14.62 -13.21 18.16
CA GLY B 252 15.62 -12.65 19.07
C GLY B 252 15.67 -13.23 20.48
N THR B 253 14.56 -13.18 21.22
CA THR B 253 14.49 -13.71 22.62
C THR B 253 15.14 -15.11 22.75
N THR B 254 15.19 -15.84 21.62
CA THR B 254 15.69 -17.22 21.56
C THR B 254 17.19 -17.30 21.21
N ASP B 255 17.71 -16.23 20.60
CA ASP B 255 19.03 -16.26 20.00
C ASP B 255 20.09 -15.93 21.02
N ARG B 256 21.13 -16.78 21.06
CA ARG B 256 22.27 -16.63 21.94
C ARG B 256 22.76 -15.16 22.03
N ALA B 257 23.16 -14.61 20.89
CA ALA B 257 23.68 -13.22 20.77
C ALA B 257 22.61 -12.14 20.57
N GLY B 258 21.36 -12.54 20.35
CA GLY B 258 20.24 -11.60 20.27
C GLY B 258 19.83 -11.34 18.84
N VAL B 259 20.37 -12.13 17.91
CA VAL B 259 20.07 -12.03 16.45
C VAL B 259 18.62 -12.34 16.03
N LYS B 260 17.92 -11.38 15.44
CA LYS B 260 16.55 -11.59 14.95
C LYS B 260 16.48 -12.33 13.59
N ASP B 261 17.46 -12.05 12.73
CA ASP B 261 17.42 -12.47 11.31
C ASP B 261 18.80 -12.29 10.71
N VAL B 262 19.06 -12.90 9.56
CA VAL B 262 20.24 -12.54 8.78
C VAL B 262 19.83 -12.23 7.34
N ILE B 263 20.12 -11.02 6.87
CA ILE B 263 19.58 -10.53 5.59
C ILE B 263 20.64 -10.48 4.47
N LEU B 264 20.36 -11.07 3.33
CA LEU B 264 21.30 -11.00 2.16
C LEU B 264 20.78 -10.18 0.99
N GLU B 265 21.72 -9.41 0.48
CA GLU B 265 21.65 -8.92 -0.85
C GLU B 265 21.65 -10.16 -1.78
N SER B 266 20.68 -10.20 -2.66
CA SER B 266 20.20 -11.45 -3.27
C SER B 266 20.06 -11.10 -4.70
N ALA B 267 18.83 -10.84 -5.15
CA ALA B 267 18.62 -10.48 -6.54
C ALA B 267 19.21 -9.09 -6.86
N ILE B 268 20.40 -9.06 -7.44
CA ILE B 268 21.05 -7.79 -7.73
C ILE B 268 20.41 -7.02 -8.92
N THR B 269 20.07 -7.82 -9.93
CA THR B 269 19.34 -7.38 -11.11
C THR B 269 18.12 -8.34 -11.21
N THR B 270 17.09 -7.85 -11.88
CA THR B 270 15.84 -8.49 -12.10
C THR B 270 15.42 -8.16 -13.52
N ILE B 271 14.76 -9.13 -14.17
CA ILE B 271 14.27 -9.02 -15.53
C ILE B 271 12.77 -9.07 -15.48
N MET B 272 12.19 -7.95 -15.85
CA MET B 272 10.76 -7.83 -15.86
C MET B 272 10.31 -8.33 -17.21
N ASP B 273 9.61 -9.47 -17.19
CA ASP B 273 9.45 -10.29 -18.39
C ASP B 273 8.17 -10.02 -19.09
N PHE B 274 8.27 -9.76 -20.38
CA PHE B 274 7.14 -9.67 -21.27
C PHE B 274 7.03 -10.87 -22.15
N GLU B 275 8.06 -11.75 -22.15
CA GLU B 275 8.17 -12.89 -23.05
C GLU B 275 7.76 -14.23 -22.39
N ASP B 276 8.67 -15.22 -22.30
CA ASP B 276 8.22 -16.64 -22.10
C ASP B 276 7.41 -16.94 -20.83
N SER B 277 7.44 -16.02 -19.87
CA SER B 277 6.71 -16.19 -18.58
C SER B 277 5.33 -15.57 -18.54
N VAL B 278 4.96 -14.79 -19.57
CA VAL B 278 3.60 -14.23 -19.63
C VAL B 278 2.80 -14.67 -20.87
N ALA B 279 1.48 -14.61 -20.76
CA ALA B 279 0.56 -14.85 -21.85
C ALA B 279 -0.01 -13.48 -22.15
N ALA B 280 -0.01 -13.08 -23.41
CA ALA B 280 -0.40 -11.72 -23.74
C ALA B 280 -0.57 -11.52 -25.23
N VAL B 281 -1.80 -11.66 -25.69
CA VAL B 281 -2.13 -11.96 -27.09
C VAL B 281 -2.86 -10.84 -27.89
N ASP B 282 -3.18 -9.74 -27.19
CA ASP B 282 -3.96 -8.63 -27.70
C ASP B 282 -3.56 -7.37 -26.95
N ALA B 283 -4.14 -6.23 -27.32
CA ALA B 283 -3.78 -4.93 -26.71
C ALA B 283 -4.11 -4.83 -25.21
N ALA B 284 -5.21 -5.42 -24.77
CA ALA B 284 -5.55 -5.40 -23.33
C ALA B 284 -4.44 -6.05 -22.49
N ASP B 285 -3.96 -7.21 -22.95
CA ASP B 285 -2.86 -7.92 -22.29
C ASP B 285 -1.58 -7.08 -22.30
N LYS B 286 -1.21 -6.60 -23.51
CA LYS B 286 -0.04 -5.73 -23.67
C LYS B 286 -0.10 -4.44 -22.83
N VAL B 287 -1.28 -3.81 -22.77
CA VAL B 287 -1.46 -2.65 -21.91
C VAL B 287 -1.34 -2.99 -20.43
N LEU B 288 -1.87 -4.14 -20.03
CA LEU B 288 -1.72 -4.62 -18.67
C LEU B 288 -0.27 -4.69 -18.33
N GLY B 289 0.54 -5.27 -19.23
CA GLY B 289 1.95 -5.39 -18.95
C GLY B 289 2.65 -4.04 -18.92
N TYR B 290 2.40 -3.20 -19.92
CA TYR B 290 3.05 -1.90 -19.97
C TYR B 290 2.71 -1.09 -18.71
N ARG B 291 1.44 -1.18 -18.24
CA ARG B 291 1.04 -0.37 -17.05
C ARG B 291 1.88 -0.69 -15.82
N ASN B 292 2.10 -1.98 -15.58
CA ASN B 292 2.98 -2.49 -14.55
C ASN B 292 4.48 -2.06 -14.72
N TRP B 293 5.05 -2.17 -15.91
CA TRP B 293 6.41 -1.68 -16.12
C TRP B 293 6.47 -0.14 -15.82
N LEU B 294 5.41 0.59 -16.19
CA LEU B 294 5.29 2.05 -15.94
C LEU B 294 5.22 2.37 -14.46
N GLY B 295 4.37 1.60 -13.76
CA GLY B 295 4.29 1.59 -12.31
C GLY B 295 5.62 1.34 -11.64
N LEU B 296 6.43 0.50 -12.27
CA LEU B 296 7.76 0.22 -11.74
C LEU B 296 8.77 1.34 -11.98
N ASN B 297 8.65 2.05 -13.10
CA ASN B 297 9.63 3.05 -13.43
C ASN B 297 9.21 4.39 -12.82
N LYS B 298 7.93 4.55 -12.51
CA LYS B 298 7.52 5.74 -11.77
C LYS B 298 7.73 5.52 -10.29
N GLY B 299 7.84 4.28 -9.87
CA GLY B 299 8.01 3.94 -8.47
C GLY B 299 6.71 3.82 -7.69
N ASP B 300 5.56 3.85 -8.36
CA ASP B 300 4.28 3.82 -7.62
C ASP B 300 3.51 2.48 -7.67
N LEU B 301 4.14 1.46 -8.27
CA LEU B 301 3.49 0.15 -8.36
C LEU B 301 3.14 -0.38 -6.95
N ALA B 302 1.90 -0.80 -6.75
CA ALA B 302 1.49 -1.29 -5.45
C ALA B 302 0.76 -2.61 -5.61
N ALA B 303 0.74 -3.42 -4.56
CA ALA B 303 0.07 -4.73 -4.64
C ALA B 303 -0.27 -5.40 -3.28
N ALA B 304 -1.47 -5.99 -3.20
CA ALA B 304 -1.90 -6.89 -2.10
C ALA B 304 -1.11 -8.21 -2.09
N LEU B 313 -1.47 -3.40 1.40
CA LEU B 313 -0.81 -3.00 0.13
C LEU B 313 0.77 -2.77 0.14
N ARG B 314 1.54 -3.83 -0.08
CA ARG B 314 3.03 -3.74 -0.34
C ARG B 314 3.46 -2.80 -1.48
N VAL B 315 4.56 -2.10 -1.24
CA VAL B 315 5.09 -1.13 -2.20
C VAL B 315 6.61 -1.33 -2.43
N LEU B 316 7.16 -0.61 -3.41
CA LEU B 316 8.60 -0.69 -3.74
C LEU B 316 9.39 -0.32 -2.51
N ASN B 317 10.44 -1.07 -2.22
CA ASN B 317 11.23 -0.77 -1.00
C ASN B 317 12.08 0.55 -1.11
N ARG B 318 12.13 1.31 -0.02
CA ARG B 318 13.06 2.45 0.11
C ARG B 318 14.49 1.93 0.16
N ASP B 319 15.44 2.83 -0.10
CA ASP B 319 16.87 2.51 0.04
C ASP B 319 17.24 2.33 1.48
N ARG B 320 18.42 1.79 1.75
CA ARG B 320 18.80 1.45 3.11
C ARG B 320 19.99 2.24 3.62
N ASN B 321 19.77 3.00 4.73
CA ASN B 321 20.81 3.87 5.34
C ASN B 321 21.62 3.22 6.43
N TYR B 322 22.92 3.42 6.43
CA TYR B 322 23.74 2.86 7.48
C TYR B 322 24.72 3.90 8.06
N THR B 323 25.32 3.55 9.19
CA THR B 323 26.36 4.34 9.76
C THR B 323 27.57 3.60 9.32
N ALA B 324 28.58 4.36 8.89
CA ALA B 324 29.78 3.79 8.34
C ALA B 324 30.63 3.49 9.56
N PRO B 325 31.55 2.52 9.47
CA PRO B 325 32.52 2.36 10.56
C PRO B 325 33.14 3.72 11.01
N GLY B 326 33.46 4.56 10.03
CA GLY B 326 34.19 5.81 10.26
C GLY B 326 33.30 6.89 10.86
N GLY B 327 32.02 6.84 10.52
CA GLY B 327 31.05 7.50 11.36
C GLY B 327 29.87 8.23 10.75
N GLY B 328 29.79 8.39 9.44
CA GLY B 328 28.64 9.12 8.95
C GLY B 328 27.66 8.10 8.39
N GLN B 329 26.65 8.62 7.68
CA GLN B 329 25.64 7.84 7.01
C GLN B 329 26.00 7.70 5.57
N PHE B 330 25.58 6.56 5.01
CA PHE B 330 25.54 6.28 3.56
C PHE B 330 24.31 5.41 3.26
N THR B 331 24.04 5.20 1.98
CA THR B 331 22.79 4.59 1.51
C THR B 331 23.11 3.64 0.39
N LEU B 332 22.67 2.37 0.60
CA LEU B 332 22.66 1.26 -0.39
C LEU B 332 21.33 1.19 -1.12
N PRO B 333 21.36 0.71 -2.38
CA PRO B 333 20.07 0.62 -3.09
C PRO B 333 19.21 -0.45 -2.40
N GLY B 334 17.90 -0.18 -2.35
CA GLY B 334 16.96 -1.02 -1.67
C GLY B 334 16.31 -1.97 -2.64
N ARG B 335 16.46 -1.66 -3.92
CA ARG B 335 15.80 -2.36 -4.98
C ARG B 335 16.78 -2.96 -6.00
N SER B 336 16.36 -4.08 -6.62
CA SER B 336 17.08 -4.63 -7.75
C SER B 336 17.05 -3.67 -8.89
N LEU B 337 18.11 -3.71 -9.69
CA LEU B 337 18.21 -2.97 -10.93
C LEU B 337 17.34 -3.71 -11.91
N MET B 338 16.55 -3.00 -12.71
CA MET B 338 15.59 -3.67 -13.55
C MET B 338 15.98 -3.63 -15.01
N PHE B 339 16.07 -4.80 -15.62
CA PHE B 339 15.89 -5.00 -17.06
C PHE B 339 14.44 -5.27 -17.38
N VAL B 340 14.04 -4.99 -18.62
CA VAL B 340 12.81 -5.48 -19.16
C VAL B 340 13.18 -6.45 -20.30
N ARG B 341 12.57 -7.63 -20.32
CA ARG B 341 12.68 -8.56 -21.48
C ARG B 341 11.55 -8.31 -22.45
N ASN B 342 11.85 -7.70 -23.58
CA ASN B 342 10.88 -7.53 -24.66
C ASN B 342 10.80 -8.89 -25.36
N VAL B 343 9.78 -9.07 -26.18
CA VAL B 343 9.65 -10.26 -27.00
C VAL B 343 10.68 -10.15 -28.12
N GLY B 344 11.00 -11.28 -28.77
CA GLY B 344 11.93 -11.34 -29.89
C GLY B 344 11.25 -11.02 -31.17
N HIS B 345 11.84 -11.38 -32.29
CA HIS B 345 11.50 -10.87 -33.62
C HIS B 345 10.26 -11.54 -34.28
N LEU B 346 9.76 -12.66 -33.75
CA LEU B 346 8.76 -13.49 -34.51
C LEU B 346 7.31 -12.95 -34.58
N MET B 347 6.68 -12.79 -33.42
CA MET B 347 5.23 -12.50 -33.36
C MET B 347 4.87 -11.07 -33.76
N THR B 348 3.71 -10.94 -34.37
CA THR B 348 2.99 -9.69 -34.50
C THR B 348 1.89 -9.66 -33.43
N ASN B 349 1.29 -8.49 -33.24
CA ASN B 349 0.26 -8.33 -32.24
C ASN B 349 -0.71 -7.23 -32.71
N ASP B 350 -2.01 -7.47 -32.49
CA ASP B 350 -3.08 -6.62 -33.04
C ASP B 350 -3.36 -5.41 -32.17
N ALA B 351 -2.42 -5.13 -31.28
CA ALA B 351 -2.43 -3.89 -30.48
C ALA B 351 -2.34 -2.65 -31.38
N ILE B 352 -1.59 -2.79 -32.48
CA ILE B 352 -1.64 -1.87 -33.64
C ILE B 352 -1.78 -2.69 -34.93
N VAL B 353 -2.42 -2.11 -35.93
CA VAL B 353 -2.54 -2.72 -37.27
C VAL B 353 -2.38 -1.64 -38.35
N ASP B 354 -2.20 -2.01 -39.62
CA ASP B 354 -2.12 -0.99 -40.68
C ASP B 354 -3.43 -0.78 -41.44
N THR B 355 -3.44 0.14 -42.41
CA THR B 355 -4.65 0.51 -43.14
C THR B 355 -5.33 -0.72 -43.78
N ASP B 356 -4.57 -1.77 -44.08
CA ASP B 356 -5.21 -3.03 -44.50
C ASP B 356 -5.05 -4.20 -43.50
N GLY B 357 -5.05 -3.86 -42.21
CA GLY B 357 -5.33 -4.80 -41.12
C GLY B 357 -4.22 -5.72 -40.64
N SER B 358 -3.06 -5.68 -41.30
CA SER B 358 -1.97 -6.56 -40.89
C SER B 358 -1.52 -6.15 -39.50
N GLU B 359 -1.29 -7.14 -38.64
CA GLU B 359 -0.75 -6.86 -37.30
C GLU B 359 0.67 -6.37 -37.42
N VAL B 360 1.07 -5.52 -36.47
CA VAL B 360 2.44 -4.97 -36.46
C VAL B 360 3.32 -5.82 -35.54
N PHE B 361 4.60 -5.94 -35.89
CA PHE B 361 5.56 -6.72 -35.08
C PHE B 361 5.56 -6.24 -33.67
N GLU B 362 5.47 -7.19 -32.76
CA GLU B 362 5.31 -6.94 -31.35
C GLU B 362 6.68 -6.52 -30.75
N GLY B 363 7.79 -7.06 -31.24
CA GLY B 363 9.10 -6.73 -30.69
C GLY B 363 9.46 -5.28 -30.96
N ILE B 364 9.11 -4.80 -32.15
CA ILE B 364 9.25 -3.37 -32.49
C ILE B 364 8.39 -2.48 -31.56
N MET B 365 7.19 -2.94 -31.17
CA MET B 365 6.30 -2.12 -30.32
C MET B 365 6.85 -2.12 -28.92
N ASP B 366 7.26 -3.30 -28.44
CA ASP B 366 7.89 -3.37 -27.14
C ASP B 366 9.08 -2.41 -26.96
N ALA B 367 9.94 -2.27 -27.96
CA ALA B 367 11.13 -1.42 -27.88
C ALA B 367 10.67 0.02 -27.71
N LEU B 368 9.83 0.45 -28.65
CA LEU B 368 9.12 1.72 -28.53
C LEU B 368 8.48 2.03 -27.17
N PHE B 369 7.59 1.16 -26.69
CA PHE B 369 6.87 1.48 -25.47
C PHE B 369 7.60 1.17 -24.19
N THR B 370 8.25 -0.01 -24.09
CA THR B 370 9.09 -0.25 -22.90
C THR B 370 10.18 0.85 -22.81
N GLY B 371 10.71 1.30 -23.96
CA GLY B 371 11.77 2.32 -23.99
C GLY B 371 11.18 3.61 -23.48
N LEU B 372 9.96 3.94 -23.94
CA LEU B 372 9.25 5.12 -23.47
C LEU B 372 9.10 5.14 -21.96
N ILE B 373 8.44 4.12 -21.43
CA ILE B 373 8.10 4.02 -20.01
C ILE B 373 9.34 4.12 -19.14
N ALA B 374 10.43 3.54 -19.65
CA ALA B 374 11.75 3.47 -19.00
C ALA B 374 12.36 4.85 -18.69
N ILE B 375 11.97 5.86 -19.47
CA ILE B 375 12.41 7.23 -19.21
C ILE B 375 12.09 7.68 -17.78
N HIS B 376 10.89 7.39 -17.28
CA HIS B 376 10.54 7.80 -15.91
C HIS B 376 11.47 7.21 -14.82
N GLY B 377 12.12 6.09 -15.14
CA GLY B 377 13.06 5.44 -14.23
C GLY B 377 14.46 6.04 -14.25
N LEU B 378 14.72 6.90 -15.23
CA LEU B 378 15.99 7.68 -15.33
C LEU B 378 16.05 8.99 -14.53
N LYS B 379 14.92 9.45 -14.02
CA LYS B 379 14.93 10.68 -13.20
C LYS B 379 13.92 10.63 -12.09
N ALA B 380 14.11 11.50 -11.10
CA ALA B 380 13.30 11.59 -9.92
C ALA B 380 12.67 12.96 -9.92
N SER B 381 11.35 13.01 -10.09
CA SER B 381 10.59 14.25 -10.05
C SER B 381 9.17 13.89 -9.63
N ASP B 382 8.27 14.86 -9.63
CA ASP B 382 6.86 14.57 -9.37
C ASP B 382 6.18 13.91 -10.55
N VAL B 383 6.54 14.37 -11.76
CA VAL B 383 6.03 13.77 -12.97
C VAL B 383 6.58 12.34 -13.09
N ASN B 384 7.89 12.19 -13.07
CA ASN B 384 8.47 10.88 -13.30
C ASN B 384 8.33 9.92 -12.16
N GLY B 385 7.75 10.38 -11.07
CA GLY B 385 7.78 9.62 -9.83
C GLY B 385 9.17 9.75 -9.28
N PRO B 386 9.40 9.27 -8.05
CA PRO B 386 10.70 9.38 -7.42
C PRO B 386 11.69 8.25 -7.71
N LEU B 387 11.25 7.08 -8.20
CA LEU B 387 12.20 5.98 -8.50
C LEU B 387 13.26 6.37 -9.54
N ILE B 388 14.50 5.97 -9.26
CA ILE B 388 15.54 6.01 -10.24
C ILE B 388 15.97 4.57 -10.37
N ASN B 389 16.21 4.11 -11.61
CA ASN B 389 16.55 2.71 -11.87
C ASN B 389 18.01 2.59 -12.30
N SER B 390 18.52 3.63 -12.96
CA SER B 390 19.89 3.65 -13.51
C SER B 390 20.62 4.92 -13.10
N ARG B 391 21.74 4.80 -12.38
CA ARG B 391 22.60 5.96 -12.09
C ARG B 391 23.08 6.70 -13.31
N THR B 392 23.20 5.98 -14.42
CA THR B 392 23.85 6.58 -15.56
C THR B 392 22.91 6.80 -16.73
N GLY B 393 21.61 6.85 -16.42
CA GLY B 393 20.57 6.98 -17.46
C GLY B 393 20.51 5.90 -18.55
N SER B 394 21.04 4.70 -18.27
CA SER B 394 20.92 3.57 -19.21
C SER B 394 19.54 2.84 -19.04
N ILE B 395 19.04 2.29 -20.13
CA ILE B 395 17.82 1.51 -20.14
C ILE B 395 18.32 0.09 -20.54
N TYR B 396 17.83 -0.96 -19.86
CA TYR B 396 18.35 -2.29 -20.05
C TYR B 396 17.29 -3.25 -20.60
N ILE B 397 17.48 -3.68 -21.84
CA ILE B 397 16.53 -4.49 -22.53
C ILE B 397 17.12 -5.86 -22.82
N VAL B 398 16.43 -6.91 -22.32
CA VAL B 398 16.79 -8.28 -22.68
C VAL B 398 16.04 -8.61 -24.00
N LYS B 399 16.78 -9.10 -25.00
CA LYS B 399 16.23 -9.41 -26.32
C LYS B 399 16.40 -10.90 -26.61
N PRO B 400 15.28 -11.62 -26.60
CA PRO B 400 15.38 -13.08 -26.62
C PRO B 400 15.31 -13.66 -28.06
N LYS B 401 15.70 -14.92 -28.22
CA LYS B 401 15.35 -15.71 -29.41
C LYS B 401 15.90 -15.17 -30.72
N MET B 402 16.97 -14.36 -30.71
CA MET B 402 17.61 -13.91 -31.94
C MET B 402 18.44 -15.04 -32.57
N HIS B 403 18.47 -15.08 -33.93
CA HIS B 403 19.21 -16.09 -34.74
C HIS B 403 20.34 -15.46 -35.54
N GLY B 404 21.54 -15.53 -34.98
CA GLY B 404 22.73 -15.07 -35.65
C GLY B 404 22.89 -13.58 -35.65
N PRO B 405 24.03 -13.05 -36.20
CA PRO B 405 24.42 -11.64 -36.01
C PRO B 405 23.62 -10.67 -36.86
N ALA B 406 23.05 -11.06 -38.00
CA ALA B 406 22.25 -10.06 -38.68
C ALA B 406 21.05 -9.65 -37.78
N GLU B 407 20.50 -10.61 -37.05
CA GLU B 407 19.34 -10.31 -36.19
C GLU B 407 19.71 -9.49 -34.97
N VAL B 408 20.95 -9.62 -34.52
CA VAL B 408 21.47 -8.75 -33.45
C VAL B 408 21.60 -7.30 -33.97
N ALA B 409 22.24 -7.17 -35.14
CA ALA B 409 22.37 -5.89 -35.85
C ALA B 409 21.06 -5.17 -36.00
N PHE B 410 19.97 -5.93 -36.27
CA PHE B 410 18.62 -5.36 -36.49
C PHE B 410 18.04 -4.90 -35.16
N THR B 411 18.22 -5.70 -34.13
CA THR B 411 17.84 -5.23 -32.81
C THR B 411 18.57 -3.94 -32.49
N CYS B 412 19.88 -3.89 -32.84
CA CYS B 412 20.66 -2.64 -32.56
C CYS B 412 20.15 -1.44 -33.32
N GLU B 413 19.97 -1.61 -34.62
CA GLU B 413 19.23 -0.64 -35.45
C GLU B 413 17.87 -0.18 -34.87
N LEU B 414 17.04 -1.12 -34.39
CA LEU B 414 15.70 -0.76 -33.87
C LEU B 414 15.78 0.20 -32.69
N PHE B 415 16.59 -0.18 -31.72
CA PHE B 415 16.98 0.65 -30.60
C PHE B 415 17.46 2.07 -30.94
N SER B 416 18.28 2.18 -31.96
CA SER B 416 18.89 3.42 -32.34
C SER B 416 17.78 4.27 -32.86
N ARG B 417 16.89 3.63 -33.61
CA ARG B 417 15.72 4.29 -34.19
C ARG B 417 14.74 4.80 -33.15
N VAL B 418 14.48 3.95 -32.16
CA VAL B 418 13.58 4.22 -31.06
C VAL B 418 14.16 5.36 -30.20
N GLU B 419 15.49 5.45 -30.17
CA GLU B 419 16.15 6.48 -29.39
C GLU B 419 15.90 7.83 -30.03
N ASP B 420 15.97 7.90 -31.35
CA ASP B 420 15.63 9.15 -32.02
C ASP B 420 14.21 9.61 -31.65
N VAL B 421 13.25 8.68 -31.74
CA VAL B 421 11.85 9.02 -31.47
C VAL B 421 11.68 9.49 -30.03
N LEU B 422 12.40 8.84 -29.11
CA LEU B 422 12.37 9.26 -27.71
C LEU B 422 13.21 10.53 -27.45
N GLY B 423 14.09 10.88 -28.37
CA GLY B 423 14.97 12.03 -28.19
C GLY B 423 15.98 11.69 -27.11
N LEU B 424 16.44 10.42 -27.15
CA LEU B 424 17.48 9.90 -26.24
C LEU B 424 18.90 9.80 -26.84
N PRO B 425 19.93 10.03 -25.99
CA PRO B 425 21.31 9.88 -26.50
C PRO B 425 21.45 8.50 -27.12
N GLN B 426 22.22 8.39 -28.21
CA GLN B 426 22.36 7.08 -28.85
C GLN B 426 23.04 6.15 -27.90
N ASN B 427 22.59 4.90 -27.91
CA ASN B 427 23.16 3.79 -27.11
C ASN B 427 22.71 3.79 -25.65
N THR B 428 21.79 4.69 -25.27
CA THR B 428 21.13 4.66 -23.98
C THR B 428 20.48 3.27 -23.73
N MET B 429 19.92 2.69 -24.79
CA MET B 429 19.26 1.35 -24.72
C MET B 429 20.26 0.13 -24.88
N LYS B 430 20.58 -0.47 -23.76
CA LYS B 430 21.53 -1.55 -23.64
C LYS B 430 20.85 -2.88 -23.84
N ILE B 431 21.62 -3.85 -24.33
CA ILE B 431 21.04 -5.10 -24.79
C ILE B 431 21.63 -6.28 -24.03
N GLY B 432 20.78 -7.04 -23.34
CA GLY B 432 21.12 -8.31 -22.77
C GLY B 432 20.77 -9.32 -23.82
N ILE B 433 21.79 -10.02 -24.31
CA ILE B 433 21.64 -10.98 -25.41
C ILE B 433 21.41 -12.42 -24.93
N MET B 434 20.21 -12.95 -25.14
CA MET B 434 20.05 -14.42 -24.87
C MET B 434 20.84 -15.17 -25.95
N ASP B 435 21.71 -16.07 -25.53
CA ASP B 435 22.27 -17.07 -26.44
C ASP B 435 21.43 -18.36 -26.27
N GLU B 436 20.42 -18.55 -27.12
CA GLU B 436 19.38 -19.59 -26.87
C GLU B 436 18.75 -20.08 -28.19
N GLU B 437 19.39 -19.73 -29.32
CA GLU B 437 19.17 -20.29 -30.63
C GLU B 437 20.55 -20.70 -31.19
N ARG B 438 20.61 -21.86 -31.87
CA ARG B 438 21.82 -22.48 -32.38
C ARG B 438 22.63 -21.61 -33.35
N ARG B 439 21.95 -20.77 -34.15
CA ARG B 439 22.62 -19.96 -35.18
C ARG B 439 23.30 -18.70 -34.53
N THR B 440 22.91 -18.38 -33.30
CA THR B 440 23.59 -17.47 -32.44
C THR B 440 24.72 -18.22 -31.76
N THR B 441 24.45 -19.42 -31.22
CA THR B 441 25.51 -20.11 -30.54
C THR B 441 26.75 -20.26 -31.47
N VAL B 442 26.52 -20.65 -32.74
CA VAL B 442 27.64 -20.97 -33.61
C VAL B 442 28.26 -19.69 -34.18
N ASN B 443 27.63 -18.54 -33.94
CA ASN B 443 28.14 -17.27 -34.48
C ASN B 443 28.22 -16.24 -33.35
N LEU B 444 28.44 -16.72 -32.13
CA LEU B 444 28.18 -15.88 -30.92
C LEU B 444 29.10 -14.65 -30.92
N LYS B 445 30.40 -14.88 -31.19
CA LYS B 445 31.39 -13.77 -31.30
C LYS B 445 30.88 -12.67 -32.22
N ALA B 446 30.47 -13.03 -33.43
CA ALA B 446 29.88 -12.05 -34.38
C ALA B 446 28.63 -11.37 -33.78
N CYS B 447 27.83 -12.10 -33.01
CA CYS B 447 26.59 -11.55 -32.44
C CYS B 447 26.99 -10.48 -31.41
N ILE B 448 27.91 -10.83 -30.51
CA ILE B 448 28.46 -9.89 -29.58
C ILE B 448 29.03 -8.67 -30.34
N LYS B 449 29.87 -8.91 -31.35
CA LYS B 449 30.47 -7.80 -32.10
C LYS B 449 29.40 -6.86 -32.72
N ALA B 450 28.24 -7.41 -33.11
CA ALA B 450 27.18 -6.63 -33.78
C ALA B 450 26.56 -5.63 -32.82
N ALA B 451 26.69 -5.95 -31.54
CA ALA B 451 26.18 -5.13 -30.40
C ALA B 451 27.27 -4.62 -29.43
N ALA B 452 28.49 -4.39 -29.93
CA ALA B 452 29.68 -4.16 -29.09
C ALA B 452 29.62 -2.88 -28.22
N ASP B 453 28.68 -2.00 -28.58
CA ASP B 453 28.55 -0.71 -27.94
C ASP B 453 27.26 -0.58 -27.09
N ARG B 454 26.48 -1.64 -27.08
CA ARG B 454 25.24 -1.72 -26.37
C ARG B 454 25.15 -2.92 -25.42
N VAL B 455 25.97 -3.93 -25.62
CA VAL B 455 25.71 -5.23 -24.98
C VAL B 455 26.07 -5.14 -23.48
N VAL B 456 25.18 -5.60 -22.58
CA VAL B 456 25.46 -5.64 -21.14
C VAL B 456 25.37 -7.04 -20.53
N PHE B 457 24.93 -8.00 -21.34
CA PHE B 457 25.08 -9.42 -20.98
C PHE B 457 24.98 -10.35 -22.13
N ILE B 458 25.46 -11.55 -21.95
CA ILE B 458 24.99 -12.66 -22.75
C ILE B 458 24.57 -13.66 -21.69
N ASN B 459 23.69 -14.59 -22.09
CA ASN B 459 23.18 -15.58 -21.16
C ASN B 459 22.76 -16.83 -21.92
N THR B 460 23.08 -17.99 -21.40
CA THR B 460 22.78 -19.21 -22.11
C THR B 460 21.37 -19.66 -21.69
N GLY B 461 20.39 -19.26 -22.47
CA GLY B 461 19.00 -19.76 -22.25
C GLY B 461 18.93 -21.20 -22.74
N PHE B 462 19.45 -22.11 -21.93
CA PHE B 462 19.63 -23.49 -22.32
C PHE B 462 18.32 -24.21 -22.74
N LEU B 463 17.16 -23.73 -22.29
CA LEU B 463 15.89 -24.40 -22.55
C LEU B 463 15.42 -24.09 -23.96
N ASP B 464 15.28 -22.82 -24.29
CA ASP B 464 15.02 -22.46 -25.69
C ASP B 464 16.01 -23.13 -26.60
N ARG B 465 17.27 -23.12 -26.16
CA ARG B 465 18.39 -23.68 -26.90
C ARG B 465 18.21 -25.17 -27.25
N THR B 466 17.83 -25.99 -26.26
CA THR B 466 17.46 -27.38 -26.45
C THR B 466 16.31 -27.48 -27.46
N GLY B 467 15.29 -26.64 -27.37
CA GLY B 467 14.22 -26.68 -28.37
C GLY B 467 14.59 -26.32 -29.79
N ASP B 468 15.39 -25.28 -29.99
CA ASP B 468 16.03 -25.01 -31.30
C ASP B 468 16.95 -26.15 -31.80
N GLU B 469 17.61 -26.83 -30.87
CA GLU B 469 18.52 -27.94 -31.23
C GLU B 469 17.66 -29.05 -31.82
N ILE B 470 16.48 -29.24 -31.20
CA ILE B 470 15.57 -30.31 -31.63
C ILE B 470 14.97 -29.95 -32.97
N HIS B 471 14.44 -28.73 -33.08
CA HIS B 471 13.84 -28.33 -34.33
C HIS B 471 14.87 -28.33 -35.46
N THR B 472 16.06 -27.77 -35.25
CA THR B 472 17.00 -27.60 -36.37
C THR B 472 17.32 -28.93 -37.04
N SER B 473 17.47 -29.98 -36.24
CA SER B 473 17.96 -31.26 -36.76
C SER B 473 16.83 -32.29 -36.75
N MET B 474 15.59 -31.79 -36.66
CA MET B 474 14.33 -32.55 -36.79
C MET B 474 14.40 -33.76 -37.71
N GLU B 475 14.93 -33.55 -38.91
CA GLU B 475 14.93 -34.63 -39.93
C GLU B 475 16.15 -35.56 -39.86
N ALA B 476 17.13 -35.26 -39.02
CA ALA B 476 18.31 -36.09 -38.97
C ALA B 476 17.99 -37.47 -38.43
N GLY B 477 16.91 -37.57 -37.67
CA GLY B 477 16.59 -38.81 -36.96
C GLY B 477 16.09 -38.49 -35.55
N PRO B 478 15.75 -39.53 -34.77
CA PRO B 478 15.17 -39.38 -33.44
C PRO B 478 16.22 -38.95 -32.41
N MET B 479 15.84 -37.96 -31.60
CA MET B 479 16.70 -37.43 -30.58
C MET B 479 16.74 -38.33 -29.32
N VAL B 480 17.74 -38.07 -28.48
CA VAL B 480 17.77 -38.59 -27.11
C VAL B 480 16.54 -38.09 -26.33
N ARG B 481 16.13 -38.84 -25.31
CA ARG B 481 15.13 -38.37 -24.35
C ARG B 481 15.58 -37.03 -23.75
N LYS B 482 14.64 -36.27 -23.22
CA LYS B 482 14.90 -34.86 -22.94
C LYS B 482 15.72 -34.63 -21.65
N GLY B 483 15.60 -35.59 -20.72
CA GLY B 483 16.41 -35.64 -19.51
C GLY B 483 17.82 -36.12 -19.78
N THR B 484 18.05 -36.61 -20.98
CA THR B 484 19.36 -37.18 -21.37
C THR B 484 20.18 -36.13 -22.10
N MET B 485 19.53 -35.04 -22.51
CA MET B 485 20.22 -33.92 -23.21
C MET B 485 21.33 -33.30 -22.39
N LYS B 486 21.17 -33.32 -21.07
CA LYS B 486 22.14 -32.64 -20.24
C LYS B 486 23.57 -33.17 -20.47
N SER B 487 23.70 -34.41 -20.90
CA SER B 487 25.05 -34.96 -21.06
C SER B 487 25.53 -35.00 -22.52
N GLN B 488 24.83 -34.32 -23.41
CA GLN B 488 25.23 -34.38 -24.83
C GLN B 488 26.37 -33.38 -25.07
N PRO B 489 27.31 -33.68 -25.98
CA PRO B 489 28.41 -32.75 -26.29
C PRO B 489 27.96 -31.34 -26.69
N TRP B 490 26.84 -31.23 -27.38
CA TRP B 490 26.49 -29.90 -27.88
C TRP B 490 26.19 -28.88 -26.71
N ILE B 491 25.59 -29.39 -25.62
CA ILE B 491 25.12 -28.49 -24.54
C ILE B 491 26.33 -28.14 -23.65
N LEU B 492 27.30 -29.08 -23.54
CA LEU B 492 28.51 -28.83 -22.77
C LEU B 492 29.37 -27.79 -23.47
N ALA B 493 29.57 -28.00 -24.77
CA ALA B 493 30.32 -27.10 -25.61
C ALA B 493 29.66 -25.71 -25.56
N TYR B 494 28.38 -25.69 -25.90
CA TYR B 494 27.55 -24.46 -25.80
C TYR B 494 27.75 -23.61 -24.52
N GLU B 495 27.59 -24.19 -23.34
CA GLU B 495 27.89 -23.44 -22.07
C GLU B 495 29.31 -22.87 -21.92
N ASP B 496 30.36 -23.69 -22.19
CA ASP B 496 31.73 -23.19 -22.10
C ASP B 496 32.02 -22.16 -23.15
N HIS B 497 31.50 -22.36 -24.36
CA HIS B 497 31.75 -21.46 -25.48
C HIS B 497 31.16 -20.08 -25.22
N ASN B 498 30.05 -20.02 -24.50
CA ASN B 498 29.46 -18.74 -24.18
C ASN B 498 30.37 -17.96 -23.23
N VAL B 499 30.87 -18.64 -22.21
CA VAL B 499 31.75 -18.05 -21.26
C VAL B 499 33.06 -17.59 -21.97
N ASP B 500 33.71 -18.47 -22.76
CA ASP B 500 34.90 -18.08 -23.48
C ASP B 500 34.67 -16.84 -24.33
N ALA B 501 33.55 -16.80 -25.08
CA ALA B 501 33.31 -15.62 -25.95
C ALA B 501 33.12 -14.33 -25.17
N GLY B 502 32.36 -14.38 -24.08
CA GLY B 502 32.29 -13.22 -23.22
C GLY B 502 33.58 -12.81 -22.62
N LEU B 503 34.37 -13.73 -22.08
CA LEU B 503 35.60 -13.24 -21.43
C LEU B 503 36.51 -12.69 -22.55
N ALA B 504 36.59 -13.39 -23.70
CA ALA B 504 37.48 -12.92 -24.78
C ALA B 504 37.04 -11.54 -25.31
N ALA B 505 35.74 -11.21 -25.27
CA ALA B 505 35.27 -9.89 -25.67
C ALA B 505 35.48 -8.83 -24.60
N GLY B 506 36.14 -9.16 -23.47
CA GLY B 506 36.33 -8.20 -22.39
C GLY B 506 35.11 -7.91 -21.49
N PHE B 507 34.26 -8.91 -21.25
CA PHE B 507 33.09 -8.76 -20.33
C PHE B 507 33.49 -8.53 -18.85
N SER B 508 34.55 -9.18 -18.46
CA SER B 508 34.84 -9.25 -17.05
C SER B 508 35.14 -7.79 -16.65
N GLY B 509 34.29 -7.22 -15.79
CA GLY B 509 34.35 -5.84 -15.39
C GLY B 509 33.53 -4.89 -16.25
N ARG B 510 32.79 -5.44 -17.19
CA ARG B 510 32.07 -4.62 -18.15
C ARG B 510 30.62 -5.12 -18.45
N ALA B 511 30.35 -6.42 -18.33
CA ALA B 511 29.06 -7.01 -18.81
C ALA B 511 28.88 -8.33 -18.09
N GLN B 512 27.61 -8.75 -17.82
CA GLN B 512 27.38 -10.08 -17.21
C GLN B 512 27.63 -11.25 -18.13
N VAL B 513 28.14 -12.31 -17.54
CA VAL B 513 28.20 -13.59 -18.27
C VAL B 513 27.25 -14.47 -17.51
N GLY B 514 26.06 -14.63 -18.09
CA GLY B 514 25.02 -15.35 -17.41
C GLY B 514 24.72 -16.79 -17.84
N LYS B 515 24.22 -17.57 -16.89
CA LYS B 515 23.70 -18.95 -17.16
C LYS B 515 22.24 -19.08 -16.70
N GLY B 516 21.69 -20.28 -16.82
CA GLY B 516 20.24 -20.35 -16.91
C GLY B 516 19.42 -20.63 -15.65
N MET B 517 18.13 -20.85 -15.86
CA MET B 517 17.14 -21.04 -14.78
C MET B 517 17.17 -22.38 -14.02
N TRP B 518 17.01 -22.28 -12.70
CA TRP B 518 16.65 -23.38 -11.87
C TRP B 518 15.12 -23.51 -11.89
N THR B 519 14.60 -24.67 -12.27
CA THR B 519 13.16 -24.87 -12.48
C THR B 519 12.50 -25.78 -11.45
N MET B 520 13.27 -26.56 -10.70
CA MET B 520 12.61 -27.25 -9.61
C MET B 520 12.52 -26.44 -8.32
N THR B 521 11.43 -25.68 -8.30
CA THR B 521 11.15 -24.62 -7.35
C THR B 521 11.13 -25.11 -5.90
N GLU B 522 10.92 -26.41 -5.69
CA GLU B 522 10.77 -26.90 -4.32
C GLU B 522 12.02 -27.59 -3.80
N LEU B 523 12.95 -27.89 -4.72
CA LEU B 523 14.17 -28.60 -4.37
C LEU B 523 15.28 -27.55 -4.18
N MET B 524 15.06 -26.73 -3.16
CA MET B 524 15.94 -25.64 -2.81
C MET B 524 17.21 -26.23 -2.25
N ALA B 525 17.06 -27.30 -1.44
CA ALA B 525 18.16 -28.13 -0.93
C ALA B 525 19.08 -28.57 -2.04
N ASP B 526 18.46 -28.91 -3.17
CA ASP B 526 19.15 -29.37 -4.38
C ASP B 526 19.81 -28.23 -5.16
N MET B 527 19.13 -27.09 -5.26
CA MET B 527 19.71 -25.92 -5.90
C MET B 527 21.00 -25.49 -5.18
N VAL B 528 20.90 -25.28 -3.85
CA VAL B 528 22.05 -25.03 -3.00
C VAL B 528 23.25 -25.99 -3.19
N GLU B 529 23.00 -27.28 -3.26
CA GLU B 529 24.08 -28.22 -3.57
C GLU B 529 24.54 -28.19 -5.05
N THR B 530 23.65 -27.96 -6.00
CA THR B 530 24.07 -28.14 -7.38
C THR B 530 24.40 -26.87 -8.19
N LYS B 531 23.65 -25.80 -7.94
CA LYS B 531 23.67 -24.62 -8.79
C LYS B 531 24.95 -23.83 -8.55
N ILE B 532 25.68 -24.19 -7.50
CA ILE B 532 27.05 -23.71 -7.32
C ILE B 532 27.92 -23.83 -8.58
N ALA B 533 27.62 -24.79 -9.47
CA ALA B 533 28.41 -25.04 -10.68
C ALA B 533 28.50 -23.85 -11.65
N GLN B 534 27.40 -23.13 -11.77
CA GLN B 534 27.33 -21.91 -12.57
C GLN B 534 28.34 -20.81 -12.12
N PRO B 535 28.21 -20.28 -10.88
CA PRO B 535 29.32 -19.42 -10.53
C PRO B 535 30.69 -20.08 -10.69
N ARG B 536 30.77 -21.37 -10.39
CA ARG B 536 32.05 -22.06 -10.53
C ARG B 536 32.52 -22.13 -11.99
N ALA B 537 31.61 -22.02 -12.96
CA ALA B 537 32.02 -22.06 -14.38
C ALA B 537 32.39 -20.65 -14.88
N GLY B 538 32.49 -19.68 -13.93
CA GLY B 538 32.72 -18.27 -14.28
C GLY B 538 31.57 -17.44 -14.81
N ALA B 539 30.32 -17.90 -14.67
CA ALA B 539 29.18 -16.95 -14.83
C ALA B 539 29.12 -15.91 -13.68
N SER B 540 29.04 -14.65 -14.01
CA SER B 540 28.78 -13.63 -12.97
C SER B 540 27.29 -13.49 -12.57
N THR B 541 26.42 -14.22 -13.25
CA THR B 541 25.03 -14.27 -12.85
C THR B 541 24.38 -15.53 -13.39
N ALA B 542 23.32 -15.96 -12.70
CA ALA B 542 22.46 -17.02 -13.22
C ALA B 542 21.03 -16.80 -12.72
N TRP B 543 20.09 -17.45 -13.40
CA TRP B 543 18.69 -17.17 -13.22
C TRP B 543 18.09 -18.00 -12.11
N VAL B 544 17.29 -17.35 -11.29
CA VAL B 544 16.58 -17.98 -10.17
C VAL B 544 15.12 -17.58 -10.37
N PRO B 545 14.16 -18.48 -10.01
CA PRO B 545 12.72 -18.33 -10.30
C PRO B 545 11.91 -17.57 -9.24
N SER B 546 12.49 -17.34 -8.05
CA SER B 546 11.84 -16.56 -7.01
C SER B 546 12.83 -15.80 -6.04
N PRO B 547 12.30 -14.80 -5.30
CA PRO B 547 13.08 -14.05 -4.29
C PRO B 547 13.76 -14.99 -3.28
N THR B 548 13.01 -16.02 -2.87
CA THR B 548 13.55 -17.10 -2.08
C THR B 548 14.79 -17.83 -2.74
N ALA B 549 14.62 -18.40 -3.92
CA ALA B 549 15.75 -19.04 -4.61
C ALA B 549 16.97 -18.04 -4.78
N ALA B 550 16.67 -16.76 -4.99
CA ALA B 550 17.73 -15.73 -5.15
C ALA B 550 18.49 -15.57 -3.82
N THR B 551 17.81 -15.72 -2.69
CA THR B 551 18.49 -15.55 -1.39
C THR B 551 19.42 -16.74 -1.13
N LEU B 552 19.03 -17.88 -1.66
CA LEU B 552 19.78 -19.13 -1.48
C LEU B 552 20.91 -19.30 -2.50
N HIS B 553 20.67 -18.91 -3.75
CA HIS B 553 21.71 -18.86 -4.75
C HIS B 553 22.81 -17.85 -4.35
N ALA B 554 22.42 -16.68 -3.81
CA ALA B 554 23.41 -15.74 -3.27
C ALA B 554 24.46 -16.44 -2.45
N LEU B 555 24.08 -17.56 -1.84
CA LEU B 555 25.00 -18.31 -0.96
C LEU B 555 26.26 -18.73 -1.72
N HIS B 556 26.06 -19.00 -3.00
CA HIS B 556 27.07 -19.54 -3.90
C HIS B 556 28.12 -18.49 -4.21
N TYR B 557 27.66 -17.25 -4.37
CA TYR B 557 28.49 -16.14 -4.80
C TYR B 557 29.42 -15.76 -3.70
N HIS B 558 28.97 -15.97 -2.47
CA HIS B 558 29.80 -15.90 -1.29
C HIS B 558 30.89 -16.97 -1.20
N GLN B 559 30.66 -18.19 -1.73
CA GLN B 559 31.68 -19.30 -1.66
C GLN B 559 32.66 -19.26 -2.80
N VAL B 560 32.15 -18.86 -3.96
CA VAL B 560 32.89 -18.83 -5.19
C VAL B 560 33.27 -17.37 -5.45
N ASP B 561 34.57 -17.13 -5.68
CA ASP B 561 35.03 -15.85 -6.14
C ASP B 561 34.96 -15.83 -7.68
N VAL B 562 33.90 -15.21 -8.20
CA VAL B 562 33.61 -15.29 -9.63
C VAL B 562 34.67 -14.52 -10.41
N ALA B 563 35.02 -13.33 -9.92
CA ALA B 563 36.04 -12.52 -10.57
C ALA B 563 37.36 -13.29 -10.81
N ALA B 564 37.80 -14.04 -9.78
CA ALA B 564 38.98 -14.89 -9.81
C ALA B 564 38.82 -16.06 -10.76
N VAL B 565 37.65 -16.70 -10.75
CA VAL B 565 37.40 -17.77 -11.75
C VAL B 565 37.56 -17.23 -13.15
N GLN B 566 36.94 -16.09 -13.45
CA GLN B 566 36.94 -15.50 -14.80
C GLN B 566 38.34 -15.13 -15.22
N GLN B 567 39.16 -14.74 -14.25
CA GLN B 567 40.54 -14.37 -14.52
C GLN B 567 41.32 -15.61 -14.94
N GLY B 568 41.02 -16.74 -14.32
CA GLY B 568 41.73 -17.97 -14.57
C GLY B 568 41.21 -18.69 -15.80
N LEU B 569 40.10 -18.21 -16.38
CA LEU B 569 39.57 -18.76 -17.62
C LEU B 569 40.01 -17.96 -18.84
N ALA B 570 40.44 -16.72 -18.64
CA ALA B 570 41.08 -15.86 -19.66
C ALA B 570 41.84 -16.55 -20.83
N GLY B 571 41.39 -16.39 -22.09
CA GLY B 571 42.21 -16.85 -23.22
C GLY B 571 42.06 -18.34 -23.54
N LYS B 572 41.25 -19.02 -22.74
CA LYS B 572 40.90 -20.40 -22.95
C LYS B 572 39.92 -20.50 -24.13
N ARG B 573 40.18 -21.46 -25.03
CA ARG B 573 39.22 -21.88 -26.05
C ARG B 573 38.84 -23.30 -25.65
N ARG B 574 37.64 -23.50 -25.13
CA ARG B 574 37.28 -24.81 -24.61
C ARG B 574 36.33 -25.63 -25.50
N ALA B 575 35.71 -25.01 -26.49
CA ALA B 575 34.68 -25.66 -27.25
C ALA B 575 35.04 -25.44 -28.70
N THR B 576 34.77 -26.42 -29.57
CA THR B 576 35.08 -26.25 -30.99
C THR B 576 33.75 -26.17 -31.74
N ILE B 577 33.79 -25.55 -32.92
CA ILE B 577 32.65 -25.54 -33.82
C ILE B 577 32.14 -26.96 -33.96
N GLU B 578 32.99 -27.93 -34.26
CA GLU B 578 32.44 -29.26 -34.45
C GLU B 578 31.70 -29.81 -33.23
N GLN B 579 32.21 -29.55 -32.02
CA GLN B 579 31.47 -30.00 -30.86
C GLN B 579 30.10 -29.33 -30.76
N LEU B 580 30.07 -28.05 -31.07
CA LEU B 580 28.88 -27.24 -30.98
C LEU B 580 27.81 -27.78 -31.90
N LEU B 581 28.21 -28.29 -33.07
CA LEU B 581 27.31 -28.82 -34.09
C LEU B 581 27.02 -30.30 -33.96
N THR B 582 27.55 -30.98 -32.96
CA THR B 582 27.18 -32.37 -32.70
C THR B 582 25.68 -32.56 -32.23
N ILE B 583 24.92 -33.17 -33.16
CA ILE B 583 23.49 -33.30 -33.08
C ILE B 583 23.19 -34.45 -32.14
N PRO B 584 22.31 -34.24 -31.12
CA PRO B 584 21.97 -35.25 -30.11
C PRO B 584 21.06 -36.43 -30.59
N LEU B 585 21.50 -37.14 -31.64
CA LEU B 585 20.83 -38.30 -32.15
C LEU B 585 20.89 -39.45 -31.14
N ALA B 586 19.75 -40.09 -30.92
CA ALA B 586 19.68 -41.39 -30.23
C ALA B 586 20.48 -42.47 -30.97
N LYS B 587 21.01 -43.42 -30.20
CA LYS B 587 21.64 -44.65 -30.72
C LYS B 587 20.74 -45.91 -30.58
N GLU B 588 21.38 -47.07 -30.57
CA GLU B 588 20.75 -48.40 -30.31
C GLU B 588 19.36 -48.72 -30.96
N LEU B 589 18.81 -49.88 -30.60
CA LEU B 589 17.36 -50.04 -30.55
C LEU B 589 16.93 -49.44 -29.20
N ALA B 590 17.44 -48.24 -28.93
CA ALA B 590 17.64 -47.64 -27.57
C ALA B 590 16.50 -47.63 -26.52
N TRP B 591 15.32 -48.14 -26.85
CA TRP B 591 14.24 -47.97 -25.90
C TRP B 591 13.35 -49.19 -25.65
N ALA B 592 13.37 -49.62 -24.38
CA ALA B 592 12.36 -50.52 -23.80
C ALA B 592 10.99 -49.85 -23.86
N PRO B 593 9.93 -50.63 -24.16
CA PRO B 593 8.57 -50.13 -24.26
C PRO B 593 8.27 -49.09 -23.20
N ASP B 594 8.68 -49.35 -21.96
CA ASP B 594 8.27 -48.50 -20.85
C ASP B 594 9.24 -47.31 -20.54
N GLU B 595 10.24 -47.15 -21.41
CA GLU B 595 11.01 -45.91 -21.48
C GLU B 595 10.38 -44.95 -22.48
N ILE B 596 9.96 -45.48 -23.64
CA ILE B 596 9.23 -44.67 -24.58
C ILE B 596 7.95 -44.26 -23.86
N ARG B 597 7.36 -45.20 -23.16
CA ARG B 597 6.20 -44.88 -22.35
C ARG B 597 6.40 -43.66 -21.44
N GLU B 598 7.39 -43.75 -20.57
CA GLU B 598 7.67 -42.80 -19.53
C GLU B 598 7.92 -41.41 -20.13
N GLU B 599 8.63 -41.37 -21.26
CA GLU B 599 8.97 -40.13 -21.96
C GLU B 599 7.73 -39.45 -22.50
N VAL B 600 6.89 -40.25 -23.13
CA VAL B 600 5.67 -39.77 -23.71
C VAL B 600 4.66 -39.22 -22.64
N ASP B 601 4.35 -40.04 -21.64
CA ASP B 601 3.49 -39.66 -20.54
C ASP B 601 4.01 -38.43 -19.79
N ASN B 602 5.33 -38.36 -19.62
CA ASN B 602 5.94 -37.28 -18.90
C ASN B 602 5.93 -35.98 -19.73
N ASN B 603 6.20 -36.06 -21.03
CA ASN B 603 6.06 -34.87 -21.88
C ASN B 603 4.62 -34.42 -22.06
N CYS B 604 3.70 -35.36 -22.19
CA CYS B 604 2.31 -34.99 -22.38
C CYS B 604 1.73 -34.31 -21.11
N GLN B 605 2.01 -34.86 -19.94
CA GLN B 605 1.52 -34.32 -18.69
C GLN B 605 2.12 -32.95 -18.46
N SER B 606 3.44 -32.81 -18.65
CA SER B 606 4.05 -31.49 -18.60
C SER B 606 3.52 -30.51 -19.64
N ILE B 607 3.36 -30.92 -20.88
CA ILE B 607 2.72 -30.01 -21.83
C ILE B 607 1.32 -29.63 -21.33
N LEU B 608 0.49 -30.62 -20.99
CA LEU B 608 -0.89 -30.36 -20.61
C LEU B 608 -1.01 -29.44 -19.39
N GLY B 609 -0.05 -29.59 -18.47
CA GLY B 609 -0.09 -28.93 -17.18
C GLY B 609 0.11 -27.44 -17.30
N TYR B 610 1.06 -27.08 -18.16
CA TYR B 610 1.35 -25.71 -18.53
C TYR B 610 0.28 -25.05 -19.43
N VAL B 611 -0.10 -25.75 -20.50
CA VAL B 611 -0.92 -25.13 -21.52
C VAL B 611 -2.36 -24.84 -21.05
N VAL B 612 -2.87 -25.66 -20.11
CA VAL B 612 -4.23 -25.54 -19.66
C VAL B 612 -4.36 -24.18 -18.97
N ARG B 613 -3.41 -23.88 -18.09
CA ARG B 613 -3.43 -22.62 -17.35
C ARG B 613 -3.06 -21.43 -18.26
N TRP B 614 -2.15 -21.68 -19.20
CA TRP B 614 -1.88 -20.75 -20.27
C TRP B 614 -3.15 -20.36 -21.08
N VAL B 615 -3.86 -21.34 -21.62
CA VAL B 615 -4.99 -21.00 -22.50
C VAL B 615 -6.27 -20.58 -21.76
N ASP B 616 -6.52 -21.24 -20.63
CA ASP B 616 -7.78 -21.02 -19.86
C ASP B 616 -7.63 -19.83 -18.94
N GLN B 617 -6.42 -19.43 -18.62
CA GLN B 617 -6.27 -18.34 -17.66
C GLN B 617 -5.25 -17.27 -18.05
N GLY B 618 -4.54 -17.47 -19.16
CA GLY B 618 -3.45 -16.54 -19.50
C GLY B 618 -2.47 -16.43 -18.34
N VAL B 619 -2.12 -17.57 -17.76
CA VAL B 619 -0.93 -17.71 -16.92
C VAL B 619 0.17 -18.33 -17.78
N GLY B 620 1.27 -17.59 -17.93
CA GLY B 620 2.38 -17.95 -18.81
C GLY B 620 3.48 -18.64 -18.03
N CYS B 621 3.19 -18.88 -16.76
CA CYS B 621 4.16 -19.53 -15.90
C CYS B 621 3.54 -20.28 -14.72
N SER B 622 3.56 -21.62 -14.75
CA SER B 622 3.06 -22.42 -13.61
C SER B 622 4.00 -23.53 -13.19
N LYS B 623 3.87 -23.90 -11.92
CA LYS B 623 4.49 -25.11 -11.41
C LYS B 623 3.58 -26.28 -11.69
N VAL B 624 4.13 -27.18 -12.47
CA VAL B 624 3.51 -28.39 -12.93
C VAL B 624 4.44 -29.53 -12.51
N PRO B 625 3.96 -30.39 -11.58
CA PRO B 625 4.60 -31.66 -11.28
C PRO B 625 4.77 -32.55 -12.53
N ASP B 626 5.92 -33.20 -12.61
CA ASP B 626 6.12 -34.18 -13.66
C ASP B 626 5.80 -35.59 -13.17
N ILE B 627 6.07 -36.55 -14.04
CA ILE B 627 5.80 -37.96 -13.81
C ILE B 627 6.33 -38.44 -12.43
N HIS B 628 7.35 -37.76 -11.90
CA HIS B 628 7.99 -38.11 -10.63
C HIS B 628 7.51 -37.21 -9.47
N ASP B 629 6.39 -36.52 -9.71
CA ASP B 629 5.88 -35.46 -8.83
C ASP B 629 6.89 -34.38 -8.40
N VAL B 630 7.85 -34.13 -9.27
CA VAL B 630 8.71 -32.98 -9.08
C VAL B 630 7.98 -31.75 -9.60
N ALA B 631 7.83 -30.79 -8.70
CA ALA B 631 7.23 -29.55 -9.05
C ALA B 631 8.19 -28.69 -9.89
N LEU B 632 7.87 -28.57 -11.18
CA LEU B 632 8.71 -27.85 -12.11
C LEU B 632 8.08 -26.60 -12.63
N MET B 633 8.90 -25.54 -12.65
CA MET B 633 8.55 -24.34 -13.37
C MET B 633 8.44 -24.58 -14.88
N GLU B 634 7.25 -24.28 -15.42
CA GLU B 634 7.00 -24.39 -16.85
C GLU B 634 6.82 -23.04 -17.42
N ASP B 635 7.48 -22.83 -18.56
CA ASP B 635 7.31 -21.63 -19.32
C ASP B 635 7.35 -22.08 -20.79
N ARG B 636 7.27 -21.13 -21.72
CA ARG B 636 7.20 -21.48 -23.13
C ARG B 636 8.39 -22.25 -23.63
N ALA B 637 9.59 -22.01 -23.06
CA ALA B 637 10.78 -22.78 -23.40
C ALA B 637 10.65 -24.27 -23.08
N THR B 638 10.18 -24.58 -21.87
CA THR B 638 10.13 -25.98 -21.45
C THR B 638 9.10 -26.70 -22.30
N LEU B 639 8.06 -25.93 -22.69
CA LEU B 639 7.02 -26.36 -23.62
C LEU B 639 7.59 -26.67 -24.98
N ARG B 640 8.47 -25.77 -25.43
CA ARG B 640 9.07 -25.90 -26.74
C ARG B 640 9.87 -27.23 -26.82
N ILE B 641 10.64 -27.55 -25.79
CA ILE B 641 11.38 -28.84 -25.71
C ILE B 641 10.44 -30.06 -25.78
N SER B 642 9.48 -30.12 -24.85
CA SER B 642 8.47 -31.17 -24.79
C SER B 642 7.77 -31.47 -26.09
N SER B 643 7.18 -30.43 -26.70
CA SER B 643 6.42 -30.60 -27.95
C SER B 643 7.31 -31.01 -29.08
N GLN B 644 8.49 -30.37 -29.19
CA GLN B 644 9.51 -30.67 -30.21
C GLN B 644 10.12 -32.07 -30.10
N LEU B 645 10.46 -32.51 -28.88
CA LEU B 645 10.88 -33.90 -28.71
C LEU B 645 9.76 -34.89 -29.19
N LEU B 646 8.54 -34.75 -28.69
CA LEU B 646 7.47 -35.59 -29.21
C LEU B 646 7.26 -35.47 -30.74
N ALA B 647 7.31 -34.28 -31.34
CA ALA B 647 7.09 -34.19 -32.80
C ALA B 647 8.15 -35.01 -33.58
N ASN B 648 9.37 -34.98 -33.05
CA ASN B 648 10.55 -35.67 -33.57
C ASN B 648 10.48 -37.17 -33.40
N TRP B 649 10.01 -37.61 -32.24
CA TRP B 649 9.70 -39.04 -32.06
C TRP B 649 8.62 -39.50 -33.00
N LEU B 650 7.67 -38.61 -33.24
CA LEU B 650 6.61 -38.84 -34.19
C LEU B 650 7.24 -38.88 -35.58
N ARG B 651 8.07 -37.91 -35.97
CA ARG B 651 8.60 -37.90 -37.36
C ARG B 651 9.29 -39.17 -37.77
N HIS B 652 10.06 -39.69 -36.84
CA HIS B 652 10.91 -40.81 -37.13
C HIS B 652 10.25 -42.16 -36.75
N GLY B 653 9.00 -42.13 -36.29
CA GLY B 653 8.25 -43.35 -36.12
C GLY B 653 8.55 -44.08 -34.84
N VAL B 654 9.20 -43.34 -33.93
CA VAL B 654 9.38 -43.82 -32.55
C VAL B 654 7.99 -43.94 -31.95
N ILE B 655 7.10 -43.03 -32.35
CA ILE B 655 5.70 -43.01 -31.92
C ILE B 655 4.77 -42.69 -33.08
N THR B 656 3.51 -43.07 -32.85
CA THR B 656 2.39 -42.80 -33.70
C THR B 656 1.55 -41.70 -33.01
N SER B 657 0.85 -40.92 -33.83
CA SER B 657 -0.10 -39.99 -33.26
C SER B 657 -1.19 -40.67 -32.39
N ALA B 658 -1.51 -41.91 -32.68
CA ALA B 658 -2.31 -42.73 -31.78
C ALA B 658 -1.74 -42.82 -30.37
N ASP B 659 -0.44 -43.06 -30.26
CA ASP B 659 0.23 -43.13 -28.95
C ASP B 659 0.09 -41.81 -28.23
N VAL B 660 0.31 -40.73 -28.99
CA VAL B 660 0.21 -39.37 -28.54
C VAL B 660 -1.23 -39.07 -28.05
N ARG B 661 -2.20 -39.32 -28.91
CA ARG B 661 -3.60 -39.15 -28.58
C ARG B 661 -3.96 -39.89 -27.28
N ALA B 662 -3.54 -41.16 -27.17
CA ALA B 662 -3.79 -41.94 -25.95
C ALA B 662 -3.10 -41.37 -24.70
N SER B 663 -1.86 -40.89 -24.89
CA SER B 663 -1.08 -40.39 -23.76
C SER B 663 -1.70 -39.09 -23.21
N LEU B 664 -2.24 -38.27 -24.11
CA LEU B 664 -2.89 -37.01 -23.72
C LEU B 664 -4.11 -37.39 -22.88
N GLU B 665 -4.86 -38.36 -23.37
CA GLU B 665 -6.04 -38.79 -22.65
C GLU B 665 -5.75 -39.41 -21.28
N ARG B 666 -4.69 -40.21 -21.12
CA ARG B 666 -4.42 -40.71 -19.75
C ARG B 666 -3.76 -39.68 -18.79
N MET B 667 -3.02 -38.71 -19.34
CA MET B 667 -2.47 -37.61 -18.51
C MET B 667 -3.48 -36.52 -18.10
N ALA B 668 -4.42 -36.19 -18.99
CA ALA B 668 -5.22 -34.97 -18.80
C ALA B 668 -5.97 -34.97 -17.43
N PRO B 669 -6.70 -36.07 -17.12
CA PRO B 669 -7.29 -36.21 -15.77
C PRO B 669 -6.34 -36.15 -14.54
N LEU B 670 -5.06 -36.51 -14.68
CA LEU B 670 -4.14 -36.40 -13.53
C LEU B 670 -3.81 -34.94 -13.25
N VAL B 671 -3.67 -34.15 -14.31
CA VAL B 671 -3.54 -32.66 -14.24
C VAL B 671 -4.81 -32.02 -13.64
N ASP B 672 -5.99 -32.46 -14.11
CA ASP B 672 -7.27 -32.04 -13.50
C ASP B 672 -7.27 -32.28 -11.99
N ARG B 673 -6.96 -33.53 -11.59
CA ARG B 673 -6.65 -33.87 -10.21
C ARG B 673 -5.84 -32.77 -9.51
N GLN B 674 -4.74 -32.34 -10.14
CA GLN B 674 -3.82 -31.35 -9.59
C GLN B 674 -4.37 -29.93 -9.52
N ASN B 675 -5.40 -29.65 -10.32
CA ASN B 675 -5.93 -28.30 -10.38
C ASN B 675 -7.30 -28.24 -9.71
N ALA B 676 -7.60 -29.30 -8.97
CA ALA B 676 -8.88 -29.40 -8.26
C ALA B 676 -8.72 -28.78 -6.88
N GLY B 677 -9.72 -28.00 -6.49
CA GLY B 677 -10.34 -27.10 -7.46
C GLY B 677 -9.51 -25.79 -7.54
N ASP B 678 -9.56 -25.14 -8.69
CA ASP B 678 -9.59 -23.69 -8.70
C ASP B 678 -10.93 -23.43 -9.27
N VAL B 679 -11.77 -22.70 -8.53
CA VAL B 679 -13.08 -22.32 -9.06
C VAL B 679 -12.95 -21.89 -10.51
N ALA B 680 -11.82 -21.24 -10.82
CA ALA B 680 -11.47 -20.89 -12.18
C ALA B 680 -11.33 -22.13 -13.12
N TYR B 681 -10.71 -23.21 -12.63
CA TYR B 681 -10.31 -24.38 -13.46
C TYR B 681 -11.45 -25.12 -14.16
N ARG B 682 -11.38 -25.12 -15.49
CA ARG B 682 -12.29 -25.90 -16.33
C ARG B 682 -11.56 -27.24 -16.67
N PRO B 683 -12.12 -28.40 -16.19
CA PRO B 683 -11.43 -29.70 -16.35
C PRO B 683 -11.30 -30.14 -17.81
N MET B 684 -10.15 -30.72 -18.20
CA MET B 684 -10.05 -31.27 -19.55
C MET B 684 -10.92 -32.50 -19.75
N ALA B 685 -10.78 -33.45 -18.83
CA ALA B 685 -11.39 -34.76 -18.92
C ALA B 685 -12.80 -34.77 -18.27
N PRO B 686 -13.70 -35.68 -18.74
CA PRO B 686 -13.51 -36.63 -19.87
C PRO B 686 -13.63 -35.97 -21.30
N ASN B 687 -14.12 -34.71 -21.32
CA ASN B 687 -14.45 -34.08 -22.60
C ASN B 687 -13.27 -33.36 -23.21
N PHE B 688 -12.34 -34.19 -23.69
CA PHE B 688 -11.07 -33.71 -24.25
C PHE B 688 -11.25 -32.69 -25.36
N ASP B 689 -12.24 -32.95 -26.25
CA ASP B 689 -12.42 -32.15 -27.47
C ASP B 689 -13.23 -30.84 -27.30
N ASP B 690 -13.74 -30.62 -26.08
CA ASP B 690 -14.37 -29.34 -25.76
C ASP B 690 -13.39 -28.46 -24.99
N SER B 691 -12.13 -28.99 -24.90
CA SER B 691 -11.19 -28.22 -24.12
C SER B 691 -10.25 -27.59 -25.15
N ILE B 692 -10.38 -26.27 -25.37
CA ILE B 692 -9.34 -25.51 -26.13
C ILE B 692 -7.94 -25.84 -25.61
N ALA B 693 -7.75 -25.73 -24.31
CA ALA B 693 -6.47 -26.01 -23.69
C ALA B 693 -6.02 -27.43 -24.04
N PHE B 694 -6.93 -28.44 -23.89
CA PHE B 694 -6.55 -29.76 -24.33
C PHE B 694 -6.14 -29.73 -25.82
N LEU B 695 -6.93 -29.07 -26.66
CA LEU B 695 -6.64 -29.09 -28.12
C LEU B 695 -5.40 -28.26 -28.54
N ALA B 696 -5.05 -27.25 -27.74
CA ALA B 696 -3.80 -26.54 -28.02
C ALA B 696 -2.67 -27.52 -27.77
N ALA B 697 -2.77 -28.26 -26.68
CA ALA B 697 -1.74 -29.22 -26.33
C ALA B 697 -1.53 -30.24 -27.45
N GLN B 698 -2.65 -30.80 -27.94
CA GLN B 698 -2.58 -31.71 -29.09
C GLN B 698 -1.91 -31.08 -30.32
N GLU B 699 -2.38 -29.88 -30.66
CA GLU B 699 -1.92 -29.21 -31.86
C GLU B 699 -0.42 -28.94 -31.76
N LEU B 700 0.05 -28.43 -30.62
CA LEU B 700 1.49 -28.15 -30.44
C LEU B 700 2.39 -29.38 -30.76
N ILE B 701 1.89 -30.59 -30.52
CA ILE B 701 2.68 -31.81 -30.68
C ILE B 701 2.61 -32.28 -32.11
N LEU B 702 1.39 -32.41 -32.62
CA LEU B 702 1.08 -33.04 -33.93
C LEU B 702 1.42 -32.16 -35.14
N SER B 703 1.56 -30.87 -34.91
CA SER B 703 1.89 -29.97 -36.00
C SER B 703 3.16 -29.28 -35.56
N GLY B 704 3.83 -29.94 -34.61
CA GLY B 704 5.01 -29.36 -33.98
C GLY B 704 6.15 -29.18 -34.95
N ALA B 705 6.37 -30.18 -35.81
CA ALA B 705 7.37 -30.11 -36.92
C ALA B 705 7.15 -28.91 -37.90
N GLN B 706 5.92 -28.39 -37.97
CA GLN B 706 5.58 -27.27 -38.87
C GLN B 706 5.78 -25.89 -38.23
N GLN B 707 6.05 -25.84 -36.93
CA GLN B 707 6.12 -24.53 -36.28
C GLN B 707 7.54 -23.99 -36.58
N PRO B 708 7.66 -22.69 -36.98
CA PRO B 708 8.98 -22.18 -37.37
C PRO B 708 9.84 -22.28 -36.14
N ASN B 709 10.97 -22.98 -36.29
CA ASN B 709 11.93 -23.10 -35.23
C ASN B 709 11.33 -23.72 -33.97
N GLY B 710 10.14 -24.32 -34.15
CA GLY B 710 9.46 -25.05 -33.10
C GLY B 710 8.87 -24.07 -32.10
N TYR B 711 8.64 -22.82 -32.52
CA TYR B 711 8.16 -21.82 -31.59
C TYR B 711 6.70 -22.09 -31.32
N THR B 712 6.26 -21.77 -30.10
CA THR B 712 5.00 -22.27 -29.55
C THR B 712 3.99 -21.18 -29.47
N GLU B 713 4.46 -19.93 -29.56
CA GLU B 713 3.55 -18.74 -29.50
C GLU B 713 2.41 -18.78 -30.51
N PRO B 714 2.71 -19.09 -31.82
CA PRO B 714 1.64 -19.04 -32.86
C PRO B 714 0.41 -19.80 -32.43
N ILE B 715 0.61 -21.03 -32.00
CA ILE B 715 -0.51 -21.84 -31.54
C ILE B 715 -1.07 -21.32 -30.20
N LEU B 716 -0.20 -21.02 -29.23
CA LEU B 716 -0.68 -20.62 -27.91
C LEU B 716 -1.45 -19.32 -28.02
N HIS B 717 -0.87 -18.36 -28.74
CA HIS B 717 -1.51 -17.09 -29.03
C HIS B 717 -2.86 -17.25 -29.68
N ARG B 718 -2.91 -18.00 -30.79
CA ARG B 718 -4.17 -18.09 -31.53
C ARG B 718 -5.31 -18.80 -30.76
N ARG B 719 -4.93 -19.72 -29.85
CA ARG B 719 -5.78 -20.58 -29.04
C ARG B 719 -6.28 -19.83 -27.81
N ARG B 720 -5.40 -19.02 -27.24
CA ARG B 720 -5.81 -18.14 -26.16
C ARG B 720 -6.84 -17.13 -26.66
N ARG B 721 -6.72 -16.68 -27.91
CA ARG B 721 -7.68 -15.72 -28.48
C ARG B 721 -8.96 -16.42 -28.90
N GLU B 722 -8.82 -17.72 -29.16
CA GLU B 722 -9.99 -18.56 -29.41
C GLU B 722 -10.77 -18.70 -28.10
N PHE B 723 -10.05 -18.94 -27.01
CA PHE B 723 -10.64 -19.05 -25.70
C PHE B 723 -11.26 -17.70 -25.33
N LYS B 724 -10.56 -16.60 -25.68
CA LYS B 724 -11.06 -15.22 -25.51
C LYS B 724 -12.39 -14.92 -26.23
N ALA B 725 -12.48 -15.22 -27.52
CA ALA B 725 -13.59 -14.77 -28.32
C ALA B 725 -14.88 -15.56 -27.98
N ARG B 726 -14.65 -16.81 -27.57
CA ARG B 726 -15.73 -17.69 -27.13
C ARG B 726 -16.33 -17.27 -25.74
N ALA B 727 -15.57 -16.53 -24.93
CA ALA B 727 -16.03 -16.00 -23.65
C ALA B 727 -16.88 -14.69 -23.74
N ALA B 728 -17.72 -14.63 -24.78
CA ALA B 728 -18.94 -13.81 -24.78
C ALA B 728 -20.13 -14.69 -25.20
#